data_2JVE
#
_entry.id   2JVE
#
_cell.length_a   1.000
_cell.length_b   1.000
_cell.length_c   1.000
_cell.angle_alpha   90.00
_cell.angle_beta   90.00
_cell.angle_gamma   90.00
#
_symmetry.space_group_name_H-M   'P 1'
#
_entity_poly.entity_id   1
_entity_poly.type   'polypeptide(L)'
_entity_poly.pdbx_seq_one_letter_code
;MGSSHHHHHHSSGLVPRGSHMALKCFTRNGDDRTVTTCAEEQTRCLFVQLPYSEIQECKTVQQCAEVLEEVTAIGYPAKC
CCEDLCNRSEQ
;
_entity_poly.pdbx_strand_id   A
#
# COMPACT_ATOMS: atom_id res chain seq x y z
N MET A 21 3.68 -4.58 15.96
CA MET A 21 5.15 -4.58 15.99
C MET A 21 5.71 -4.79 14.60
N ALA A 22 5.81 -3.67 13.86
CA ALA A 22 6.44 -3.64 12.53
C ALA A 22 5.65 -4.43 11.48
N LEU A 23 5.00 -3.71 10.57
CA LEU A 23 4.31 -4.36 9.47
C LEU A 23 5.24 -4.51 8.30
N LYS A 24 5.21 -5.64 7.63
CA LYS A 24 6.10 -5.86 6.51
C LYS A 24 5.33 -5.99 5.21
N CYS A 25 5.27 -4.90 4.47
CA CYS A 25 4.64 -4.90 3.16
C CYS A 25 5.62 -4.43 2.11
N PHE A 26 5.29 -4.66 0.85
CA PHE A 26 6.18 -4.31 -0.25
C PHE A 26 6.25 -2.80 -0.44
N THR A 27 7.45 -2.27 -0.54
CA THR A 27 7.63 -0.91 -0.98
C THR A 27 8.40 -0.91 -2.29
N ARG A 28 7.87 -0.25 -3.30
CA ARG A 28 8.46 -0.30 -4.62
C ARG A 28 9.28 0.96 -4.89
N ASN A 29 10.59 0.81 -4.95
CA ASN A 29 11.45 1.94 -5.28
C ASN A 29 11.86 1.84 -6.75
N GLY A 30 11.01 2.36 -7.61
CA GLY A 30 11.24 2.19 -9.02
C GLY A 30 10.35 1.08 -9.57
N ASP A 31 10.86 -0.14 -9.56
CA ASP A 31 10.10 -1.27 -10.08
C ASP A 31 10.36 -2.54 -9.26
N ASP A 32 11.20 -2.41 -8.24
CA ASP A 32 11.58 -3.57 -7.44
C ASP A 32 10.45 -3.96 -6.50
N ARG A 33 10.53 -5.16 -5.94
CA ARG A 33 9.59 -5.55 -4.91
C ARG A 33 10.35 -6.00 -3.68
N THR A 34 10.24 -5.22 -2.64
CA THR A 34 10.99 -5.51 -1.43
C THR A 34 10.10 -5.48 -0.19
N VAL A 35 10.23 -6.49 0.65
CA VAL A 35 9.51 -6.54 1.91
C VAL A 35 10.13 -5.55 2.89
N THR A 36 9.44 -4.44 3.14
CA THR A 36 9.93 -3.47 4.08
C THR A 36 9.11 -3.52 5.36
N THR A 37 9.77 -3.23 6.46
CA THR A 37 9.11 -3.24 7.76
C THR A 37 8.90 -1.82 8.26
N CYS A 38 7.64 -1.42 8.34
CA CYS A 38 7.29 -0.08 8.77
C CYS A 38 6.97 -0.04 10.26
N ALA A 39 6.91 1.17 10.82
CA ALA A 39 6.67 1.33 12.25
C ALA A 39 5.20 1.10 12.60
N GLU A 40 4.92 1.12 13.91
CA GLU A 40 3.56 0.89 14.41
C GLU A 40 2.58 1.90 13.84
N GLU A 41 3.08 3.08 13.52
CA GLU A 41 2.29 4.11 12.87
C GLU A 41 1.66 3.57 11.59
N GLN A 42 2.50 3.09 10.70
CA GLN A 42 2.07 2.68 9.37
C GLN A 42 1.59 1.24 9.38
N THR A 43 0.66 0.93 10.26
CA THR A 43 0.21 -0.44 10.45
C THR A 43 -0.67 -0.96 9.31
N ARG A 44 -0.92 -0.11 8.32
CA ARG A 44 -1.63 -0.58 7.13
C ARG A 44 -0.68 -0.60 5.94
N CYS A 45 -1.21 -1.02 4.81
CA CYS A 45 -0.38 -1.15 3.62
C CYS A 45 -1.11 -0.59 2.42
N LEU A 46 -0.42 0.25 1.66
CA LEU A 46 -1.02 0.90 0.51
C LEU A 46 -0.78 0.10 -0.75
N PHE A 47 -1.85 -0.16 -1.48
CA PHE A 47 -1.76 -0.78 -2.78
C PHE A 47 -2.75 -0.14 -3.74
N VAL A 48 -2.24 0.49 -4.79
CA VAL A 48 -3.10 1.11 -5.79
C VAL A 48 -2.95 0.40 -7.13
N GLN A 49 -4.06 0.14 -7.82
CA GLN A 49 -4.01 -0.49 -9.14
C GLN A 49 -3.54 0.52 -10.17
N LEU A 50 -2.69 0.07 -11.08
CA LEU A 50 -2.31 0.89 -12.22
C LEU A 50 -2.42 0.06 -13.49
N PRO A 51 -2.76 0.71 -14.62
CA PRO A 51 -2.84 0.03 -15.91
C PRO A 51 -1.47 -0.34 -16.48
N TYR A 52 -0.43 -0.17 -15.67
CA TYR A 52 0.93 -0.44 -16.13
C TYR A 52 1.71 -1.15 -15.02
N SER A 53 1.81 -0.48 -13.88
CA SER A 53 2.52 -1.01 -12.73
C SER A 53 1.57 -1.08 -11.53
N GLU A 54 2.10 -0.94 -10.34
CA GLU A 54 1.27 -0.94 -9.14
C GLU A 54 1.92 -0.10 -8.05
N ILE A 55 1.11 0.53 -7.22
CA ILE A 55 1.65 1.31 -6.10
C ILE A 55 1.75 0.44 -4.86
N GLN A 56 2.91 0.44 -4.22
CA GLN A 56 3.12 -0.39 -3.04
C GLN A 56 3.91 0.38 -2.00
N GLU A 57 3.41 0.38 -0.77
CA GLU A 57 4.07 1.07 0.33
C GLU A 57 3.38 0.80 1.66
N CYS A 58 4.10 1.02 2.76
CA CYS A 58 3.48 1.02 4.08
C CYS A 58 2.78 2.35 4.29
N LYS A 59 1.67 2.34 5.02
CA LYS A 59 0.94 3.55 5.25
C LYS A 59 0.10 3.43 6.51
N THR A 60 0.18 4.44 7.36
CA THR A 60 -0.60 4.49 8.59
C THR A 60 -2.07 4.31 8.31
N VAL A 61 -2.76 3.60 9.21
CA VAL A 61 -4.16 3.20 9.01
C VAL A 61 -5.00 4.38 8.48
N GLN A 62 -5.07 5.45 9.25
CA GLN A 62 -5.81 6.65 8.86
C GLN A 62 -5.28 7.20 7.53
N GLN A 63 -3.97 7.41 7.50
CA GLN A 63 -3.32 8.01 6.34
C GLN A 63 -3.65 7.23 5.07
N CYS A 64 -3.54 5.92 5.13
CA CYS A 64 -3.80 5.08 3.98
C CYS A 64 -5.28 5.15 3.58
N ALA A 65 -6.14 5.32 4.57
CA ALA A 65 -7.57 5.48 4.29
C ALA A 65 -7.84 6.79 3.56
N GLU A 66 -7.16 7.85 4.01
CA GLU A 66 -7.36 9.18 3.46
C GLU A 66 -6.72 9.29 2.07
N VAL A 67 -5.55 8.67 1.92
CA VAL A 67 -4.90 8.60 0.65
C VAL A 67 -5.64 7.64 -0.28
N LEU A 68 -6.34 6.67 0.31
CA LEU A 68 -7.17 5.79 -0.46
C LEU A 68 -8.16 6.62 -1.26
N GLU A 69 -8.80 7.56 -0.58
CA GLU A 69 -9.85 8.34 -1.20
C GLU A 69 -9.29 9.33 -2.21
N GLU A 70 -8.15 9.92 -1.92
CA GLU A 70 -7.57 10.88 -2.86
C GLU A 70 -7.32 10.21 -4.21
N VAL A 71 -6.77 8.99 -4.19
CA VAL A 71 -6.47 8.27 -5.42
C VAL A 71 -7.71 7.64 -6.03
N THR A 72 -8.62 7.19 -5.17
CA THR A 72 -9.81 6.48 -5.61
C THR A 72 -10.86 7.47 -6.13
N ALA A 73 -10.68 8.74 -5.82
CA ALA A 73 -11.53 9.78 -6.39
C ALA A 73 -11.06 10.13 -7.79
N ILE A 74 -9.80 9.79 -8.09
CA ILE A 74 -9.23 10.03 -9.41
C ILE A 74 -9.67 8.93 -10.36
N GLY A 75 -9.96 7.76 -9.81
CA GLY A 75 -10.35 6.64 -10.63
C GLY A 75 -9.41 5.47 -10.51
N TYR A 76 -8.43 5.59 -9.62
CA TYR A 76 -7.47 4.52 -9.41
C TYR A 76 -7.85 3.69 -8.19
N PRO A 77 -8.23 2.42 -8.42
CA PRO A 77 -8.57 1.48 -7.34
C PRO A 77 -7.43 1.29 -6.36
N ALA A 78 -7.74 1.31 -5.08
CA ALA A 78 -6.71 1.10 -4.08
C ALA A 78 -7.24 0.31 -2.89
N LYS A 79 -6.32 -0.28 -2.13
CA LYS A 79 -6.67 -0.99 -0.90
C LYS A 79 -5.64 -0.75 0.17
N CYS A 80 -6.10 -0.73 1.41
CA CYS A 80 -5.22 -0.65 2.55
C CYS A 80 -5.60 -1.73 3.55
N CYS A 81 -5.03 -2.91 3.37
CA CYS A 81 -5.39 -4.04 4.22
C CYS A 81 -4.29 -4.38 5.21
N CYS A 82 -4.59 -5.26 6.16
CA CYS A 82 -3.65 -5.59 7.22
C CYS A 82 -3.19 -7.03 7.14
N GLU A 83 -1.94 -7.20 6.73
CA GLU A 83 -1.29 -8.50 6.59
C GLU A 83 0.09 -8.24 6.03
N ASP A 84 1.06 -9.12 6.31
CA ASP A 84 2.33 -8.93 5.64
C ASP A 84 2.14 -9.12 4.16
N LEU A 85 2.77 -8.24 3.39
CA LEU A 85 2.76 -8.35 1.94
C LEU A 85 1.34 -8.17 1.39
N CYS A 86 0.45 -7.63 2.23
CA CYS A 86 -0.98 -7.55 1.88
C CYS A 86 -1.22 -6.64 0.69
N ASN A 87 -0.29 -5.72 0.45
CA ASN A 87 -0.45 -4.81 -0.67
C ASN A 87 -0.19 -5.54 -2.00
N ARG A 88 -1.23 -6.23 -2.45
CA ARG A 88 -1.19 -7.08 -3.62
C ARG A 88 -2.61 -7.43 -4.06
N SER A 89 -2.78 -7.90 -5.29
CA SER A 89 -4.10 -8.37 -5.71
C SER A 89 -3.99 -9.41 -6.82
N GLU A 90 -3.41 -9.00 -7.93
CA GLU A 90 -3.32 -9.83 -9.13
C GLU A 90 -2.13 -10.78 -9.07
N GLN A 91 -1.81 -11.24 -7.87
CA GLN A 91 -0.71 -12.18 -7.70
C GLN A 91 -1.17 -13.60 -8.04
N MET A 21 4.07 -1.49 17.18
CA MET A 21 4.03 -2.71 16.35
C MET A 21 3.71 -2.36 14.90
N ALA A 22 4.72 -2.44 14.06
CA ALA A 22 4.54 -2.15 12.64
C ALA A 22 4.16 -3.41 11.87
N LEU A 23 4.06 -3.27 10.56
CA LEU A 23 3.70 -4.38 9.69
C LEU A 23 4.61 -4.39 8.47
N LYS A 24 4.90 -5.57 7.93
CA LYS A 24 5.73 -5.67 6.75
C LYS A 24 4.89 -5.64 5.48
N CYS A 25 4.88 -4.51 4.81
CA CYS A 25 4.14 -4.37 3.57
C CYS A 25 5.13 -4.22 2.42
N PHE A 26 4.86 -4.88 1.29
CA PHE A 26 5.68 -4.70 0.10
C PHE A 26 5.81 -3.23 -0.27
N THR A 27 7.03 -2.74 -0.35
CA THR A 27 7.29 -1.42 -0.87
C THR A 27 7.76 -1.55 -2.32
N ARG A 28 7.81 -0.45 -3.05
CA ARG A 28 8.28 -0.52 -4.43
C ARG A 28 9.45 0.43 -4.68
N ASN A 29 10.62 -0.15 -4.90
CA ASN A 29 11.77 0.61 -5.36
C ASN A 29 11.89 0.44 -6.87
N GLY A 30 11.56 1.48 -7.61
CA GLY A 30 11.50 1.34 -9.05
C GLY A 30 10.38 0.39 -9.45
N ASP A 31 10.74 -0.86 -9.73
CA ASP A 31 9.74 -1.87 -9.99
C ASP A 31 10.01 -3.13 -9.17
N ASP A 32 11.11 -3.14 -8.42
CA ASP A 32 11.36 -4.30 -7.58
C ASP A 32 10.45 -4.24 -6.37
N ARG A 33 10.20 -5.38 -5.76
CA ARG A 33 9.32 -5.40 -4.62
C ARG A 33 10.13 -5.58 -3.36
N THR A 34 9.86 -4.74 -2.40
CA THR A 34 10.70 -4.66 -1.22
C THR A 34 9.95 -5.09 0.03
N VAL A 35 10.39 -6.19 0.64
CA VAL A 35 9.83 -6.62 1.92
C VAL A 35 10.44 -5.80 3.04
N THR A 36 9.66 -4.88 3.59
CA THR A 36 10.18 -4.04 4.65
C THR A 36 9.25 -4.05 5.85
N THR A 37 9.85 -4.02 7.03
CA THR A 37 9.10 -3.72 8.22
C THR A 37 9.06 -2.20 8.34
N CYS A 38 7.87 -1.62 8.37
CA CYS A 38 7.78 -0.17 8.32
C CYS A 38 7.86 0.42 9.72
N ALA A 39 7.45 1.67 9.87
CA ALA A 39 7.56 2.34 11.14
C ALA A 39 6.31 2.10 11.99
N GLU A 40 6.40 2.48 13.26
CA GLU A 40 5.26 2.34 14.19
C GLU A 40 4.07 3.16 13.71
N GLU A 41 4.34 4.10 12.82
CA GLU A 41 3.31 4.92 12.20
C GLU A 41 2.36 4.05 11.37
N GLN A 42 2.94 3.11 10.65
CA GLN A 42 2.19 2.37 9.65
C GLN A 42 1.67 1.04 10.17
N THR A 43 0.35 0.90 10.12
CA THR A 43 -0.31 -0.32 10.53
C THR A 43 -1.21 -0.85 9.41
N ARG A 44 -1.02 -0.29 8.22
CA ARG A 44 -1.76 -0.72 7.05
C ARG A 44 -0.82 -0.79 5.84
N CYS A 45 -1.33 -1.30 4.73
CA CYS A 45 -0.52 -1.39 3.52
C CYS A 45 -1.27 -0.73 2.38
N LEU A 46 -0.54 -0.16 1.43
CA LEU A 46 -1.14 0.58 0.34
C LEU A 46 -0.98 -0.19 -0.97
N PHE A 47 -2.10 -0.49 -1.61
CA PHE A 47 -2.07 -1.10 -2.94
C PHE A 47 -3.04 -0.39 -3.88
N VAL A 48 -2.52 0.43 -4.77
CA VAL A 48 -3.37 1.08 -5.76
C VAL A 48 -3.23 0.37 -7.10
N GLN A 49 -4.37 0.11 -7.76
CA GLN A 49 -4.31 -0.53 -9.08
C GLN A 49 -3.90 0.49 -10.11
N LEU A 50 -3.03 0.07 -11.01
CA LEU A 50 -2.61 0.92 -12.12
C LEU A 50 -2.54 0.10 -13.39
N PRO A 51 -2.73 0.73 -14.55
CA PRO A 51 -2.51 0.09 -15.83
C PRO A 51 -1.05 0.20 -16.28
N TYR A 52 -0.21 0.67 -15.36
CA TYR A 52 1.21 0.82 -15.65
C TYR A 52 2.04 0.07 -14.62
N SER A 53 1.96 0.53 -13.38
CA SER A 53 2.69 -0.08 -12.28
C SER A 53 1.93 0.15 -10.99
N GLU A 54 1.76 -0.90 -10.21
CA GLU A 54 0.91 -0.84 -9.03
C GLU A 54 1.62 -0.10 -7.90
N ILE A 55 0.84 0.56 -7.06
CA ILE A 55 1.39 1.28 -5.93
C ILE A 55 1.45 0.38 -4.71
N GLN A 56 2.63 0.25 -4.12
CA GLN A 56 2.79 -0.56 -2.92
C GLN A 56 3.67 0.18 -1.91
N GLU A 57 3.20 0.28 -0.67
CA GLU A 57 3.93 0.97 0.39
C GLU A 57 3.20 0.83 1.73
N CYS A 58 3.91 1.12 2.82
CA CYS A 58 3.29 1.08 4.15
C CYS A 58 2.63 2.40 4.48
N LYS A 59 1.43 2.34 5.02
CA LYS A 59 0.71 3.53 5.45
C LYS A 59 0.04 3.28 6.79
N THR A 60 -0.27 4.33 7.51
CA THR A 60 -1.07 4.15 8.70
C THR A 60 -2.48 3.76 8.26
N VAL A 61 -3.23 3.08 9.12
CA VAL A 61 -4.59 2.70 8.77
C VAL A 61 -5.38 3.93 8.30
N GLN A 62 -5.25 5.02 9.06
CA GLN A 62 -5.94 6.26 8.71
C GLN A 62 -5.38 6.84 7.43
N GLN A 63 -4.07 7.08 7.41
CA GLN A 63 -3.42 7.73 6.28
C GLN A 63 -3.72 6.99 4.99
N CYS A 64 -3.72 5.67 5.04
CA CYS A 64 -4.01 4.89 3.85
C CYS A 64 -5.48 5.01 3.45
N ALA A 65 -6.37 5.18 4.43
CA ALA A 65 -7.77 5.50 4.12
C ALA A 65 -7.87 6.90 3.50
N GLU A 66 -7.06 7.81 4.03
CA GLU A 66 -6.94 9.17 3.51
C GLU A 66 -6.54 9.14 2.04
N VAL A 67 -5.45 8.43 1.79
CA VAL A 67 -4.90 8.29 0.48
C VAL A 67 -5.80 7.43 -0.41
N LEU A 68 -6.56 6.54 0.21
CA LEU A 68 -7.53 5.75 -0.52
C LEU A 68 -8.47 6.68 -1.27
N GLU A 69 -8.99 7.67 -0.57
CA GLU A 69 -9.99 8.54 -1.18
C GLU A 69 -9.36 9.49 -2.18
N GLU A 70 -8.17 9.98 -1.91
CA GLU A 70 -7.52 10.90 -2.82
C GLU A 70 -7.35 10.25 -4.20
N VAL A 71 -6.93 8.98 -4.21
CA VAL A 71 -6.73 8.26 -5.46
C VAL A 71 -8.05 7.76 -6.04
N THR A 72 -8.95 7.34 -5.17
CA THR A 72 -10.21 6.75 -5.59
C THR A 72 -11.17 7.81 -6.12
N ALA A 73 -10.93 9.07 -5.73
CA ALA A 73 -11.70 10.17 -6.27
C ALA A 73 -11.26 10.48 -7.70
N ILE A 74 -10.03 10.08 -8.02
CA ILE A 74 -9.49 10.25 -9.36
C ILE A 74 -9.99 9.12 -10.26
N GLY A 75 -10.35 8.01 -9.63
CA GLY A 75 -10.80 6.86 -10.38
C GLY A 75 -9.84 5.70 -10.29
N TYR A 76 -8.82 5.86 -9.46
CA TYR A 76 -7.82 4.82 -9.27
C TYR A 76 -8.11 4.00 -8.02
N PRO A 77 -8.54 2.75 -8.21
CA PRO A 77 -8.82 1.82 -7.11
C PRO A 77 -7.62 1.60 -6.19
N ALA A 78 -7.85 1.71 -4.89
CA ALA A 78 -6.81 1.43 -3.92
C ALA A 78 -7.29 0.44 -2.87
N LYS A 79 -6.36 -0.29 -2.28
CA LYS A 79 -6.69 -1.29 -1.26
C LYS A 79 -5.73 -1.16 -0.09
N CYS A 80 -6.25 -0.86 1.09
CA CYS A 80 -5.41 -0.87 2.28
C CYS A 80 -5.84 -1.97 3.22
N CYS A 81 -5.19 -3.12 3.10
CA CYS A 81 -5.51 -4.28 3.91
C CYS A 81 -4.40 -4.53 4.92
N CYS A 82 -4.72 -5.18 6.03
CA CYS A 82 -3.75 -5.37 7.08
C CYS A 82 -3.32 -6.82 7.17
N GLU A 83 -2.13 -7.08 6.65
CA GLU A 83 -1.54 -8.41 6.60
C GLU A 83 -0.13 -8.24 6.07
N ASP A 84 0.79 -9.12 6.41
CA ASP A 84 2.11 -8.99 5.84
C ASP A 84 2.04 -9.18 4.35
N LEU A 85 2.73 -8.32 3.62
CA LEU A 85 2.85 -8.45 2.18
C LEU A 85 1.46 -8.32 1.53
N CYS A 86 0.52 -7.70 2.26
CA CYS A 86 -0.88 -7.67 1.81
C CYS A 86 -1.04 -6.81 0.57
N ASN A 87 -0.30 -5.71 0.47
CA ASN A 87 -0.35 -4.92 -0.74
C ASN A 87 0.41 -5.64 -1.86
N ARG A 88 -0.30 -6.45 -2.62
CA ARG A 88 0.34 -7.32 -3.59
C ARG A 88 -0.35 -7.23 -4.94
N SER A 89 0.38 -7.58 -5.99
CA SER A 89 -0.10 -7.47 -7.36
C SER A 89 -1.40 -8.25 -7.56
N GLU A 90 -2.45 -7.52 -7.86
CA GLU A 90 -3.77 -8.09 -8.06
C GLU A 90 -4.04 -8.27 -9.55
N GLN A 91 -3.51 -7.34 -10.33
CA GLN A 91 -3.67 -7.40 -11.78
C GLN A 91 -2.32 -7.64 -12.46
N MET A 21 2.74 -3.49 16.17
CA MET A 21 3.44 -4.63 15.52
C MET A 21 3.93 -4.20 14.15
N ALA A 22 5.21 -4.48 13.88
CA ALA A 22 5.79 -4.13 12.60
C ALA A 22 5.15 -4.94 11.48
N LEU A 23 4.66 -4.24 10.46
CA LEU A 23 4.02 -4.89 9.34
C LEU A 23 5.00 -5.12 8.20
N LYS A 24 5.01 -6.35 7.69
CA LYS A 24 5.78 -6.64 6.49
C LYS A 24 4.94 -6.28 5.28
N CYS A 25 5.46 -5.44 4.43
CA CYS A 25 4.69 -5.02 3.29
C CYS A 25 5.60 -4.76 2.10
N PHE A 26 5.06 -4.90 0.91
CA PHE A 26 5.88 -4.67 -0.27
C PHE A 26 5.91 -3.19 -0.59
N THR A 27 7.10 -2.63 -0.63
CA THR A 27 7.28 -1.26 -1.02
C THR A 27 8.02 -1.18 -2.34
N ARG A 28 7.51 -0.40 -3.28
CA ARG A 28 8.13 -0.28 -4.58
C ARG A 28 9.27 0.74 -4.55
N ASN A 29 10.49 0.24 -4.66
CA ASN A 29 11.66 1.11 -4.73
C ASN A 29 12.19 1.13 -6.15
N GLY A 30 11.76 2.11 -6.93
CA GLY A 30 12.11 2.10 -8.34
C GLY A 30 11.35 1.01 -9.06
N ASP A 31 12.00 -0.12 -9.27
CA ASP A 31 11.31 -1.27 -9.84
C ASP A 31 11.27 -2.41 -8.84
N ASP A 32 12.28 -2.44 -7.98
CA ASP A 32 12.38 -3.46 -6.94
C ASP A 32 11.17 -3.44 -6.02
N ARG A 33 10.55 -4.60 -5.84
CA ARG A 33 9.43 -4.73 -4.93
C ARG A 33 9.80 -5.74 -3.85
N THR A 34 9.92 -5.28 -2.62
CA THR A 34 10.42 -6.15 -1.56
C THR A 34 9.64 -5.95 -0.26
N VAL A 35 9.80 -6.91 0.65
CA VAL A 35 9.16 -6.82 1.95
C VAL A 35 9.94 -5.89 2.87
N THR A 36 9.29 -4.85 3.34
CA THR A 36 9.90 -3.96 4.31
C THR A 36 9.15 -4.08 5.64
N THR A 37 9.90 -4.03 6.72
CA THR A 37 9.30 -4.01 8.03
C THR A 37 9.01 -2.55 8.41
N CYS A 38 7.74 -2.20 8.48
CA CYS A 38 7.38 -0.82 8.66
C CYS A 38 6.86 -0.56 10.08
N ALA A 39 6.95 0.70 10.50
CA ALA A 39 6.75 1.06 11.92
C ALA A 39 5.31 0.89 12.38
N GLU A 40 5.12 1.03 13.69
CA GLU A 40 3.82 0.92 14.33
C GLU A 40 2.79 1.84 13.67
N GLU A 41 3.24 3.04 13.31
CA GLU A 41 2.41 4.00 12.61
C GLU A 41 1.85 3.42 11.32
N GLN A 42 2.69 2.67 10.63
CA GLN A 42 2.33 2.17 9.32
C GLN A 42 1.84 0.73 9.42
N THR A 43 0.72 0.55 10.10
CA THR A 43 0.11 -0.76 10.23
C THR A 43 -0.86 -1.00 9.07
N ARG A 44 -0.60 -0.35 7.94
CA ARG A 44 -1.41 -0.52 6.76
C ARG A 44 -0.52 -0.65 5.53
N CYS A 45 -1.15 -0.86 4.38
CA CYS A 45 -0.41 -1.00 3.13
C CYS A 45 -1.11 -0.23 2.04
N LEU A 46 -0.37 0.58 1.31
CA LEU A 46 -0.94 1.31 0.20
C LEU A 46 -0.74 0.51 -1.09
N PHE A 47 -1.84 0.13 -1.71
CA PHE A 47 -1.78 -0.55 -2.99
C PHE A 47 -2.79 0.05 -3.95
N VAL A 48 -2.30 0.59 -5.06
CA VAL A 48 -3.16 1.18 -6.07
C VAL A 48 -2.87 0.55 -7.44
N GLN A 49 -3.93 0.33 -8.23
CA GLN A 49 -3.76 -0.23 -9.56
C GLN A 49 -3.42 0.86 -10.57
N LEU A 50 -2.47 0.55 -11.43
CA LEU A 50 -2.10 1.45 -12.51
C LEU A 50 -2.05 0.67 -13.81
N PRO A 51 -2.25 1.33 -14.96
CA PRO A 51 -2.17 0.67 -16.27
C PRO A 51 -0.73 0.57 -16.77
N TYR A 52 0.23 0.71 -15.85
CA TYR A 52 1.63 0.64 -16.21
C TYR A 52 2.39 -0.17 -15.16
N SER A 53 2.10 0.11 -13.91
CA SER A 53 2.70 -0.59 -12.78
C SER A 53 1.71 -0.59 -11.63
N GLU A 54 2.20 -0.63 -10.40
CA GLU A 54 1.31 -0.54 -9.25
C GLU A 54 1.95 0.24 -8.11
N ILE A 55 1.12 0.83 -7.28
CA ILE A 55 1.59 1.58 -6.12
C ILE A 55 1.74 0.65 -4.93
N GLN A 56 2.92 0.68 -4.33
CA GLN A 56 3.16 -0.12 -3.12
C GLN A 56 4.00 0.67 -2.13
N GLU A 57 3.52 0.74 -0.89
CA GLU A 57 4.19 1.51 0.16
C GLU A 57 3.51 1.28 1.50
N CYS A 58 4.30 1.29 2.57
CA CYS A 58 3.71 1.32 3.90
C CYS A 58 3.29 2.74 4.23
N LYS A 59 2.02 2.92 4.45
CA LYS A 59 1.51 4.20 4.90
C LYS A 59 0.75 3.98 6.19
N THR A 60 0.64 5.01 6.99
CA THR A 60 -0.07 4.85 8.24
C THR A 60 -1.55 4.60 7.96
N VAL A 61 -2.23 3.93 8.88
CA VAL A 61 -3.63 3.57 8.66
C VAL A 61 -4.48 4.79 8.29
N GLN A 62 -4.29 5.88 9.04
CA GLN A 62 -5.04 7.10 8.76
C GLN A 62 -4.71 7.65 7.39
N GLN A 63 -3.43 7.88 7.16
CA GLN A 63 -2.99 8.54 5.94
C GLN A 63 -3.32 7.71 4.72
N CYS A 64 -3.08 6.42 4.81
CA CYS A 64 -3.41 5.54 3.71
C CYS A 64 -4.92 5.51 3.49
N ALA A 65 -5.70 5.69 4.55
CA ALA A 65 -7.14 5.76 4.40
C ALA A 65 -7.57 7.05 3.70
N GLU A 66 -6.91 8.15 4.04
CA GLU A 66 -7.25 9.44 3.45
C GLU A 66 -6.78 9.51 2.00
N VAL A 67 -5.60 8.95 1.72
CA VAL A 67 -5.11 8.84 0.38
C VAL A 67 -5.88 7.76 -0.39
N LEU A 68 -6.41 6.80 0.35
CA LEU A 68 -7.24 5.78 -0.24
C LEU A 68 -8.39 6.43 -0.98
N GLU A 69 -9.02 7.39 -0.33
CA GLU A 69 -10.18 8.05 -0.89
C GLU A 69 -9.82 9.02 -2.00
N GLU A 70 -8.73 9.76 -1.85
CA GLU A 70 -8.34 10.73 -2.84
C GLU A 70 -8.22 10.07 -4.22
N VAL A 71 -7.56 8.90 -4.27
CA VAL A 71 -7.37 8.20 -5.53
C VAL A 71 -8.61 7.41 -5.95
N THR A 72 -9.36 6.89 -4.98
CA THR A 72 -10.54 6.10 -5.33
C THR A 72 -11.64 6.98 -5.90
N ALA A 73 -11.67 8.24 -5.51
CA ALA A 73 -12.63 9.19 -6.05
C ALA A 73 -12.32 9.49 -7.52
N ILE A 74 -11.08 9.22 -7.92
CA ILE A 74 -10.66 9.41 -9.30
C ILE A 74 -10.97 8.15 -10.11
N GLY A 75 -11.13 7.04 -9.41
CA GLY A 75 -11.42 5.78 -10.09
C GLY A 75 -10.31 4.77 -9.95
N TYR A 76 -9.23 5.15 -9.27
CA TYR A 76 -8.10 4.27 -9.10
C TYR A 76 -8.36 3.25 -7.99
N PRO A 77 -8.25 1.94 -8.32
CA PRO A 77 -8.38 0.86 -7.33
C PRO A 77 -7.30 0.94 -6.26
N ALA A 78 -7.72 1.13 -5.03
CA ALA A 78 -6.78 1.23 -3.93
C ALA A 78 -7.27 0.39 -2.75
N LYS A 79 -6.32 -0.13 -1.97
CA LYS A 79 -6.64 -0.92 -0.79
C LYS A 79 -5.56 -0.79 0.28
N CYS A 80 -5.91 -0.16 1.39
CA CYS A 80 -5.01 -0.17 2.53
C CYS A 80 -5.51 -1.16 3.57
N CYS A 81 -5.02 -2.38 3.49
CA CYS A 81 -5.44 -3.41 4.43
C CYS A 81 -4.32 -3.73 5.41
N CYS A 82 -4.68 -4.32 6.55
CA CYS A 82 -3.70 -4.58 7.60
C CYS A 82 -3.40 -6.07 7.72
N GLU A 83 -2.27 -6.46 7.15
CA GLU A 83 -1.80 -7.84 7.14
C GLU A 83 -0.47 -7.86 6.40
N ASP A 84 0.40 -8.80 6.72
CA ASP A 84 1.68 -8.82 6.03
C ASP A 84 1.48 -9.11 4.57
N LEU A 85 2.12 -8.30 3.75
CA LEU A 85 2.16 -8.52 2.31
C LEU A 85 0.76 -8.37 1.72
N CYS A 86 -0.15 -7.76 2.47
CA CYS A 86 -1.57 -7.70 2.08
C CYS A 86 -1.77 -6.95 0.76
N ASN A 87 -0.77 -6.18 0.35
CA ASN A 87 -0.86 -5.42 -0.89
C ASN A 87 -1.05 -6.37 -2.09
N ARG A 88 0.05 -6.96 -2.57
CA ARG A 88 0.05 -7.97 -3.65
C ARG A 88 -1.10 -7.79 -4.66
N SER A 89 -1.92 -8.82 -4.83
CA SER A 89 -3.11 -8.74 -5.71
C SER A 89 -2.72 -8.70 -7.19
N GLU A 90 -1.52 -9.17 -7.52
CA GLU A 90 -1.09 -9.21 -8.90
C GLU A 90 -1.84 -10.28 -9.67
N GLN A 91 -2.26 -11.32 -8.94
CA GLN A 91 -3.03 -12.41 -9.51
C GLN A 91 -2.29 -13.08 -10.66
N MET A 21 2.25 -3.65 16.21
CA MET A 21 3.09 -4.68 15.55
C MET A 21 3.72 -4.10 14.30
N ALA A 22 4.97 -4.47 14.04
CA ALA A 22 5.65 -4.01 12.84
C ALA A 22 5.10 -4.71 11.61
N LEU A 23 4.51 -3.94 10.72
CA LEU A 23 3.91 -4.52 9.53
C LEU A 23 4.94 -4.58 8.41
N LYS A 24 4.85 -5.58 7.56
CA LYS A 24 5.75 -5.66 6.44
C LYS A 24 4.99 -5.65 5.12
N CYS A 25 4.91 -4.48 4.52
CA CYS A 25 4.22 -4.32 3.26
C CYS A 25 5.22 -4.13 2.14
N PHE A 26 4.86 -4.54 0.94
CA PHE A 26 5.76 -4.39 -0.19
C PHE A 26 5.85 -2.93 -0.63
N THR A 27 6.97 -2.58 -1.23
CA THR A 27 7.17 -1.24 -1.76
C THR A 27 7.93 -1.32 -3.07
N ARG A 28 7.41 -0.69 -4.12
CA ARG A 28 8.08 -0.76 -5.41
C ARG A 28 9.07 0.39 -5.58
N ASN A 29 10.35 0.05 -5.57
CA ASN A 29 11.39 1.03 -5.78
C ASN A 29 11.86 0.99 -7.23
N GLY A 30 11.15 1.72 -8.08
CA GLY A 30 11.44 1.64 -9.49
C GLY A 30 10.56 0.60 -10.16
N ASP A 31 11.02 -0.65 -10.17
CA ASP A 31 10.22 -1.72 -10.71
C ASP A 31 10.05 -2.84 -9.70
N ASP A 32 11.16 -3.33 -9.16
CA ASP A 32 11.11 -4.42 -8.19
C ASP A 32 10.41 -3.97 -6.91
N ARG A 33 9.98 -4.94 -6.12
CA ARG A 33 9.21 -4.62 -4.93
C ARG A 33 9.86 -5.25 -3.70
N THR A 34 10.32 -4.40 -2.79
CA THR A 34 10.99 -4.86 -1.59
C THR A 34 10.02 -4.97 -0.43
N VAL A 35 10.38 -5.80 0.55
CA VAL A 35 9.58 -5.92 1.76
C VAL A 35 10.18 -5.08 2.87
N THR A 36 9.49 -4.03 3.27
CA THR A 36 9.98 -3.24 4.38
C THR A 36 9.13 -3.48 5.61
N THR A 37 9.76 -3.38 6.77
CA THR A 37 9.05 -3.53 8.02
C THR A 37 8.81 -2.15 8.63
N CYS A 38 7.56 -1.74 8.67
CA CYS A 38 7.20 -0.43 9.14
C CYS A 38 6.81 -0.44 10.61
N ALA A 39 6.80 0.73 11.23
CA ALA A 39 6.60 0.86 12.66
C ALA A 39 5.12 0.70 13.03
N GLU A 40 4.84 0.76 14.34
CA GLU A 40 3.47 0.73 14.85
C GLU A 40 2.62 1.80 14.13
N GLU A 41 3.29 2.88 13.79
CA GLU A 41 2.71 3.98 13.02
C GLU A 41 2.03 3.45 11.76
N GLN A 42 2.75 2.63 11.00
CA GLN A 42 2.17 2.09 9.77
C GLN A 42 1.61 0.70 10.04
N THR A 43 0.33 0.65 10.32
CA THR A 43 -0.30 -0.64 10.54
C THR A 43 -1.22 -0.99 9.38
N ARG A 44 -0.98 -0.33 8.25
CA ARG A 44 -1.71 -0.65 7.04
C ARG A 44 -0.72 -0.78 5.89
N CYS A 45 -1.23 -1.18 4.75
CA CYS A 45 -0.42 -1.33 3.56
C CYS A 45 -1.14 -0.70 2.39
N LEU A 46 -0.43 0.12 1.63
CA LEU A 46 -1.04 0.80 0.50
C LEU A 46 -0.83 -0.03 -0.76
N PHE A 47 -1.93 -0.28 -1.48
CA PHE A 47 -1.85 -0.93 -2.78
C PHE A 47 -2.81 -0.26 -3.76
N VAL A 48 -2.25 0.57 -4.63
CA VAL A 48 -3.03 1.20 -5.69
C VAL A 48 -2.71 0.54 -7.02
N GLN A 49 -3.73 0.22 -7.80
CA GLN A 49 -3.47 -0.45 -9.07
C GLN A 49 -3.47 0.55 -10.22
N LEU A 50 -2.48 0.44 -11.07
CA LEU A 50 -2.37 1.34 -12.22
C LEU A 50 -2.42 0.52 -13.51
N PRO A 51 -2.78 1.14 -14.64
CA PRO A 51 -2.90 0.44 -15.93
C PRO A 51 -1.59 -0.22 -16.37
N TYR A 52 -0.46 0.34 -15.95
CA TYR A 52 0.84 -0.20 -16.33
C TYR A 52 1.78 -0.26 -15.14
N SER A 53 1.25 -0.03 -13.95
CA SER A 53 2.09 0.04 -12.76
C SER A 53 1.25 -0.27 -11.52
N GLU A 54 1.79 0.01 -10.34
CA GLU A 54 1.06 -0.15 -9.10
C GLU A 54 1.79 0.56 -7.97
N ILE A 55 1.05 1.02 -6.98
CA ILE A 55 1.64 1.73 -5.85
C ILE A 55 1.65 0.84 -4.62
N GLN A 56 2.81 0.72 -3.99
CA GLN A 56 2.91 -0.12 -2.81
C GLN A 56 3.78 0.55 -1.76
N GLU A 57 3.29 0.61 -0.52
CA GLU A 57 4.00 1.26 0.59
C GLU A 57 3.37 0.88 1.92
N CYS A 58 4.14 1.02 2.99
CA CYS A 58 3.53 1.02 4.32
C CYS A 58 2.91 2.37 4.56
N LYS A 59 1.61 2.38 4.74
CA LYS A 59 0.93 3.62 5.04
C LYS A 59 0.17 3.43 6.32
N THR A 60 0.09 4.48 7.11
CA THR A 60 -0.59 4.34 8.38
C THR A 60 -2.06 4.01 8.10
N VAL A 61 -2.76 3.39 9.04
CA VAL A 61 -4.16 3.06 8.80
C VAL A 61 -4.96 4.33 8.48
N GLN A 62 -4.60 5.44 9.15
CA GLN A 62 -5.24 6.73 8.89
C GLN A 62 -4.92 7.21 7.48
N GLN A 63 -3.63 7.31 7.20
CA GLN A 63 -3.18 7.85 5.93
C GLN A 63 -3.63 6.97 4.79
N CYS A 64 -3.79 5.68 5.04
CA CYS A 64 -4.25 4.77 4.01
C CYS A 64 -5.69 5.08 3.64
N ALA A 65 -6.48 5.51 4.61
CA ALA A 65 -7.85 5.95 4.32
C ALA A 65 -7.81 7.25 3.53
N GLU A 66 -6.89 8.13 3.92
CA GLU A 66 -6.67 9.40 3.25
C GLU A 66 -6.29 9.18 1.78
N VAL A 67 -5.29 8.35 1.57
CA VAL A 67 -4.76 8.06 0.28
C VAL A 67 -5.70 7.18 -0.53
N LEU A 68 -6.48 6.35 0.16
CA LEU A 68 -7.43 5.48 -0.49
C LEU A 68 -8.41 6.31 -1.29
N GLU A 69 -8.98 7.31 -0.65
CA GLU A 69 -9.98 8.13 -1.29
C GLU A 69 -9.38 9.11 -2.28
N GLU A 70 -8.21 9.64 -1.98
CA GLU A 70 -7.61 10.64 -2.83
C GLU A 70 -7.45 10.10 -4.26
N VAL A 71 -6.92 8.89 -4.39
CA VAL A 71 -6.73 8.30 -5.71
C VAL A 71 -8.02 7.69 -6.26
N THR A 72 -8.84 7.12 -5.37
CA THR A 72 -10.06 6.46 -5.80
C THR A 72 -11.07 7.48 -6.35
N ALA A 73 -11.00 8.71 -5.86
CA ALA A 73 -11.86 9.78 -6.35
C ALA A 73 -11.45 10.18 -7.77
N ILE A 74 -10.20 9.88 -8.12
CA ILE A 74 -9.70 10.18 -9.45
C ILE A 74 -10.03 9.03 -10.40
N GLY A 75 -10.29 7.86 -9.81
CA GLY A 75 -10.59 6.70 -10.62
C GLY A 75 -9.56 5.61 -10.48
N TYR A 76 -8.53 5.88 -9.68
CA TYR A 76 -7.47 4.90 -9.48
C TYR A 76 -7.82 3.96 -8.33
N PRO A 77 -7.97 2.66 -8.63
CA PRO A 77 -8.32 1.63 -7.64
C PRO A 77 -7.26 1.49 -6.56
N ALA A 78 -7.68 1.53 -5.30
CA ALA A 78 -6.75 1.38 -4.21
C ALA A 78 -7.30 0.50 -3.10
N LYS A 79 -6.41 0.01 -2.25
CA LYS A 79 -6.79 -0.63 -0.99
C LYS A 79 -5.71 -0.43 0.05
N CYS A 80 -6.11 -0.48 1.31
CA CYS A 80 -5.15 -0.63 2.37
C CYS A 80 -5.59 -1.76 3.29
N CYS A 81 -4.82 -2.83 3.26
CA CYS A 81 -5.11 -3.99 4.09
C CYS A 81 -4.10 -4.06 5.24
N CYS A 82 -4.51 -4.67 6.35
CA CYS A 82 -3.61 -4.82 7.48
C CYS A 82 -3.22 -6.29 7.63
N GLU A 83 -2.03 -6.60 7.14
CA GLU A 83 -1.50 -7.96 7.14
C GLU A 83 -0.20 -7.96 6.36
N ASP A 84 0.77 -8.76 6.78
CA ASP A 84 2.04 -8.80 6.05
C ASP A 84 1.82 -9.25 4.63
N LEU A 85 2.52 -8.59 3.71
CA LEU A 85 2.59 -8.99 2.31
C LEU A 85 1.20 -8.93 1.65
N CYS A 86 0.27 -8.20 2.26
CA CYS A 86 -1.09 -8.16 1.73
C CYS A 86 -1.20 -7.21 0.55
N ASN A 87 -0.49 -6.09 0.61
CA ASN A 87 -0.56 -5.08 -0.45
C ASN A 87 0.18 -5.55 -1.69
N ARG A 88 0.82 -6.70 -1.57
CA ARG A 88 1.57 -7.31 -2.66
C ARG A 88 0.65 -7.74 -3.78
N SER A 89 -0.42 -8.45 -3.44
CA SER A 89 -1.33 -8.98 -4.44
C SER A 89 -2.67 -9.30 -3.80
N GLU A 90 -3.74 -8.91 -4.47
CA GLU A 90 -5.09 -9.17 -3.97
C GLU A 90 -5.56 -10.56 -4.39
N GLN A 91 -4.75 -11.23 -5.20
CA GLN A 91 -5.08 -12.57 -5.66
C GLN A 91 -4.52 -13.61 -4.70
N MET A 21 4.38 -3.84 16.52
CA MET A 21 5.40 -4.91 16.44
C MET A 21 5.92 -5.02 15.02
N ALA A 22 5.87 -3.90 14.29
CA ALA A 22 6.24 -3.84 12.88
C ALA A 22 5.28 -4.64 12.01
N LEU A 23 5.49 -4.57 10.70
CA LEU A 23 4.69 -5.32 9.74
C LEU A 23 5.49 -5.48 8.46
N LYS A 24 5.16 -6.47 7.65
CA LYS A 24 5.87 -6.63 6.39
C LYS A 24 4.94 -6.49 5.20
N CYS A 25 5.08 -5.40 4.47
CA CYS A 25 4.31 -5.22 3.26
C CYS A 25 5.22 -4.87 2.09
N PHE A 26 4.70 -5.01 0.89
CA PHE A 26 5.48 -4.75 -0.31
C PHE A 26 5.59 -3.26 -0.59
N THR A 27 6.81 -2.78 -0.70
CA THR A 27 7.06 -1.41 -1.10
C THR A 27 7.98 -1.42 -2.32
N ARG A 28 7.55 -0.76 -3.38
CA ARG A 28 8.33 -0.79 -4.62
C ARG A 28 9.32 0.36 -4.66
N ASN A 29 10.59 0.03 -4.55
CA ASN A 29 11.63 1.05 -4.59
C ASN A 29 12.29 1.06 -5.96
N GLY A 30 11.76 1.87 -6.85
CA GLY A 30 12.33 1.95 -8.18
C GLY A 30 11.81 0.87 -9.10
N ASP A 31 12.46 -0.29 -9.07
CA ASP A 31 12.12 -1.39 -9.97
C ASP A 31 10.87 -2.14 -9.53
N ASP A 32 11.01 -3.08 -8.60
CA ASP A 32 9.86 -3.89 -8.18
C ASP A 32 9.71 -3.88 -6.66
N ARG A 33 8.66 -4.56 -6.18
CA ARG A 33 8.25 -4.44 -4.79
C ARG A 33 9.09 -5.31 -3.86
N THR A 34 9.75 -4.66 -2.92
CA THR A 34 10.50 -5.36 -1.89
C THR A 34 9.69 -5.43 -0.61
N VAL A 35 9.80 -6.53 0.13
CA VAL A 35 9.09 -6.64 1.40
C VAL A 35 9.79 -5.82 2.46
N THR A 36 9.19 -4.68 2.81
CA THR A 36 9.79 -3.77 3.76
C THR A 36 9.22 -3.98 5.15
N THR A 37 10.02 -3.71 6.17
CA THR A 37 9.54 -3.75 7.52
C THR A 37 9.00 -2.36 7.91
N CYS A 38 7.69 -2.29 8.10
CA CYS A 38 7.04 -1.02 8.35
C CYS A 38 6.88 -0.78 9.85
N ALA A 39 6.94 0.48 10.26
CA ALA A 39 6.93 0.85 11.67
C ALA A 39 5.51 0.79 12.26
N GLU A 40 5.42 1.05 13.56
CA GLU A 40 4.16 0.98 14.30
C GLU A 40 3.10 1.90 13.68
N GLU A 41 3.54 3.07 13.24
CA GLU A 41 2.65 4.04 12.63
C GLU A 41 2.03 3.48 11.36
N GLN A 42 2.80 2.67 10.66
CA GLN A 42 2.38 2.17 9.35
C GLN A 42 1.73 0.80 9.50
N THR A 43 0.66 0.73 10.27
CA THR A 43 -0.03 -0.53 10.49
C THR A 43 -1.01 -0.83 9.36
N ARG A 44 -0.99 0.00 8.32
CA ARG A 44 -1.70 -0.32 7.10
C ARG A 44 -0.71 -0.39 5.95
N CYS A 45 -1.21 -0.72 4.79
CA CYS A 45 -0.32 -0.89 3.64
C CYS A 45 -1.01 -0.44 2.37
N LEU A 46 -0.32 0.39 1.60
CA LEU A 46 -0.93 0.97 0.42
C LEU A 46 -0.72 0.07 -0.79
N PHE A 47 -1.79 -0.10 -1.55
CA PHE A 47 -1.73 -0.75 -2.84
C PHE A 47 -2.62 0.01 -3.80
N VAL A 48 -2.03 0.70 -4.76
CA VAL A 48 -2.80 1.34 -5.80
C VAL A 48 -2.48 0.69 -7.13
N GLN A 49 -3.50 0.19 -7.82
CA GLN A 49 -3.32 -0.48 -9.08
C GLN A 49 -3.50 0.50 -10.23
N LEU A 50 -2.43 0.71 -10.99
CA LEU A 50 -2.44 1.63 -12.13
C LEU A 50 -2.33 0.84 -13.43
N PRO A 51 -2.78 1.42 -14.55
CA PRO A 51 -2.70 0.78 -15.87
C PRO A 51 -1.28 0.81 -16.46
N TYR A 52 -0.30 1.11 -15.62
CA TYR A 52 1.08 1.22 -16.08
C TYR A 52 2.03 0.62 -15.05
N SER A 53 1.82 0.98 -13.80
CA SER A 53 2.60 0.47 -12.69
C SER A 53 1.71 0.34 -11.47
N GLU A 54 2.29 0.22 -10.29
CA GLU A 54 1.47 0.13 -9.08
C GLU A 54 2.12 0.87 -7.92
N ILE A 55 1.28 1.34 -7.01
CA ILE A 55 1.76 2.02 -5.81
C ILE A 55 1.66 1.09 -4.62
N GLN A 56 2.79 0.54 -4.23
CA GLN A 56 2.79 -0.33 -3.07
C GLN A 56 3.81 0.17 -2.05
N GLU A 57 3.35 0.27 -0.81
CA GLU A 57 4.15 0.82 0.28
C GLU A 57 3.46 0.54 1.61
N CYS A 58 4.16 0.75 2.71
CA CYS A 58 3.50 0.69 4.01
C CYS A 58 3.03 2.09 4.38
N LYS A 59 1.73 2.23 4.56
CA LYS A 59 1.17 3.55 4.78
C LYS A 59 0.44 3.56 6.11
N THR A 60 0.57 4.65 6.86
CA THR A 60 -0.07 4.72 8.15
C THR A 60 -1.58 4.68 7.97
N VAL A 61 -2.28 4.09 8.94
CA VAL A 61 -3.70 3.80 8.83
C VAL A 61 -4.51 5.05 8.44
N GLN A 62 -4.29 6.16 9.14
CA GLN A 62 -5.05 7.36 8.91
C GLN A 62 -4.83 7.91 7.50
N GLN A 63 -3.57 8.01 7.10
CA GLN A 63 -3.23 8.59 5.81
C GLN A 63 -3.68 7.65 4.70
N CYS A 64 -3.53 6.35 4.92
CA CYS A 64 -3.91 5.38 3.91
C CYS A 64 -5.40 5.47 3.60
N ALA A 65 -6.20 5.82 4.61
CA ALA A 65 -7.62 5.99 4.40
C ALA A 65 -7.89 7.18 3.49
N GLU A 66 -7.23 8.29 3.79
CA GLU A 66 -7.45 9.52 3.05
C GLU A 66 -6.86 9.44 1.64
N VAL A 67 -5.70 8.77 1.52
CA VAL A 67 -5.07 8.57 0.26
C VAL A 67 -5.82 7.51 -0.55
N LEU A 68 -6.47 6.60 0.16
CA LEU A 68 -7.30 5.61 -0.49
C LEU A 68 -8.36 6.31 -1.30
N GLU A 69 -9.04 7.25 -0.66
CA GLU A 69 -10.16 7.92 -1.29
C GLU A 69 -9.72 8.92 -2.35
N GLU A 70 -8.57 9.54 -2.15
CA GLU A 70 -8.09 10.50 -3.12
C GLU A 70 -7.89 9.83 -4.48
N VAL A 71 -7.26 8.65 -4.47
CA VAL A 71 -7.01 7.94 -5.72
C VAL A 71 -8.25 7.18 -6.21
N THR A 72 -9.08 6.69 -5.29
CA THR A 72 -10.26 5.93 -5.69
C THR A 72 -11.33 6.85 -6.26
N ALA A 73 -11.31 8.12 -5.87
CA ALA A 73 -12.23 9.09 -6.44
C ALA A 73 -11.87 9.38 -7.90
N ILE A 74 -10.61 9.10 -8.24
CA ILE A 74 -10.14 9.25 -9.61
C ILE A 74 -10.53 8.02 -10.42
N GLY A 75 -10.83 6.94 -9.71
CA GLY A 75 -11.20 5.70 -10.37
C GLY A 75 -10.09 4.68 -10.31
N TYR A 76 -9.06 4.97 -9.53
CA TYR A 76 -7.93 4.07 -9.42
C TYR A 76 -8.12 3.05 -8.30
N PRO A 77 -8.05 1.76 -8.66
CA PRO A 77 -8.09 0.64 -7.70
C PRO A 77 -7.07 0.79 -6.58
N ALA A 78 -7.52 0.74 -5.34
CA ALA A 78 -6.60 0.86 -4.21
C ALA A 78 -7.10 0.14 -2.96
N LYS A 79 -6.17 -0.21 -2.07
CA LYS A 79 -6.52 -0.75 -0.76
C LYS A 79 -5.41 -0.50 0.25
N CYS A 80 -5.79 -0.29 1.50
CA CYS A 80 -4.83 -0.35 2.60
C CYS A 80 -5.37 -1.26 3.70
N CYS A 81 -4.99 -2.51 3.67
CA CYS A 81 -5.46 -3.44 4.68
C CYS A 81 -4.34 -3.79 5.66
N CYS A 82 -4.71 -4.41 6.79
CA CYS A 82 -3.74 -4.70 7.83
C CYS A 82 -3.45 -6.19 7.90
N GLU A 83 -2.29 -6.56 7.41
CA GLU A 83 -1.85 -7.96 7.33
C GLU A 83 -0.52 -7.97 6.60
N ASP A 84 0.37 -8.90 6.94
CA ASP A 84 1.61 -9.00 6.18
C ASP A 84 1.30 -9.33 4.75
N LEU A 85 1.97 -8.65 3.84
CA LEU A 85 1.85 -8.92 2.43
C LEU A 85 0.41 -8.65 1.95
N CYS A 86 -0.33 -7.87 2.73
CA CYS A 86 -1.74 -7.62 2.42
C CYS A 86 -1.85 -6.68 1.24
N ASN A 87 -0.90 -5.77 1.10
CA ASN A 87 -0.94 -4.85 -0.01
C ASN A 87 -0.32 -5.50 -1.25
N ARG A 88 -0.36 -6.83 -1.28
CA ARG A 88 0.21 -7.59 -2.40
C ARG A 88 -0.46 -7.20 -3.70
N SER A 89 0.21 -7.51 -4.81
CA SER A 89 -0.32 -7.15 -6.10
C SER A 89 -1.33 -8.19 -6.56
N GLU A 90 -2.45 -7.72 -7.06
CA GLU A 90 -3.46 -8.59 -7.65
C GLU A 90 -3.06 -8.97 -9.07
N GLN A 91 -1.99 -8.36 -9.57
CA GLN A 91 -1.54 -8.62 -10.92
C GLN A 91 -0.85 -9.98 -11.00
N MET A 21 2.94 -0.55 16.56
CA MET A 21 3.23 -1.90 16.01
C MET A 21 3.64 -1.80 14.54
N ALA A 22 4.83 -2.29 14.23
CA ALA A 22 5.32 -2.23 12.84
C ALA A 22 4.74 -3.36 12.02
N LEU A 23 4.68 -3.17 10.71
CA LEU A 23 4.15 -4.19 9.82
C LEU A 23 5.07 -4.34 8.60
N LYS A 24 4.90 -5.41 7.85
CA LYS A 24 5.70 -5.64 6.64
C LYS A 24 4.85 -5.53 5.39
N CYS A 25 4.90 -4.37 4.76
CA CYS A 25 4.19 -4.19 3.51
C CYS A 25 5.20 -4.13 2.37
N PHE A 26 4.78 -4.51 1.18
CA PHE A 26 5.67 -4.39 0.03
C PHE A 26 5.85 -2.95 -0.37
N THR A 27 7.07 -2.56 -0.63
CA THR A 27 7.34 -1.24 -1.16
C THR A 27 7.93 -1.35 -2.55
N ARG A 28 7.24 -0.82 -3.54
CA ARG A 28 7.72 -0.94 -4.91
C ARG A 28 8.60 0.25 -5.29
N ASN A 29 9.88 -0.02 -5.46
CA ASN A 29 10.81 1.00 -5.94
C ASN A 29 11.15 0.72 -7.39
N GLY A 30 10.55 1.50 -8.29
CA GLY A 30 10.74 1.24 -9.70
C GLY A 30 9.89 0.08 -10.16
N ASP A 31 10.35 -1.13 -9.87
CA ASP A 31 9.57 -2.33 -10.19
C ASP A 31 9.69 -3.35 -9.06
N ASP A 32 10.86 -3.40 -8.44
CA ASP A 32 11.10 -4.33 -7.33
C ASP A 32 10.12 -4.09 -6.19
N ARG A 33 9.74 -5.18 -5.54
CA ARG A 33 8.85 -5.08 -4.41
C ARG A 33 9.55 -5.63 -3.18
N THR A 34 9.84 -4.75 -2.24
CA THR A 34 10.65 -5.16 -1.10
C THR A 34 9.81 -5.36 0.15
N VAL A 35 10.08 -6.43 0.88
CA VAL A 35 9.49 -6.60 2.19
C VAL A 35 10.19 -5.68 3.17
N THR A 36 9.52 -4.63 3.57
CA THR A 36 10.11 -3.71 4.51
C THR A 36 9.26 -3.59 5.76
N THR A 37 9.90 -3.70 6.91
CA THR A 37 9.22 -3.38 8.14
C THR A 37 9.06 -1.87 8.23
N CYS A 38 7.83 -1.42 8.24
CA CYS A 38 7.56 0.01 8.20
C CYS A 38 7.58 0.56 9.61
N ALA A 39 7.39 1.87 9.76
CA ALA A 39 7.36 2.44 11.09
C ALA A 39 6.13 1.92 11.83
N GLU A 40 6.14 2.01 13.15
CA GLU A 40 5.16 1.28 13.95
C GLU A 40 3.80 1.97 14.00
N GLU A 41 3.73 3.17 13.46
CA GLU A 41 2.44 3.83 13.33
C GLU A 41 1.69 3.29 12.12
N GLN A 42 2.44 2.88 11.11
CA GLN A 42 1.86 2.33 9.90
C GLN A 42 1.49 0.88 10.09
N THR A 43 0.21 0.67 10.38
CA THR A 43 -0.30 -0.68 10.60
C THR A 43 -1.12 -1.16 9.41
N ARG A 44 -1.05 -0.43 8.31
CA ARG A 44 -1.72 -0.87 7.10
C ARG A 44 -0.78 -0.84 5.91
N CYS A 45 -1.30 -1.24 4.78
CA CYS A 45 -0.47 -1.44 3.60
C CYS A 45 -1.16 -0.85 2.37
N LEU A 46 -0.41 -0.10 1.60
CA LEU A 46 -0.96 0.66 0.50
C LEU A 46 -0.64 0.00 -0.84
N PHE A 47 -1.69 -0.26 -1.62
CA PHE A 47 -1.53 -0.74 -2.99
C PHE A 47 -2.58 -0.08 -3.88
N VAL A 48 -2.12 0.56 -4.96
CA VAL A 48 -3.02 1.24 -5.87
C VAL A 48 -2.87 0.68 -7.29
N GLN A 49 -3.99 0.55 -8.00
CA GLN A 49 -3.97 0.05 -9.38
C GLN A 49 -3.40 1.09 -10.33
N LEU A 50 -2.50 0.68 -11.21
CA LEU A 50 -1.98 1.57 -12.23
C LEU A 50 -2.06 0.89 -13.60
N PRO A 51 -2.35 1.67 -14.67
CA PRO A 51 -2.46 1.15 -16.03
C PRO A 51 -1.10 0.84 -16.67
N TYR A 52 -0.12 0.49 -15.85
CA TYR A 52 1.23 0.23 -16.36
C TYR A 52 2.14 -0.33 -15.26
N SER A 53 1.82 -0.02 -14.02
CA SER A 53 2.58 -0.51 -12.89
C SER A 53 1.67 -0.68 -11.69
N GLU A 54 2.24 -0.58 -10.50
CA GLU A 54 1.45 -0.71 -9.29
C GLU A 54 2.07 0.14 -8.18
N ILE A 55 1.24 0.60 -7.25
CA ILE A 55 1.74 1.33 -6.10
C ILE A 55 1.79 0.42 -4.89
N GLN A 56 2.91 0.41 -4.20
CA GLN A 56 3.03 -0.39 -2.99
C GLN A 56 3.80 0.44 -1.97
N GLU A 57 3.26 0.52 -0.76
CA GLU A 57 3.76 1.46 0.22
C GLU A 57 3.17 1.15 1.60
N CYS A 58 3.84 1.58 2.65
CA CYS A 58 3.28 1.47 3.99
C CYS A 58 2.58 2.77 4.35
N LYS A 59 1.42 2.67 4.99
CA LYS A 59 0.70 3.85 5.44
C LYS A 59 -0.03 3.54 6.73
N THR A 60 -0.21 4.53 7.59
CA THR A 60 -0.98 4.35 8.81
C THR A 60 -2.42 4.10 8.43
N VAL A 61 -3.16 3.39 9.28
CA VAL A 61 -4.54 3.02 8.97
C VAL A 61 -5.33 4.25 8.48
N GLN A 62 -5.23 5.34 9.24
CA GLN A 62 -5.95 6.57 8.91
C GLN A 62 -5.48 7.17 7.60
N GLN A 63 -4.18 7.45 7.51
CA GLN A 63 -3.63 8.12 6.34
C GLN A 63 -3.81 7.26 5.12
N CYS A 64 -3.82 5.96 5.31
CA CYS A 64 -3.99 5.03 4.22
C CYS A 64 -5.43 5.09 3.71
N ALA A 65 -6.38 5.34 4.61
CA ALA A 65 -7.75 5.56 4.20
C ALA A 65 -7.88 6.91 3.51
N GLU A 66 -7.11 7.88 4.00
CA GLU A 66 -7.06 9.21 3.40
C GLU A 66 -6.52 9.13 1.97
N VAL A 67 -5.36 8.48 1.83
CA VAL A 67 -4.72 8.29 0.57
C VAL A 67 -5.51 7.34 -0.33
N LEU A 68 -6.27 6.45 0.29
CA LEU A 68 -7.14 5.59 -0.49
C LEU A 68 -8.09 6.46 -1.29
N GLU A 69 -8.71 7.41 -0.62
CA GLU A 69 -9.73 8.22 -1.25
C GLU A 69 -9.13 9.22 -2.23
N GLU A 70 -7.94 9.73 -1.93
CA GLU A 70 -7.33 10.69 -2.83
C GLU A 70 -7.13 10.06 -4.21
N VAL A 71 -6.67 8.81 -4.24
CA VAL A 71 -6.45 8.11 -5.50
C VAL A 71 -7.75 7.55 -6.08
N THR A 72 -8.64 7.09 -5.21
CA THR A 72 -9.86 6.42 -5.64
C THR A 72 -10.88 7.43 -6.19
N ALA A 73 -10.83 8.66 -5.69
CA ALA A 73 -11.68 9.71 -6.23
C ALA A 73 -11.25 10.08 -7.65
N ILE A 74 -10.00 9.78 -7.98
CA ILE A 74 -9.47 10.01 -9.32
C ILE A 74 -9.94 8.91 -10.26
N GLY A 75 -10.23 7.75 -9.69
CA GLY A 75 -10.62 6.62 -10.50
C GLY A 75 -9.60 5.51 -10.45
N TYR A 76 -8.65 5.62 -9.52
CA TYR A 76 -7.62 4.60 -9.36
C TYR A 76 -7.93 3.70 -8.16
N PRO A 77 -8.38 2.47 -8.44
CA PRO A 77 -8.66 1.47 -7.41
C PRO A 77 -7.50 1.25 -6.45
N ALA A 78 -7.77 1.32 -5.16
CA ALA A 78 -6.72 1.07 -4.18
C ALA A 78 -7.23 0.19 -3.04
N LYS A 79 -6.31 -0.40 -2.31
CA LYS A 79 -6.63 -1.23 -1.16
C LYS A 79 -5.67 -0.95 -0.03
N CYS A 80 -6.14 -1.16 1.19
CA CYS A 80 -5.28 -1.04 2.35
C CYS A 80 -5.69 -2.05 3.40
N CYS A 81 -5.11 -3.23 3.34
CA CYS A 81 -5.44 -4.27 4.31
C CYS A 81 -4.29 -4.48 5.30
N CYS A 82 -4.58 -5.13 6.42
CA CYS A 82 -3.59 -5.28 7.47
C CYS A 82 -3.13 -6.74 7.56
N GLU A 83 -1.89 -6.97 7.12
CA GLU A 83 -1.27 -8.29 7.08
C GLU A 83 0.04 -8.18 6.31
N ASP A 84 1.02 -9.02 6.63
CA ASP A 84 2.25 -8.99 5.84
C ASP A 84 1.94 -9.30 4.40
N LEU A 85 2.59 -8.56 3.51
CA LEU A 85 2.52 -8.83 2.07
C LEU A 85 1.10 -8.64 1.54
N CYS A 86 0.24 -8.00 2.33
CA CYS A 86 -1.16 -7.89 1.98
C CYS A 86 -1.37 -6.91 0.83
N ASN A 87 -0.50 -5.91 0.72
CA ASN A 87 -0.62 -4.95 -0.37
C ASN A 87 0.03 -5.49 -1.63
N ARG A 88 -0.17 -6.78 -1.87
CA ARG A 88 0.36 -7.44 -3.04
C ARG A 88 -0.43 -7.00 -4.28
N SER A 89 0.14 -7.24 -5.45
CA SER A 89 -0.55 -6.97 -6.70
C SER A 89 -1.83 -7.82 -6.77
N GLU A 90 -2.84 -7.29 -7.44
CA GLU A 90 -4.13 -7.96 -7.56
C GLU A 90 -3.97 -9.36 -8.19
N GLN A 91 -3.05 -9.46 -9.15
CA GLN A 91 -2.76 -10.76 -9.78
C GLN A 91 -1.96 -11.65 -8.83
N MET A 21 4.42 -3.24 15.65
CA MET A 21 5.11 -4.55 15.48
C MET A 21 5.87 -4.58 14.16
N ALA A 22 5.97 -3.41 13.53
CA ALA A 22 6.60 -3.28 12.22
C ALA A 22 5.95 -4.18 11.17
N LEU A 23 4.90 -3.67 10.53
CA LEU A 23 4.22 -4.43 9.49
C LEU A 23 5.15 -4.66 8.31
N LYS A 24 4.94 -5.74 7.57
CA LYS A 24 5.77 -5.99 6.41
C LYS A 24 4.92 -6.06 5.15
N CYS A 25 5.15 -5.14 4.24
CA CYS A 25 4.46 -5.15 2.97
C CYS A 25 5.40 -4.76 1.84
N PHE A 26 4.94 -4.94 0.62
CA PHE A 26 5.78 -4.67 -0.55
C PHE A 26 5.89 -3.18 -0.80
N THR A 27 7.11 -2.72 -1.00
CA THR A 27 7.36 -1.33 -1.34
C THR A 27 8.28 -1.28 -2.57
N ARG A 28 8.28 -0.18 -3.30
CA ARG A 28 9.11 -0.07 -4.47
C ARG A 28 10.54 0.31 -4.11
N ASN A 29 11.45 -0.63 -4.28
CA ASN A 29 12.86 -0.39 -4.05
C ASN A 29 13.61 -0.57 -5.36
N GLY A 30 13.99 0.54 -5.96
CA GLY A 30 14.54 0.47 -7.31
C GLY A 30 13.47 0.10 -8.30
N ASP A 31 13.46 -1.15 -8.72
CA ASP A 31 12.38 -1.66 -9.56
C ASP A 31 11.83 -2.96 -8.97
N ASP A 32 12.48 -3.40 -7.91
CA ASP A 32 12.05 -4.64 -7.27
C ASP A 32 10.93 -4.36 -6.28
N ARG A 33 10.09 -5.36 -6.04
CA ARG A 33 9.09 -5.21 -5.00
C ARG A 33 9.63 -5.85 -3.74
N THR A 34 9.93 -5.02 -2.77
CA THR A 34 10.65 -5.47 -1.60
C THR A 34 9.77 -5.40 -0.35
N VAL A 35 9.75 -6.49 0.41
CA VAL A 35 9.04 -6.49 1.67
C VAL A 35 9.81 -5.67 2.70
N THR A 36 9.32 -4.49 2.99
CA THR A 36 9.98 -3.64 3.97
C THR A 36 9.36 -3.80 5.33
N THR A 37 10.19 -3.61 6.34
CA THR A 37 9.68 -3.35 7.65
C THR A 37 9.12 -1.92 7.64
N CYS A 38 7.88 -1.76 8.06
CA CYS A 38 7.28 -0.44 8.07
C CYS A 38 7.10 0.04 9.50
N ALA A 39 7.11 1.35 9.70
CA ALA A 39 7.10 1.92 11.04
C ALA A 39 5.81 1.59 11.79
N GLU A 40 5.83 1.79 13.11
CA GLU A 40 4.69 1.50 13.96
C GLU A 40 3.45 2.28 13.53
N GLU A 41 3.68 3.49 13.04
CA GLU A 41 2.61 4.30 12.49
C GLU A 41 1.96 3.61 11.30
N GLN A 42 2.80 2.96 10.50
CA GLN A 42 2.34 2.35 9.27
C GLN A 42 1.86 0.93 9.53
N THR A 43 0.69 0.82 10.13
CA THR A 43 0.10 -0.48 10.39
C THR A 43 -0.87 -0.85 9.27
N ARG A 44 -0.76 -0.14 8.16
CA ARG A 44 -1.52 -0.47 6.97
C ARG A 44 -0.57 -0.59 5.78
N CYS A 45 -1.13 -0.93 4.64
CA CYS A 45 -0.32 -1.09 3.44
C CYS A 45 -1.06 -0.58 2.23
N LEU A 46 -0.40 0.24 1.43
CA LEU A 46 -1.03 0.83 0.27
C LEU A 46 -0.75 0.02 -0.98
N PHE A 47 -1.79 -0.18 -1.77
CA PHE A 47 -1.68 -0.77 -3.08
C PHE A 47 -2.69 -0.12 -4.02
N VAL A 48 -2.18 0.67 -4.95
CA VAL A 48 -3.05 1.35 -5.91
C VAL A 48 -2.86 0.75 -7.29
N GLN A 49 -3.96 0.47 -7.99
CA GLN A 49 -3.90 -0.10 -9.33
C GLN A 49 -3.56 0.98 -10.34
N LEU A 50 -2.72 0.63 -11.30
CA LEU A 50 -2.42 1.52 -12.41
C LEU A 50 -2.63 0.76 -13.72
N PRO A 51 -2.98 1.47 -14.81
CA PRO A 51 -3.19 0.85 -16.12
C PRO A 51 -1.90 0.34 -16.75
N TYR A 52 -0.76 0.73 -16.18
CA TYR A 52 0.54 0.36 -16.74
C TYR A 52 1.51 -0.10 -15.67
N SER A 53 1.05 -0.10 -14.42
CA SER A 53 1.93 -0.42 -13.30
C SER A 53 1.12 -0.58 -12.02
N GLU A 54 1.77 -0.55 -10.87
CA GLU A 54 1.06 -0.65 -9.59
C GLU A 54 1.81 0.14 -8.51
N ILE A 55 1.07 0.62 -7.52
CA ILE A 55 1.67 1.33 -6.39
C ILE A 55 1.66 0.44 -5.16
N GLN A 56 2.82 0.35 -4.49
CA GLN A 56 2.91 -0.43 -3.27
C GLN A 56 3.77 0.32 -2.27
N GLU A 57 3.28 0.44 -1.04
CA GLU A 57 4.00 1.17 0.00
C GLU A 57 3.37 0.89 1.37
N CYS A 58 4.11 1.18 2.43
CA CYS A 58 3.54 1.10 3.77
C CYS A 58 2.92 2.44 4.14
N LYS A 59 1.72 2.41 4.68
CA LYS A 59 1.03 3.64 4.99
C LYS A 59 0.34 3.49 6.34
N THR A 60 0.14 4.59 7.05
CA THR A 60 -0.54 4.49 8.32
C THR A 60 -2.03 4.25 8.08
N VAL A 61 -2.69 3.59 9.03
CA VAL A 61 -4.09 3.22 8.85
C VAL A 61 -4.97 4.45 8.61
N GLN A 62 -4.73 5.53 9.36
CA GLN A 62 -5.54 6.71 9.23
C GLN A 62 -5.34 7.40 7.89
N GLN A 63 -4.08 7.60 7.51
CA GLN A 63 -3.76 8.30 6.28
C GLN A 63 -4.16 7.45 5.10
N CYS A 64 -3.97 6.15 5.20
CA CYS A 64 -4.31 5.26 4.10
C CYS A 64 -5.79 5.33 3.79
N ALA A 65 -6.60 5.55 4.82
CA ALA A 65 -8.04 5.69 4.63
C ALA A 65 -8.35 6.95 3.82
N GLU A 66 -7.73 8.05 4.21
CA GLU A 66 -7.99 9.33 3.58
C GLU A 66 -7.39 9.37 2.17
N VAL A 67 -6.20 8.77 2.00
CA VAL A 67 -5.57 8.68 0.73
C VAL A 67 -6.29 7.66 -0.15
N LEU A 68 -6.92 6.69 0.49
CA LEU A 68 -7.72 5.72 -0.23
C LEU A 68 -8.80 6.43 -1.02
N GLU A 69 -9.52 7.32 -0.34
CA GLU A 69 -10.64 7.99 -0.96
C GLU A 69 -10.20 9.07 -1.94
N GLU A 70 -9.09 9.71 -1.68
CA GLU A 70 -8.62 10.75 -2.56
C GLU A 70 -8.37 10.18 -3.97
N VAL A 71 -7.69 9.02 -4.03
CA VAL A 71 -7.38 8.41 -5.31
C VAL A 71 -8.57 7.66 -5.88
N THR A 72 -9.41 7.07 -5.03
CA THR A 72 -10.54 6.31 -5.51
C THR A 72 -11.60 7.24 -6.10
N ALA A 73 -11.62 8.48 -5.63
CA ALA A 73 -12.54 9.48 -6.18
C ALA A 73 -12.09 9.89 -7.58
N ILE A 74 -10.80 9.70 -7.86
CA ILE A 74 -10.25 10.00 -9.18
C ILE A 74 -10.50 8.83 -10.12
N GLY A 75 -10.63 7.64 -9.54
CA GLY A 75 -10.86 6.46 -10.35
C GLY A 75 -9.79 5.40 -10.15
N TYR A 76 -8.81 5.70 -9.30
CA TYR A 76 -7.73 4.77 -9.04
C TYR A 76 -8.11 3.79 -7.95
N PRO A 77 -8.22 2.48 -8.28
CA PRO A 77 -8.45 1.43 -7.30
C PRO A 77 -7.32 1.32 -6.30
N ALA A 78 -7.64 1.24 -5.02
CA ALA A 78 -6.61 1.17 -4.01
C ALA A 78 -7.06 0.32 -2.82
N LYS A 79 -6.10 -0.10 -2.01
CA LYS A 79 -6.38 -0.81 -0.77
C LYS A 79 -5.39 -0.42 0.32
N CYS A 80 -5.84 -0.46 1.55
CA CYS A 80 -4.93 -0.52 2.67
C CYS A 80 -5.48 -1.49 3.71
N CYS A 81 -4.97 -2.70 3.68
CA CYS A 81 -5.43 -3.71 4.62
C CYS A 81 -4.38 -3.99 5.68
N CYS A 82 -4.80 -4.65 6.76
CA CYS A 82 -3.88 -4.93 7.85
C CYS A 82 -3.55 -6.42 7.85
N GLU A 83 -2.38 -6.72 7.31
CA GLU A 83 -1.94 -8.08 7.09
C GLU A 83 -0.61 -8.00 6.35
N ASP A 84 0.35 -8.82 6.72
CA ASP A 84 1.63 -8.77 6.03
C ASP A 84 1.45 -9.12 4.59
N LEU A 85 2.14 -8.38 3.74
CA LEU A 85 2.18 -8.66 2.31
C LEU A 85 0.80 -8.47 1.68
N CYS A 86 -0.12 -7.84 2.41
CA CYS A 86 -1.50 -7.71 1.95
C CYS A 86 -1.63 -6.75 0.78
N ASN A 87 -0.64 -5.89 0.61
CA ASN A 87 -0.69 -4.93 -0.48
C ASN A 87 -0.12 -5.55 -1.76
N ARG A 88 -0.07 -6.87 -1.80
CA ARG A 88 0.37 -7.60 -3.00
C ARG A 88 -0.64 -7.41 -4.12
N SER A 89 -0.23 -7.70 -5.34
CA SER A 89 -1.15 -7.65 -6.45
C SER A 89 -2.13 -8.81 -6.35
N GLU A 90 -3.40 -8.54 -6.64
CA GLU A 90 -4.43 -9.55 -6.53
C GLU A 90 -4.56 -10.33 -7.85
N GLN A 91 -3.59 -10.14 -8.72
CA GLN A 91 -3.59 -10.83 -9.99
C GLN A 91 -2.26 -11.56 -10.20
N MET A 21 6.13 -3.36 17.90
CA MET A 21 5.42 -4.12 16.84
C MET A 21 5.70 -3.49 15.48
N ALA A 22 5.52 -4.27 14.43
CA ALA A 22 5.73 -3.78 13.07
C ALA A 22 4.86 -4.56 12.10
N LEU A 23 4.90 -4.19 10.83
CA LEU A 23 4.16 -4.92 9.81
C LEU A 23 5.00 -5.00 8.54
N LYS A 24 5.14 -6.18 7.97
CA LYS A 24 5.90 -6.31 6.76
C LYS A 24 5.03 -5.95 5.55
N CYS A 25 5.61 -5.28 4.59
CA CYS A 25 4.85 -4.86 3.42
C CYS A 25 5.80 -4.52 2.28
N PHE A 26 5.32 -4.64 1.05
CA PHE A 26 6.16 -4.37 -0.11
C PHE A 26 6.24 -2.87 -0.40
N THR A 27 7.46 -2.37 -0.53
CA THR A 27 7.66 -0.99 -0.93
C THR A 27 8.25 -0.94 -2.33
N ARG A 28 7.71 -0.06 -3.18
CA ARG A 28 8.19 0.00 -4.56
C ARG A 28 9.41 0.89 -4.70
N ASN A 29 10.53 0.27 -5.01
CA ASN A 29 11.72 1.03 -5.36
C ASN A 29 11.75 1.18 -6.87
N GLY A 30 11.03 2.18 -7.37
CA GLY A 30 10.84 2.28 -8.79
C GLY A 30 10.05 1.10 -9.32
N ASP A 31 10.72 0.21 -10.03
CA ASP A 31 10.08 -1.00 -10.55
C ASP A 31 10.17 -2.14 -9.54
N ASP A 32 11.23 -2.12 -8.74
CA ASP A 32 11.44 -3.16 -7.73
C ASP A 32 10.44 -3.06 -6.59
N ARG A 33 10.13 -4.19 -5.98
CA ARG A 33 9.36 -4.19 -4.74
C ARG A 33 10.07 -5.00 -3.67
N THR A 34 10.54 -4.32 -2.63
CA THR A 34 11.26 -4.99 -1.57
C THR A 34 10.34 -5.26 -0.37
N VAL A 35 10.48 -6.44 0.22
CA VAL A 35 9.78 -6.76 1.45
C VAL A 35 10.40 -5.98 2.60
N THR A 36 9.71 -4.96 3.07
CA THR A 36 10.24 -4.14 4.14
C THR A 36 9.34 -4.19 5.37
N THR A 37 9.96 -4.07 6.53
CA THR A 37 9.19 -4.01 7.75
C THR A 37 8.82 -2.55 8.05
N CYS A 38 7.52 -2.29 8.11
CA CYS A 38 7.04 -0.95 8.32
C CYS A 38 6.71 -0.74 9.81
N ALA A 39 6.91 0.48 10.29
CA ALA A 39 6.79 0.76 11.72
C ALA A 39 5.35 0.66 12.21
N GLU A 40 5.19 0.63 13.54
CA GLU A 40 3.88 0.54 14.18
C GLU A 40 2.96 1.67 13.72
N GLU A 41 3.54 2.85 13.53
CA GLU A 41 2.83 4.00 12.99
C GLU A 41 2.08 3.63 11.73
N GLN A 42 2.77 2.97 10.82
CA GLN A 42 2.20 2.63 9.54
C GLN A 42 1.76 1.17 9.53
N THR A 43 0.61 0.92 10.16
CA THR A 43 0.10 -0.43 10.31
C THR A 43 -0.83 -0.82 9.16
N ARG A 44 -0.83 -0.01 8.12
CA ARG A 44 -1.59 -0.35 6.91
C ARG A 44 -0.65 -0.41 5.72
N CYS A 45 -1.22 -0.75 4.59
CA CYS A 45 -0.43 -0.81 3.36
C CYS A 45 -1.10 -0.02 2.27
N LEU A 46 -0.43 0.12 1.17
CA LEU A 46 -0.98 0.79 0.01
C LEU A 46 -0.84 -0.09 -1.20
N PHE A 47 -1.96 -0.54 -1.72
CA PHE A 47 -1.98 -1.26 -2.97
C PHE A 47 -2.95 -0.57 -3.91
N VAL A 48 -2.40 0.24 -4.80
CA VAL A 48 -3.18 0.95 -5.77
C VAL A 48 -3.03 0.27 -7.13
N GLN A 49 -4.13 0.04 -7.83
CA GLN A 49 -4.04 -0.61 -9.13
C GLN A 49 -3.74 0.43 -10.21
N LEU A 50 -2.90 0.04 -11.14
CA LEU A 50 -2.53 0.93 -12.23
C LEU A 50 -2.60 0.18 -13.55
N PRO A 51 -2.86 0.88 -14.66
CA PRO A 51 -2.80 0.31 -16.00
C PRO A 51 -1.36 0.19 -16.49
N TYR A 52 -0.42 0.55 -15.62
CA TYR A 52 0.99 0.56 -15.99
C TYR A 52 1.81 -0.30 -15.02
N SER A 53 1.37 -0.35 -13.78
CA SER A 53 2.12 -1.01 -12.72
C SER A 53 1.25 -1.13 -11.47
N GLU A 54 1.88 -1.21 -10.31
CA GLU A 54 1.13 -1.26 -9.07
C GLU A 54 1.82 -0.44 -7.99
N ILE A 55 1.06 0.41 -7.30
CA ILE A 55 1.64 1.18 -6.20
C ILE A 55 1.66 0.34 -4.93
N GLN A 56 2.82 0.29 -4.30
CA GLN A 56 2.95 -0.48 -3.06
C GLN A 56 3.75 0.35 -2.06
N GLU A 57 3.23 0.44 -0.84
CA GLU A 57 3.76 1.35 0.16
C GLU A 57 3.19 1.02 1.55
N CYS A 58 3.93 1.28 2.61
CA CYS A 58 3.38 1.12 3.96
C CYS A 58 2.81 2.47 4.40
N LYS A 59 1.60 2.48 4.92
CA LYS A 59 1.02 3.75 5.33
C LYS A 59 0.28 3.60 6.65
N THR A 60 0.13 4.70 7.38
CA THR A 60 -0.60 4.67 8.63
C THR A 60 -2.06 4.37 8.35
N VAL A 61 -2.75 3.79 9.32
CA VAL A 61 -4.12 3.36 9.11
C VAL A 61 -5.00 4.55 8.73
N GLN A 62 -4.88 5.64 9.48
CA GLN A 62 -5.66 6.85 9.22
C GLN A 62 -5.43 7.34 7.80
N GLN A 63 -4.16 7.57 7.47
CA GLN A 63 -3.84 8.15 6.19
C GLN A 63 -4.12 7.18 5.07
N CYS A 64 -4.11 5.89 5.36
CA CYS A 64 -4.42 4.90 4.32
C CYS A 64 -5.84 5.09 3.84
N ALA A 65 -6.73 5.49 4.74
CA ALA A 65 -8.11 5.79 4.35
C ALA A 65 -8.15 7.09 3.55
N GLU A 66 -7.34 8.05 3.98
CA GLU A 66 -7.21 9.34 3.31
C GLU A 66 -6.68 9.18 1.88
N VAL A 67 -5.56 8.47 1.78
CA VAL A 67 -4.91 8.19 0.54
C VAL A 67 -5.73 7.24 -0.32
N LEU A 68 -6.52 6.40 0.31
CA LEU A 68 -7.40 5.51 -0.40
C LEU A 68 -8.33 6.33 -1.28
N GLU A 69 -8.94 7.33 -0.68
CA GLU A 69 -9.92 8.14 -1.37
C GLU A 69 -9.29 9.10 -2.37
N GLU A 70 -8.12 9.62 -2.03
CA GLU A 70 -7.47 10.59 -2.89
C GLU A 70 -7.23 9.99 -4.27
N VAL A 71 -6.76 8.74 -4.30
CA VAL A 71 -6.49 8.07 -5.58
C VAL A 71 -7.77 7.53 -6.20
N THR A 72 -8.73 7.12 -5.38
CA THR A 72 -9.97 6.58 -5.91
C THR A 72 -10.84 7.67 -6.52
N ALA A 73 -10.59 8.92 -6.10
CA ALA A 73 -11.29 10.05 -6.65
C ALA A 73 -10.77 10.38 -8.05
N ILE A 74 -9.55 9.90 -8.33
CA ILE A 74 -8.96 10.07 -9.65
C ILE A 74 -9.42 8.93 -10.56
N GLY A 75 -9.95 7.89 -9.95
CA GLY A 75 -10.43 6.76 -10.71
C GLY A 75 -9.55 5.54 -10.54
N TYR A 76 -8.50 5.68 -9.74
CA TYR A 76 -7.56 4.59 -9.53
C TYR A 76 -7.97 3.74 -8.33
N PRO A 77 -8.30 2.45 -8.57
CA PRO A 77 -8.63 1.50 -7.51
C PRO A 77 -7.49 1.35 -6.50
N ALA A 78 -7.83 1.23 -5.23
CA ALA A 78 -6.81 1.09 -4.21
C ALA A 78 -7.31 0.25 -3.04
N LYS A 79 -6.38 -0.13 -2.18
CA LYS A 79 -6.70 -0.76 -0.91
C LYS A 79 -5.61 -0.52 0.11
N CYS A 80 -6.02 -0.26 1.33
CA CYS A 80 -5.09 -0.31 2.43
C CYS A 80 -5.53 -1.41 3.39
N CYS A 81 -4.81 -2.52 3.36
CA CYS A 81 -5.17 -3.64 4.22
C CYS A 81 -4.20 -3.80 5.39
N CYS A 82 -4.62 -4.54 6.42
CA CYS A 82 -3.74 -4.86 7.54
C CYS A 82 -3.38 -6.34 7.51
N GLU A 83 -2.17 -6.61 7.04
CA GLU A 83 -1.67 -7.97 6.88
C GLU A 83 -0.29 -7.87 6.24
N ASP A 84 0.65 -8.70 6.66
CA ASP A 84 1.98 -8.64 6.08
C ASP A 84 1.90 -8.88 4.60
N LEU A 85 2.53 -7.98 3.86
CA LEU A 85 2.69 -8.12 2.43
C LEU A 85 1.33 -8.07 1.72
N CYS A 86 0.29 -7.60 2.43
CA CYS A 86 -1.08 -7.67 1.92
C CYS A 86 -1.24 -6.85 0.64
N ASN A 87 -0.36 -5.89 0.45
CA ASN A 87 -0.46 -5.00 -0.71
C ASN A 87 0.03 -5.69 -1.99
N ARG A 88 0.13 -7.01 -1.92
CA ARG A 88 0.58 -7.84 -3.05
C ARG A 88 -0.57 -8.10 -4.01
N SER A 89 -1.77 -8.26 -3.47
CA SER A 89 -2.91 -8.65 -4.28
C SER A 89 -4.20 -8.16 -3.64
N GLU A 90 -5.33 -8.52 -4.24
CA GLU A 90 -6.63 -8.08 -3.76
C GLU A 90 -6.92 -8.62 -2.36
N GLN A 91 -6.38 -9.81 -2.07
CA GLN A 91 -6.56 -10.46 -0.77
C GLN A 91 -8.04 -10.60 -0.42
N MET A 21 2.97 -0.06 16.35
CA MET A 21 2.87 -1.45 15.82
C MET A 21 3.63 -1.57 14.51
N ALA A 22 4.73 -2.34 14.52
CA ALA A 22 5.48 -2.54 13.29
C ALA A 22 4.77 -3.52 12.37
N LEU A 23 4.88 -3.30 11.07
CA LEU A 23 4.20 -4.15 10.10
C LEU A 23 5.11 -4.42 8.91
N LYS A 24 4.71 -5.34 8.05
CA LYS A 24 5.45 -5.64 6.84
C LYS A 24 4.57 -5.53 5.61
N CYS A 25 4.87 -4.57 4.75
CA CYS A 25 4.15 -4.45 3.50
C CYS A 25 5.16 -4.36 2.35
N PHE A 26 4.71 -4.68 1.15
CA PHE A 26 5.54 -4.51 -0.02
C PHE A 26 5.67 -3.03 -0.36
N THR A 27 6.89 -2.52 -0.36
CA THR A 27 7.12 -1.14 -0.74
C THR A 27 7.86 -1.09 -2.07
N ARG A 28 7.51 -0.12 -2.89
CA ARG A 28 8.11 0.01 -4.21
C ARG A 28 9.43 0.76 -4.15
N ASN A 29 10.52 0.06 -4.38
CA ASN A 29 11.83 0.71 -4.45
C ASN A 29 12.16 0.95 -5.91
N GLY A 30 11.69 2.08 -6.43
CA GLY A 30 11.82 2.32 -7.84
C GLY A 30 10.87 1.46 -8.65
N ASP A 31 11.42 0.44 -9.30
CA ASP A 31 10.61 -0.51 -10.05
C ASP A 31 10.43 -1.80 -9.26
N ASP A 32 11.19 -1.92 -8.17
CA ASP A 32 11.16 -3.12 -7.33
C ASP A 32 10.01 -3.09 -6.32
N ARG A 33 9.49 -4.27 -6.00
CA ARG A 33 8.61 -4.39 -4.84
C ARG A 33 9.10 -5.50 -3.93
N THR A 34 9.55 -5.14 -2.74
CA THR A 34 10.07 -6.12 -1.79
C THR A 34 9.42 -5.99 -0.42
N VAL A 35 9.66 -6.97 0.44
CA VAL A 35 9.17 -6.92 1.81
C VAL A 35 9.95 -5.89 2.61
N THR A 36 9.26 -4.91 3.15
CA THR A 36 9.91 -3.96 4.03
C THR A 36 9.22 -3.93 5.38
N THR A 37 10.01 -3.99 6.43
CA THR A 37 9.49 -3.77 7.76
C THR A 37 9.28 -2.28 7.96
N CYS A 38 8.03 -1.89 8.10
CA CYS A 38 7.66 -0.48 8.09
C CYS A 38 7.76 0.10 9.49
N ALA A 39 7.64 1.43 9.58
CA ALA A 39 7.73 2.10 10.87
C ALA A 39 6.55 1.72 11.75
N GLU A 40 6.66 2.04 13.02
CA GLU A 40 5.74 1.50 14.00
C GLU A 40 4.38 2.21 13.95
N GLU A 41 4.33 3.40 13.39
CA GLU A 41 3.07 4.10 13.24
C GLU A 41 2.35 3.59 11.99
N GLN A 42 3.12 3.01 11.07
CA GLN A 42 2.56 2.42 9.87
C GLN A 42 1.87 1.11 10.22
N THR A 43 0.59 1.03 9.91
CA THR A 43 -0.24 -0.06 10.36
C THR A 43 -1.11 -0.61 9.23
N ARG A 44 -0.90 -0.09 8.03
CA ARG A 44 -1.61 -0.59 6.87
C ARG A 44 -0.66 -0.67 5.69
N CYS A 45 -1.20 -1.16 4.59
CA CYS A 45 -0.42 -1.31 3.38
C CYS A 45 -1.21 -0.74 2.21
N LEU A 46 -0.57 0.08 1.40
CA LEU A 46 -1.23 0.68 0.26
C LEU A 46 -1.03 -0.18 -0.98
N PHE A 47 -2.12 -0.47 -1.66
CA PHE A 47 -2.07 -1.11 -2.96
C PHE A 47 -2.90 -0.30 -3.95
N VAL A 48 -2.25 0.49 -4.76
CA VAL A 48 -2.95 1.21 -5.82
C VAL A 48 -2.77 0.47 -7.13
N GLN A 49 -3.87 0.24 -7.81
CA GLN A 49 -3.87 -0.49 -9.07
C GLN A 49 -3.91 0.49 -10.25
N LEU A 50 -2.85 0.48 -11.05
CA LEU A 50 -2.74 1.41 -12.16
C LEU A 50 -2.75 0.63 -13.47
N PRO A 51 -3.13 1.28 -14.59
CA PRO A 51 -3.09 0.66 -15.92
C PRO A 51 -1.66 0.56 -16.47
N TYR A 52 -0.68 0.66 -15.59
CA TYR A 52 0.72 0.61 -16.01
C TYR A 52 1.51 -0.28 -15.06
N SER A 53 1.43 0.07 -13.78
CA SER A 53 2.07 -0.70 -12.73
C SER A 53 1.21 -0.58 -11.48
N GLU A 54 1.76 -0.90 -10.33
CA GLU A 54 0.98 -0.74 -9.11
C GLU A 54 1.78 0.00 -8.04
N ILE A 55 1.07 0.78 -7.23
CA ILE A 55 1.71 1.48 -6.12
C ILE A 55 1.60 0.64 -4.87
N GLN A 56 2.70 0.49 -4.17
CA GLN A 56 2.70 -0.30 -2.96
C GLN A 56 3.60 0.35 -1.92
N GLU A 57 3.08 0.52 -0.71
CA GLU A 57 3.82 1.19 0.35
C GLU A 57 3.22 0.89 1.72
N CYS A 58 4.05 0.97 2.74
CA CYS A 58 3.56 0.94 4.10
C CYS A 58 3.08 2.32 4.50
N LYS A 59 1.84 2.40 4.94
CA LYS A 59 1.32 3.65 5.47
C LYS A 59 0.62 3.36 6.79
N THR A 60 0.07 4.38 7.40
CA THR A 60 -0.66 4.15 8.63
C THR A 60 -2.09 3.78 8.29
N VAL A 61 -2.86 3.32 9.28
CA VAL A 61 -4.25 2.98 9.00
C VAL A 61 -5.01 4.21 8.51
N GLN A 62 -4.89 5.30 9.26
CA GLN A 62 -5.55 6.56 8.92
C GLN A 62 -5.16 7.01 7.52
N GLN A 63 -3.85 7.11 7.29
CA GLN A 63 -3.34 7.59 6.01
C GLN A 63 -3.81 6.70 4.88
N CYS A 64 -3.93 5.39 5.12
CA CYS A 64 -4.30 4.46 4.05
C CYS A 64 -5.74 4.69 3.59
N ALA A 65 -6.62 5.07 4.51
CA ALA A 65 -7.99 5.38 4.15
C ALA A 65 -8.03 6.72 3.43
N GLU A 66 -7.17 7.62 3.86
CA GLU A 66 -7.04 8.95 3.28
C GLU A 66 -6.50 8.85 1.84
N VAL A 67 -5.41 8.14 1.67
CA VAL A 67 -4.78 7.93 0.41
C VAL A 67 -5.65 7.04 -0.48
N LEU A 68 -6.42 6.17 0.13
CA LEU A 68 -7.34 5.34 -0.62
C LEU A 68 -8.30 6.21 -1.42
N GLU A 69 -8.91 7.17 -0.74
CA GLU A 69 -9.93 8.00 -1.37
C GLU A 69 -9.32 9.00 -2.33
N GLU A 70 -8.15 9.51 -2.00
CA GLU A 70 -7.52 10.52 -2.83
C GLU A 70 -7.30 9.98 -4.25
N VAL A 71 -6.79 8.74 -4.34
CA VAL A 71 -6.54 8.14 -5.64
C VAL A 71 -7.82 7.57 -6.27
N THR A 72 -8.78 7.15 -5.44
CA THR A 72 -10.01 6.61 -5.97
C THR A 72 -10.90 7.71 -6.52
N ALA A 73 -10.70 8.93 -6.03
CA ALA A 73 -11.43 10.08 -6.53
C ALA A 73 -10.95 10.45 -7.93
N ILE A 74 -9.76 9.96 -8.28
CA ILE A 74 -9.19 10.17 -9.60
C ILE A 74 -9.70 9.10 -10.55
N GLY A 75 -10.20 8.01 -9.97
CA GLY A 75 -10.72 6.93 -10.78
C GLY A 75 -9.82 5.72 -10.76
N TYR A 76 -8.75 5.77 -9.98
CA TYR A 76 -7.80 4.69 -9.92
C TYR A 76 -8.17 3.68 -8.83
N PRO A 77 -8.12 2.38 -9.18
CA PRO A 77 -8.31 1.28 -8.22
C PRO A 77 -7.33 1.36 -7.05
N ALA A 78 -7.84 1.25 -5.83
CA ALA A 78 -6.95 1.31 -4.68
C ALA A 78 -7.47 0.46 -3.53
N LYS A 79 -6.57 0.05 -2.64
CA LYS A 79 -6.93 -0.67 -1.42
C LYS A 79 -5.87 -0.45 -0.35
N CYS A 80 -6.26 -0.59 0.90
CA CYS A 80 -5.29 -0.69 1.96
C CYS A 80 -5.69 -1.78 2.95
N CYS A 81 -4.87 -2.80 3.02
CA CYS A 81 -5.15 -3.96 3.87
C CYS A 81 -4.23 -3.98 5.09
N CYS A 82 -4.49 -4.90 6.01
CA CYS A 82 -3.65 -5.03 7.19
C CYS A 82 -3.26 -6.49 7.40
N GLU A 83 -2.03 -6.81 7.00
CA GLU A 83 -1.50 -8.17 7.02
C GLU A 83 -0.13 -8.13 6.37
N ASP A 84 0.79 -8.99 6.79
CA ASP A 84 2.11 -9.01 6.17
C ASP A 84 2.00 -9.21 4.69
N LEU A 85 2.57 -8.28 3.95
CA LEU A 85 2.76 -8.42 2.51
C LEU A 85 1.39 -8.44 1.80
N CYS A 86 0.34 -8.00 2.49
CA CYS A 86 -1.02 -8.15 1.99
C CYS A 86 -1.23 -7.33 0.71
N ASN A 87 -0.51 -6.23 0.59
CA ASN A 87 -0.65 -5.35 -0.57
C ASN A 87 0.02 -5.96 -1.80
N ARG A 88 0.28 -7.26 -1.73
CA ARG A 88 0.76 -8.04 -2.87
C ARG A 88 -0.31 -8.04 -3.95
N SER A 89 -1.55 -7.95 -3.51
CA SER A 89 -2.72 -7.93 -4.38
C SER A 89 -3.86 -7.26 -3.64
N GLU A 90 -5.08 -7.49 -4.09
CA GLU A 90 -6.24 -6.97 -3.38
C GLU A 90 -6.36 -7.64 -2.01
N GLN A 91 -6.37 -8.97 -2.02
CA GLN A 91 -6.42 -9.78 -0.80
C GLN A 91 -7.49 -9.28 0.16
N MET A 21 5.86 -3.60 17.72
CA MET A 21 5.43 -4.56 16.68
C MET A 21 5.93 -4.07 15.33
N ALA A 22 5.33 -4.59 14.26
CA ALA A 22 5.60 -4.12 12.90
C ALA A 22 4.80 -4.92 11.90
N LEU A 23 4.53 -4.32 10.76
CA LEU A 23 3.89 -5.03 9.66
C LEU A 23 4.78 -4.91 8.44
N LYS A 24 4.85 -5.92 7.59
CA LYS A 24 5.73 -5.83 6.46
C LYS A 24 4.97 -5.62 5.15
N CYS A 25 5.00 -4.41 4.66
CA CYS A 25 4.36 -4.10 3.40
C CYS A 25 5.42 -3.99 2.31
N PHE A 26 5.06 -4.27 1.07
CA PHE A 26 5.98 -4.11 -0.05
C PHE A 26 6.22 -2.63 -0.34
N THR A 27 7.39 -2.32 -0.82
CA THR A 27 7.68 -0.97 -1.30
C THR A 27 8.10 -1.02 -2.76
N ARG A 28 7.50 -0.16 -3.56
CA ARG A 28 7.74 -0.15 -5.01
C ARG A 28 8.97 0.70 -5.35
N ASN A 29 10.03 0.05 -5.81
CA ASN A 29 11.26 0.76 -6.13
C ASN A 29 11.96 0.14 -7.35
N GLY A 30 12.00 0.89 -8.45
CA GLY A 30 12.66 0.39 -9.65
C GLY A 30 12.00 -0.87 -10.19
N ASP A 31 10.69 -0.93 -10.03
CA ASP A 31 9.88 -2.10 -10.42
C ASP A 31 10.17 -3.30 -9.53
N ASP A 32 11.05 -3.13 -8.57
CA ASP A 32 11.25 -4.13 -7.55
C ASP A 32 10.23 -3.92 -6.45
N ARG A 33 9.86 -4.99 -5.77
CA ARG A 33 8.99 -4.83 -4.64
C ARG A 33 9.73 -5.30 -3.39
N THR A 34 10.06 -4.36 -2.54
CA THR A 34 10.91 -4.66 -1.41
C THR A 34 10.07 -4.98 -0.17
N VAL A 35 10.34 -6.11 0.45
CA VAL A 35 9.65 -6.46 1.68
C VAL A 35 10.21 -5.63 2.82
N THR A 36 9.46 -4.61 3.23
CA THR A 36 9.95 -3.69 4.23
C THR A 36 9.11 -3.75 5.50
N THR A 37 9.74 -3.49 6.63
CA THR A 37 9.04 -3.48 7.89
C THR A 37 8.50 -2.07 8.18
N CYS A 38 7.27 -2.00 8.65
CA CYS A 38 6.65 -0.71 8.91
C CYS A 38 6.10 -0.69 10.34
N ALA A 39 6.10 0.48 10.96
CA ALA A 39 5.83 0.60 12.40
C ALA A 39 4.34 0.61 12.74
N GLU A 40 4.07 0.78 14.02
CA GLU A 40 2.72 0.69 14.58
C GLU A 40 1.77 1.70 13.96
N GLU A 41 2.22 2.93 13.79
CA GLU A 41 1.39 3.96 13.19
C GLU A 41 1.04 3.58 11.75
N GLN A 42 1.89 2.75 11.15
CA GLN A 42 1.67 2.29 9.79
C GLN A 42 1.30 0.82 9.76
N THR A 43 0.31 0.45 10.56
CA THR A 43 -0.16 -0.93 10.57
C THR A 43 -1.08 -1.24 9.39
N ARG A 44 -0.90 -0.48 8.31
CA ARG A 44 -1.58 -0.78 7.06
C ARG A 44 -0.59 -0.76 5.92
N CYS A 45 -1.11 -1.03 4.73
CA CYS A 45 -0.24 -1.18 3.56
C CYS A 45 -0.93 -0.58 2.34
N LEU A 46 -0.22 0.24 1.59
CA LEU A 46 -0.82 0.92 0.45
C LEU A 46 -0.46 0.23 -0.85
N PHE A 47 -1.49 -0.07 -1.63
CA PHE A 47 -1.33 -0.62 -2.96
C PHE A 47 -2.38 -0.03 -3.89
N VAL A 48 -1.96 0.72 -4.88
CA VAL A 48 -2.90 1.31 -5.83
C VAL A 48 -2.83 0.57 -7.16
N GLN A 49 -3.99 0.30 -7.76
CA GLN A 49 -4.00 -0.37 -9.06
C GLN A 49 -3.59 0.60 -10.15
N LEU A 50 -2.75 0.12 -11.04
CA LEU A 50 -2.41 0.87 -12.24
C LEU A 50 -2.55 -0.03 -13.46
N PRO A 51 -3.01 0.52 -14.59
CA PRO A 51 -3.21 -0.26 -15.82
C PRO A 51 -1.90 -0.64 -16.50
N TYR A 52 -0.79 -0.17 -15.93
CA TYR A 52 0.52 -0.42 -16.51
C TYR A 52 1.59 -0.49 -15.43
N SER A 53 1.17 -0.43 -14.17
CA SER A 53 2.10 -0.39 -13.05
C SER A 53 1.38 -0.79 -11.76
N GLU A 54 1.98 -0.45 -10.63
CA GLU A 54 1.36 -0.66 -9.33
C GLU A 54 2.09 0.16 -8.28
N ILE A 55 1.35 0.64 -7.28
CA ILE A 55 1.95 1.39 -6.18
C ILE A 55 2.01 0.54 -4.93
N GLN A 56 3.13 0.60 -4.22
CA GLN A 56 3.30 -0.22 -3.03
C GLN A 56 4.16 0.54 -2.03
N GLU A 57 3.68 0.61 -0.78
CA GLU A 57 4.41 1.29 0.28
C GLU A 57 3.62 1.20 1.59
N CYS A 58 4.30 1.33 2.73
CA CYS A 58 3.58 1.35 4.00
C CYS A 58 3.02 2.73 4.24
N LYS A 59 1.83 2.79 4.79
CA LYS A 59 1.20 4.06 5.11
C LYS A 59 0.59 3.98 6.48
N THR A 60 0.43 5.12 7.14
CA THR A 60 -0.22 5.08 8.43
C THR A 60 -1.68 4.75 8.22
N VAL A 61 -2.27 4.03 9.17
CA VAL A 61 -3.63 3.52 9.03
C VAL A 61 -4.58 4.63 8.53
N GLN A 62 -4.60 5.75 9.25
CA GLN A 62 -5.49 6.86 8.91
C GLN A 62 -5.16 7.44 7.54
N GLN A 63 -3.90 7.84 7.36
CA GLN A 63 -3.50 8.52 6.15
C GLN A 63 -3.62 7.60 4.96
N CYS A 64 -3.53 6.30 5.19
CA CYS A 64 -3.69 5.34 4.11
C CYS A 64 -5.15 5.28 3.69
N ALA A 65 -6.05 5.46 4.65
CA ALA A 65 -7.46 5.58 4.31
C ALA A 65 -7.73 6.91 3.59
N GLU A 66 -6.97 7.93 3.99
CA GLU A 66 -7.04 9.23 3.35
C GLU A 66 -6.56 9.15 1.90
N VAL A 67 -5.38 8.56 1.71
CA VAL A 67 -4.79 8.40 0.42
C VAL A 67 -5.60 7.40 -0.42
N LEU A 68 -6.29 6.48 0.25
CA LEU A 68 -7.18 5.59 -0.47
C LEU A 68 -8.21 6.43 -1.21
N GLU A 69 -8.81 7.38 -0.51
CA GLU A 69 -9.88 8.15 -1.08
C GLU A 69 -9.38 9.15 -2.11
N GLU A 70 -8.20 9.71 -1.89
CA GLU A 70 -7.68 10.69 -2.81
C GLU A 70 -7.53 10.08 -4.20
N VAL A 71 -7.03 8.84 -4.27
CA VAL A 71 -6.87 8.15 -5.55
C VAL A 71 -8.18 7.56 -6.05
N THR A 72 -9.00 7.08 -5.13
CA THR A 72 -10.23 6.39 -5.48
C THR A 72 -11.27 7.37 -6.00
N ALA A 73 -11.21 8.61 -5.52
CA ALA A 73 -12.09 9.65 -6.05
C ALA A 73 -11.70 10.00 -7.49
N ILE A 74 -10.45 9.73 -7.84
CA ILE A 74 -9.97 9.95 -9.20
C ILE A 74 -10.43 8.79 -10.09
N GLY A 75 -10.64 7.64 -9.47
CA GLY A 75 -11.01 6.47 -10.23
C GLY A 75 -9.95 5.40 -10.18
N TYR A 76 -8.87 5.67 -9.44
CA TYR A 76 -7.81 4.71 -9.30
C TYR A 76 -7.98 3.89 -8.03
N PRO A 77 -8.36 2.61 -8.17
CA PRO A 77 -8.54 1.69 -7.04
C PRO A 77 -7.30 1.56 -6.17
N ALA A 78 -7.48 1.62 -4.87
CA ALA A 78 -6.37 1.37 -3.96
C ALA A 78 -6.76 0.37 -2.88
N LYS A 79 -5.76 -0.21 -2.25
CA LYS A 79 -5.97 -1.20 -1.20
C LYS A 79 -5.14 -0.83 0.02
N CYS A 80 -5.70 -1.00 1.20
CA CYS A 80 -4.94 -0.81 2.44
C CYS A 80 -5.50 -1.70 3.53
N CYS A 81 -4.75 -2.73 3.89
CA CYS A 81 -5.22 -3.76 4.80
C CYS A 81 -4.17 -4.12 5.84
N CYS A 82 -4.55 -4.94 6.81
CA CYS A 82 -3.62 -5.35 7.84
C CYS A 82 -3.23 -6.82 7.64
N GLU A 83 -2.05 -7.02 7.08
CA GLU A 83 -1.53 -8.34 6.75
C GLU A 83 -0.17 -8.16 6.12
N ASP A 84 0.77 -9.05 6.40
CA ASP A 84 2.06 -8.92 5.75
C ASP A 84 1.90 -9.08 4.26
N LEU A 85 2.58 -8.24 3.52
CA LEU A 85 2.61 -8.33 2.08
C LEU A 85 1.20 -8.11 1.52
N CYS A 86 0.33 -7.46 2.31
CA CYS A 86 -1.07 -7.31 1.92
C CYS A 86 -1.20 -6.36 0.74
N ASN A 87 -0.29 -5.39 0.65
CA ASN A 87 -0.27 -4.51 -0.51
C ASN A 87 0.43 -5.24 -1.65
N ARG A 88 -0.29 -6.20 -2.22
CA ARG A 88 0.28 -7.16 -3.15
C ARG A 88 -0.36 -7.01 -4.51
N SER A 89 0.37 -7.41 -5.55
CA SER A 89 -0.15 -7.40 -6.89
C SER A 89 -1.15 -8.53 -7.08
N GLU A 90 -2.43 -8.21 -6.93
CA GLU A 90 -3.48 -9.21 -7.04
C GLU A 90 -4.16 -9.18 -8.40
N GLN A 91 -4.23 -7.97 -8.99
CA GLN A 91 -4.80 -7.77 -10.33
C GLN A 91 -6.06 -8.61 -10.57
N MET A 21 5.04 -4.29 16.92
CA MET A 21 3.93 -4.73 16.05
C MET A 21 4.12 -4.20 14.63
N ALA A 22 5.38 -3.92 14.30
CA ALA A 22 5.73 -3.48 12.95
C ALA A 22 5.20 -4.44 11.89
N LEU A 23 4.57 -3.89 10.87
CA LEU A 23 3.98 -4.72 9.83
C LEU A 23 4.82 -4.64 8.57
N LYS A 24 4.93 -5.73 7.84
CA LYS A 24 5.75 -5.73 6.64
C LYS A 24 4.88 -5.63 5.39
N CYS A 25 5.01 -4.53 4.67
CA CYS A 25 4.26 -4.36 3.45
C CYS A 25 5.22 -4.34 2.27
N PHE A 26 4.69 -4.34 1.05
CA PHE A 26 5.51 -4.17 -0.13
C PHE A 26 5.80 -2.70 -0.39
N THR A 27 7.04 -2.39 -0.71
CA THR A 27 7.38 -1.03 -1.11
C THR A 27 7.86 -1.01 -2.55
N ARG A 28 7.31 -0.11 -3.35
CA ARG A 28 7.65 -0.05 -4.77
C ARG A 28 8.72 1.00 -5.01
N ASN A 29 9.92 0.55 -5.38
CA ASN A 29 11.01 1.47 -5.71
C ASN A 29 11.78 0.92 -6.90
N GLY A 30 12.00 1.76 -7.90
CA GLY A 30 12.62 1.28 -9.12
C GLY A 30 11.71 0.30 -9.83
N ASP A 31 10.42 0.41 -9.52
CA ASP A 31 9.38 -0.49 -10.01
C ASP A 31 9.59 -1.92 -9.50
N ASP A 32 10.43 -2.06 -8.49
CA ASP A 32 10.56 -3.33 -7.79
C ASP A 32 9.66 -3.34 -6.57
N ARG A 33 9.18 -4.52 -6.20
CA ARG A 33 8.38 -4.61 -5.00
C ARG A 33 9.11 -5.43 -3.95
N THR A 34 9.53 -4.77 -2.90
CA THR A 34 10.34 -5.43 -1.90
C THR A 34 9.60 -5.55 -0.58
N VAL A 35 9.86 -6.63 0.15
CA VAL A 35 9.27 -6.81 1.46
C VAL A 35 10.06 -6.02 2.50
N THR A 36 9.46 -4.95 2.99
CA THR A 36 10.08 -4.16 4.02
C THR A 36 9.20 -4.13 5.26
N THR A 37 9.83 -4.04 6.42
CA THR A 37 9.07 -3.97 7.65
C THR A 37 8.83 -2.51 8.01
N CYS A 38 7.57 -2.12 8.00
CA CYS A 38 7.17 -0.75 8.26
C CYS A 38 6.99 -0.56 9.76
N ALA A 39 7.03 0.69 10.22
CA ALA A 39 7.09 0.95 11.65
C ALA A 39 5.74 0.71 12.34
N GLU A 40 5.73 0.94 13.65
CA GLU A 40 4.58 0.62 14.50
C GLU A 40 3.34 1.44 14.14
N GLU A 41 3.54 2.70 13.76
CA GLU A 41 2.43 3.59 13.51
C GLU A 41 1.75 3.28 12.17
N GLN A 42 2.52 2.72 11.25
CA GLN A 42 1.98 2.40 9.94
C GLN A 42 1.59 0.93 9.88
N THR A 43 0.40 0.64 10.42
CA THR A 43 -0.07 -0.74 10.50
C THR A 43 -1.00 -1.10 9.34
N ARG A 44 -0.91 -0.34 8.26
CA ARG A 44 -1.61 -0.71 7.04
C ARG A 44 -0.65 -0.76 5.88
N CYS A 45 -1.20 -1.10 4.74
CA CYS A 45 -0.35 -1.32 3.56
C CYS A 45 -1.04 -0.73 2.33
N LEU A 46 -0.31 0.03 1.55
CA LEU A 46 -0.88 0.79 0.44
C LEU A 46 -0.57 0.12 -0.90
N PHE A 47 -1.61 -0.05 -1.70
CA PHE A 47 -1.48 -0.66 -3.03
C PHE A 47 -2.47 -0.04 -4.01
N VAL A 48 -1.98 0.82 -4.89
CA VAL A 48 -2.82 1.45 -5.89
C VAL A 48 -2.63 0.78 -7.24
N GLN A 49 -3.72 0.52 -7.95
CA GLN A 49 -3.65 -0.15 -9.25
C GLN A 49 -3.19 0.82 -10.33
N LEU A 50 -2.36 0.33 -11.22
CA LEU A 50 -1.92 1.11 -12.37
C LEU A 50 -2.05 0.26 -13.63
N PRO A 51 -2.22 0.89 -14.80
CA PRO A 51 -2.34 0.18 -16.08
C PRO A 51 -1.01 -0.37 -16.60
N TYR A 52 -0.03 -0.48 -15.70
CA TYR A 52 1.28 -0.99 -16.08
C TYR A 52 2.04 -1.48 -14.87
N SER A 53 2.07 -0.66 -13.83
CA SER A 53 2.75 -1.02 -12.59
C SER A 53 1.76 -1.02 -11.43
N GLU A 54 2.25 -0.78 -10.23
CA GLU A 54 1.39 -0.71 -9.06
C GLU A 54 2.07 0.14 -7.97
N ILE A 55 1.28 0.88 -7.22
CA ILE A 55 1.84 1.66 -6.11
C ILE A 55 1.83 0.83 -4.85
N GLN A 56 2.98 0.76 -4.19
CA GLN A 56 3.08 -0.05 -3.00
C GLN A 56 3.92 0.71 -1.98
N GLU A 57 3.41 0.78 -0.76
CA GLU A 57 3.97 1.67 0.25
C GLU A 57 3.33 1.34 1.61
N CYS A 58 4.03 1.62 2.69
CA CYS A 58 3.42 1.46 4.00
C CYS A 58 2.81 2.79 4.42
N LYS A 59 1.55 2.76 4.82
CA LYS A 59 0.88 3.98 5.22
C LYS A 59 0.18 3.75 6.55
N THR A 60 0.09 4.79 7.37
CA THR A 60 -0.67 4.69 8.61
C THR A 60 -2.12 4.43 8.28
N VAL A 61 -2.84 3.79 9.19
CA VAL A 61 -4.23 3.42 8.93
C VAL A 61 -5.03 4.61 8.39
N GLN A 62 -4.89 5.76 9.07
CA GLN A 62 -5.60 6.97 8.68
C GLN A 62 -5.13 7.49 7.33
N GLN A 63 -3.83 7.73 7.22
CA GLN A 63 -3.25 8.30 6.01
C GLN A 63 -3.55 7.41 4.82
N CYS A 64 -3.59 6.12 5.07
CA CYS A 64 -3.85 5.15 4.02
C CYS A 64 -5.32 5.19 3.60
N ALA A 65 -6.21 5.48 4.54
CA ALA A 65 -7.61 5.68 4.20
C ALA A 65 -7.78 7.00 3.46
N GLU A 66 -6.98 7.99 3.87
CA GLU A 66 -6.93 9.29 3.22
C GLU A 66 -6.50 9.14 1.76
N VAL A 67 -5.38 8.46 1.58
CA VAL A 67 -4.82 8.24 0.28
C VAL A 67 -5.66 7.27 -0.55
N LEU A 68 -6.37 6.38 0.12
CA LEU A 68 -7.26 5.48 -0.59
C LEU A 68 -8.29 6.31 -1.36
N GLU A 69 -8.93 7.23 -0.66
CA GLU A 69 -10.01 7.98 -1.26
C GLU A 69 -9.52 9.01 -2.26
N GLU A 70 -8.34 9.57 -2.00
CA GLU A 70 -7.80 10.57 -2.91
C GLU A 70 -7.62 9.96 -4.30
N VAL A 71 -7.08 8.74 -4.35
CA VAL A 71 -6.85 8.07 -5.62
C VAL A 71 -8.14 7.44 -6.17
N THR A 72 -8.97 6.94 -5.28
CA THR A 72 -10.19 6.24 -5.68
C THR A 72 -11.22 7.22 -6.23
N ALA A 73 -11.16 8.47 -5.77
CA ALA A 73 -12.01 9.51 -6.33
C ALA A 73 -11.54 9.89 -7.73
N ILE A 74 -10.26 9.64 -8.01
CA ILE A 74 -9.70 9.88 -9.33
C ILE A 74 -10.11 8.78 -10.29
N GLY A 75 -10.24 7.57 -9.75
CA GLY A 75 -10.55 6.43 -10.57
C GLY A 75 -9.49 5.36 -10.47
N TYR A 76 -8.50 5.61 -9.62
CA TYR A 76 -7.43 4.65 -9.40
C TYR A 76 -7.70 3.82 -8.15
N PRO A 77 -8.07 2.54 -8.33
CA PRO A 77 -8.30 1.61 -7.23
C PRO A 77 -7.11 1.50 -6.29
N ALA A 78 -7.37 1.55 -4.99
CA ALA A 78 -6.30 1.33 -4.03
C ALA A 78 -6.73 0.32 -2.98
N LYS A 79 -5.75 -0.31 -2.35
CA LYS A 79 -6.01 -1.32 -1.34
C LYS A 79 -5.21 -0.99 -0.08
N CYS A 80 -5.79 -1.25 1.08
CA CYS A 80 -5.08 -1.04 2.34
C CYS A 80 -5.68 -1.92 3.43
N CYS A 81 -4.91 -2.89 3.89
CA CYS A 81 -5.40 -3.86 4.85
C CYS A 81 -4.31 -4.27 5.85
N CYS A 82 -4.67 -5.05 6.87
CA CYS A 82 -3.71 -5.40 7.91
C CYS A 82 -3.28 -6.87 7.81
N GLU A 83 -2.09 -7.07 7.30
CA GLU A 83 -1.44 -8.39 7.24
C GLU A 83 -0.11 -8.21 6.52
N ASP A 84 0.81 -9.14 6.65
CA ASP A 84 2.08 -8.93 5.96
C ASP A 84 1.86 -9.02 4.48
N LEU A 85 2.44 -8.08 3.77
CA LEU A 85 2.39 -8.09 2.32
C LEU A 85 0.95 -7.93 1.84
N CYS A 86 0.09 -7.37 2.71
CA CYS A 86 -1.33 -7.28 2.40
C CYS A 86 -1.57 -6.38 1.20
N ASN A 87 -0.68 -5.43 0.99
CA ASN A 87 -0.74 -4.62 -0.22
C ASN A 87 -0.16 -5.43 -1.38
N ARG A 88 -0.92 -6.44 -1.76
CA ARG A 88 -0.45 -7.50 -2.63
C ARG A 88 -1.26 -7.54 -3.92
N SER A 89 -0.53 -7.64 -5.01
CA SER A 89 -1.13 -7.61 -6.34
C SER A 89 -2.04 -8.80 -6.57
N GLU A 90 -3.12 -8.58 -7.28
CA GLU A 90 -4.04 -9.65 -7.64
C GLU A 90 -3.38 -10.54 -8.67
N GLN A 91 -2.80 -9.89 -9.70
CA GLN A 91 -1.99 -10.55 -10.74
C GLN A 91 -2.50 -11.95 -11.09
N MET A 21 2.05 -2.50 16.43
CA MET A 21 2.65 -3.61 15.66
C MET A 21 3.07 -3.13 14.29
N ALA A 22 4.38 -3.12 14.05
CA ALA A 22 4.91 -2.76 12.74
C ALA A 22 4.46 -3.75 11.67
N LEU A 23 3.77 -3.25 10.66
CA LEU A 23 3.25 -4.11 9.62
C LEU A 23 4.13 -3.98 8.38
N LYS A 24 4.77 -5.07 7.98
CA LYS A 24 5.70 -5.04 6.86
C LYS A 24 4.98 -5.14 5.53
N CYS A 25 5.06 -4.07 4.76
CA CYS A 25 4.41 -4.03 3.47
C CYS A 25 5.45 -3.98 2.36
N PHE A 26 5.03 -4.29 1.14
CA PHE A 26 5.91 -4.22 -0.01
C PHE A 26 6.05 -2.79 -0.48
N THR A 27 7.27 -2.42 -0.83
CA THR A 27 7.55 -1.10 -1.38
C THR A 27 8.35 -1.26 -2.67
N ARG A 28 7.93 -0.58 -3.73
CA ARG A 28 8.61 -0.74 -5.01
C ARG A 28 9.77 0.23 -5.16
N ASN A 29 10.98 -0.31 -5.16
CA ASN A 29 12.17 0.50 -5.41
C ASN A 29 12.77 0.15 -6.76
N GLY A 30 12.83 1.13 -7.65
CA GLY A 30 13.26 0.84 -9.00
C GLY A 30 12.13 0.25 -9.82
N ASP A 31 11.86 -1.02 -9.59
CA ASP A 31 10.73 -1.68 -10.23
C ASP A 31 10.19 -2.80 -9.35
N ASP A 32 11.10 -3.60 -8.80
CA ASP A 32 10.69 -4.74 -7.98
C ASP A 32 10.00 -4.27 -6.71
N ARG A 33 9.43 -5.20 -5.98
CA ARG A 33 8.76 -4.86 -4.75
C ARG A 33 9.43 -5.60 -3.60
N THR A 34 10.04 -4.84 -2.72
CA THR A 34 10.80 -5.43 -1.63
C THR A 34 10.00 -5.40 -0.33
N VAL A 35 10.16 -6.42 0.50
CA VAL A 35 9.55 -6.43 1.82
C VAL A 35 10.26 -5.44 2.73
N THR A 36 9.63 -4.33 3.01
CA THR A 36 10.20 -3.39 3.94
C THR A 36 9.49 -3.46 5.27
N THR A 37 10.25 -3.43 6.34
CA THR A 37 9.66 -3.41 7.65
C THR A 37 9.34 -1.97 8.04
N CYS A 38 8.05 -1.69 8.13
CA CYS A 38 7.59 -0.33 8.34
C CYS A 38 7.49 -0.05 9.84
N ALA A 39 7.22 1.20 10.20
CA ALA A 39 7.20 1.57 11.61
C ALA A 39 5.88 1.18 12.26
N GLU A 40 5.86 1.21 13.59
CA GLU A 40 4.65 0.94 14.37
C GLU A 40 3.48 1.80 13.90
N GLU A 41 3.81 2.95 13.34
CA GLU A 41 2.82 3.88 12.84
C GLU A 41 2.01 3.25 11.69
N GLN A 42 2.68 2.49 10.82
CA GLN A 42 1.95 1.90 9.71
C GLN A 42 1.27 0.62 10.17
N THR A 43 -0.01 0.73 10.43
CA THR A 43 -0.79 -0.44 10.79
C THR A 43 -1.60 -0.91 9.59
N ARG A 44 -1.14 -0.53 8.40
CA ARG A 44 -1.82 -0.83 7.17
C ARG A 44 -0.81 -0.90 6.02
N CYS A 45 -1.30 -1.21 4.84
CA CYS A 45 -0.45 -1.31 3.66
C CYS A 45 -1.20 -0.73 2.46
N LEU A 46 -0.56 0.13 1.70
CA LEU A 46 -1.20 0.74 0.55
C LEU A 46 -0.86 -0.04 -0.71
N PHE A 47 -1.90 -0.36 -1.47
CA PHE A 47 -1.72 -0.93 -2.81
C PHE A 47 -2.75 -0.32 -3.76
N VAL A 48 -2.27 0.45 -4.73
CA VAL A 48 -3.15 1.02 -5.75
C VAL A 48 -2.90 0.33 -7.08
N GLN A 49 -3.96 -0.05 -7.77
CA GLN A 49 -3.78 -0.67 -9.08
C GLN A 49 -3.78 0.39 -10.17
N LEU A 50 -2.80 0.30 -11.05
CA LEU A 50 -2.68 1.25 -12.15
C LEU A 50 -2.74 0.50 -13.47
N PRO A 51 -3.20 1.15 -14.54
CA PRO A 51 -3.31 0.51 -15.86
C PRO A 51 -1.93 0.19 -16.46
N TYR A 52 -0.88 0.82 -15.92
CA TYR A 52 0.46 0.62 -16.46
C TYR A 52 1.48 0.39 -15.36
N SER A 53 1.03 0.45 -14.11
CA SER A 53 1.97 0.36 -12.99
C SER A 53 1.24 -0.09 -11.73
N GLU A 54 1.90 0.01 -10.59
CA GLU A 54 1.29 -0.31 -9.30
C GLU A 54 1.87 0.58 -8.22
N ILE A 55 1.06 0.91 -7.22
CA ILE A 55 1.53 1.69 -6.08
C ILE A 55 1.60 0.81 -4.84
N GLN A 56 2.74 0.82 -4.17
CA GLN A 56 2.88 0.02 -2.96
C GLN A 56 3.67 0.78 -1.91
N GLU A 57 3.13 0.83 -0.69
CA GLU A 57 3.77 1.55 0.42
C GLU A 57 3.20 1.09 1.75
N CYS A 58 3.95 1.30 2.81
CA CYS A 58 3.41 1.17 4.15
C CYS A 58 2.66 2.44 4.46
N LYS A 59 1.38 2.32 4.68
CA LYS A 59 0.60 3.48 5.05
C LYS A 59 -0.10 3.19 6.35
N THR A 60 -0.30 4.21 7.14
CA THR A 60 -0.98 4.02 8.40
C THR A 60 -2.44 3.67 8.10
N VAL A 61 -3.17 3.15 9.08
CA VAL A 61 -4.59 2.86 8.83
C VAL A 61 -5.33 4.14 8.44
N GLN A 62 -5.05 5.23 9.14
CA GLN A 62 -5.70 6.50 8.83
C GLN A 62 -5.30 6.98 7.45
N GLN A 63 -4.00 7.08 7.24
CA GLN A 63 -3.47 7.63 6.01
C GLN A 63 -3.92 6.80 4.83
N CYS A 64 -4.07 5.50 5.01
CA CYS A 64 -4.51 4.65 3.92
C CYS A 64 -5.95 5.01 3.54
N ALA A 65 -6.76 5.41 4.51
CA ALA A 65 -8.11 5.88 4.20
C ALA A 65 -8.05 7.22 3.49
N GLU A 66 -7.15 8.08 3.96
CA GLU A 66 -6.89 9.38 3.36
C GLU A 66 -6.50 9.23 1.89
N VAL A 67 -5.51 8.39 1.67
CA VAL A 67 -4.95 8.16 0.38
C VAL A 67 -5.86 7.31 -0.49
N LEU A 68 -6.68 6.49 0.14
CA LEU A 68 -7.60 5.64 -0.59
C LEU A 68 -8.54 6.51 -1.39
N GLU A 69 -9.13 7.49 -0.72
CA GLU A 69 -10.11 8.36 -1.34
C GLU A 69 -9.46 9.36 -2.28
N GLU A 70 -8.28 9.83 -1.94
CA GLU A 70 -7.64 10.83 -2.77
C GLU A 70 -7.46 10.31 -4.21
N VAL A 71 -6.94 9.08 -4.33
CA VAL A 71 -6.73 8.50 -5.66
C VAL A 71 -8.02 7.92 -6.24
N THR A 72 -8.88 7.38 -5.38
CA THR A 72 -10.12 6.77 -5.86
C THR A 72 -11.11 7.83 -6.35
N ALA A 73 -10.97 9.05 -5.85
CA ALA A 73 -11.78 10.15 -6.33
C ALA A 73 -11.34 10.53 -7.75
N ILE A 74 -10.13 10.16 -8.10
CA ILE A 74 -9.59 10.39 -9.43
C ILE A 74 -9.99 9.22 -10.34
N GLY A 75 -10.34 8.11 -9.72
CA GLY A 75 -10.72 6.94 -10.50
C GLY A 75 -9.71 5.82 -10.38
N TYR A 76 -8.79 5.94 -9.43
CA TYR A 76 -7.76 4.93 -9.26
C TYR A 76 -8.12 3.96 -8.12
N PRO A 77 -8.25 2.68 -8.46
CA PRO A 77 -8.55 1.62 -7.50
C PRO A 77 -7.43 1.42 -6.49
N ALA A 78 -7.77 1.54 -5.21
CA ALA A 78 -6.78 1.37 -4.16
C ALA A 78 -7.30 0.50 -3.02
N LYS A 79 -6.38 -0.13 -2.29
CA LYS A 79 -6.73 -0.86 -1.09
C LYS A 79 -5.70 -0.64 0.00
N CYS A 80 -6.16 -0.75 1.23
CA CYS A 80 -5.26 -0.97 2.33
C CYS A 80 -5.75 -2.14 3.16
N CYS A 81 -4.95 -3.18 3.20
CA CYS A 81 -5.26 -4.34 4.02
C CYS A 81 -4.34 -4.40 5.25
N CYS A 82 -4.76 -5.12 6.29
CA CYS A 82 -3.92 -5.27 7.47
C CYS A 82 -3.38 -6.69 7.54
N GLU A 83 -2.14 -6.85 7.13
CA GLU A 83 -1.46 -8.15 7.15
C GLU A 83 -0.11 -7.98 6.47
N ASP A 84 0.92 -8.68 6.95
CA ASP A 84 2.21 -8.58 6.28
C ASP A 84 2.07 -9.06 4.86
N LEU A 85 2.75 -8.35 3.96
CA LEU A 85 2.89 -8.78 2.58
C LEU A 85 1.54 -8.75 1.84
N CYS A 86 0.53 -8.10 2.43
CA CYS A 86 -0.82 -8.14 1.86
C CYS A 86 -0.94 -7.20 0.67
N ASN A 87 -0.21 -6.09 0.69
CA ASN A 87 -0.34 -5.08 -0.36
C ASN A 87 0.44 -5.47 -1.61
N ARG A 88 0.76 -6.74 -1.72
CA ARG A 88 1.58 -7.22 -2.84
C ARG A 88 0.71 -7.70 -3.99
N SER A 89 -0.26 -8.55 -3.69
CA SER A 89 -1.07 -9.15 -4.72
C SER A 89 -2.42 -9.60 -4.16
N GLU A 90 -3.50 -9.05 -4.69
CA GLU A 90 -4.83 -9.44 -4.24
C GLU A 90 -5.32 -10.66 -5.01
N GLN A 91 -4.78 -10.85 -6.20
CA GLN A 91 -5.16 -12.00 -7.01
C GLN A 91 -4.15 -13.13 -6.81
N MET A 21 2.77 -0.85 16.02
CA MET A 21 3.03 -2.18 15.45
C MET A 21 3.65 -2.07 14.07
N ALA A 22 4.94 -2.37 13.97
CA ALA A 22 5.60 -2.37 12.67
C ALA A 22 5.05 -3.49 11.78
N LEU A 23 4.59 -3.11 10.60
CA LEU A 23 4.06 -4.08 9.65
C LEU A 23 5.01 -4.20 8.46
N LYS A 24 4.93 -5.31 7.74
CA LYS A 24 5.73 -5.44 6.55
C LYS A 24 4.86 -5.50 5.31
N CYS A 25 4.88 -4.44 4.52
CA CYS A 25 4.15 -4.43 3.25
C CYS A 25 5.15 -4.41 2.10
N PHE A 26 4.72 -4.91 0.94
CA PHE A 26 5.60 -4.85 -0.22
C PHE A 26 5.72 -3.41 -0.70
N THR A 27 6.93 -2.98 -0.99
CA THR A 27 7.14 -1.63 -1.46
C THR A 27 8.05 -1.63 -2.69
N ARG A 28 7.62 -0.95 -3.74
CA ARG A 28 8.47 -0.84 -4.92
C ARG A 28 9.46 0.30 -4.73
N ASN A 29 10.73 -0.05 -4.56
CA ASN A 29 11.78 0.94 -4.39
C ASN A 29 12.98 0.53 -5.22
N GLY A 30 13.66 1.50 -5.81
CA GLY A 30 14.65 1.16 -6.82
C GLY A 30 13.97 0.76 -8.10
N ASP A 31 13.34 -0.42 -8.08
CA ASP A 31 12.40 -0.79 -9.12
C ASP A 31 11.27 -1.61 -8.52
N ASP A 32 11.46 -2.93 -8.44
CA ASP A 32 10.36 -3.82 -8.03
C ASP A 32 10.25 -3.95 -6.52
N ARG A 33 9.26 -4.71 -6.10
CA ARG A 33 8.88 -4.83 -4.70
C ARG A 33 9.84 -5.70 -3.90
N THR A 34 10.17 -5.25 -2.72
CA THR A 34 10.90 -6.08 -1.78
C THR A 34 10.17 -6.08 -0.43
N VAL A 35 10.48 -7.05 0.42
CA VAL A 35 9.83 -7.12 1.72
C VAL A 35 10.37 -6.04 2.64
N THR A 36 9.57 -5.01 2.86
CA THR A 36 9.99 -3.92 3.71
C THR A 36 9.13 -3.82 4.95
N THR A 37 9.76 -3.39 6.03
CA THR A 37 9.06 -3.18 7.27
C THR A 37 8.87 -1.69 7.50
N CYS A 38 7.63 -1.27 7.74
CA CYS A 38 7.36 0.12 8.03
C CYS A 38 7.41 0.36 9.53
N ALA A 39 7.25 1.60 9.95
CA ALA A 39 7.45 1.93 11.36
C ALA A 39 6.19 1.68 12.18
N GLU A 40 6.26 2.02 13.46
CA GLU A 40 5.20 1.71 14.42
C GLU A 40 3.87 2.36 14.07
N GLU A 41 3.93 3.54 13.47
CA GLU A 41 2.73 4.29 13.15
C GLU A 41 2.03 3.73 11.92
N GLN A 42 2.79 3.04 11.08
CA GLN A 42 2.23 2.48 9.86
C GLN A 42 1.75 1.06 10.09
N THR A 43 0.44 0.88 10.11
CA THR A 43 -0.15 -0.41 10.43
C THR A 43 -1.02 -0.94 9.30
N ARG A 44 -1.03 -0.23 8.18
CA ARG A 44 -1.75 -0.73 7.01
C ARG A 44 -0.85 -0.64 5.80
N CYS A 45 -1.39 -1.06 4.69
CA CYS A 45 -0.62 -1.09 3.46
C CYS A 45 -1.35 -0.34 2.38
N LEU A 46 -0.61 0.26 1.46
CA LEU A 46 -1.20 0.99 0.36
C LEU A 46 -1.00 0.22 -0.93
N PHE A 47 -2.11 -0.09 -1.59
CA PHE A 47 -2.07 -0.73 -2.88
C PHE A 47 -2.99 -0.01 -3.85
N VAL A 48 -2.44 0.54 -4.91
CA VAL A 48 -3.25 1.21 -5.91
C VAL A 48 -3.14 0.47 -7.25
N GLN A 49 -4.28 0.16 -7.87
CA GLN A 49 -4.24 -0.50 -9.16
C GLN A 49 -3.86 0.48 -10.25
N LEU A 50 -3.05 0.03 -11.18
CA LEU A 50 -2.72 0.81 -12.37
C LEU A 50 -2.72 -0.09 -13.59
N PRO A 51 -2.93 0.47 -14.79
CA PRO A 51 -2.78 -0.27 -16.03
C PRO A 51 -1.32 -0.23 -16.52
N TYR A 52 -0.44 0.22 -15.64
CA TYR A 52 0.98 0.32 -15.98
C TYR A 52 1.81 -0.37 -14.91
N SER A 53 1.78 0.19 -13.70
CA SER A 53 2.47 -0.39 -12.56
C SER A 53 1.75 0.00 -11.29
N GLU A 54 1.53 -0.97 -10.45
CA GLU A 54 0.73 -0.78 -9.25
C GLU A 54 1.53 -0.06 -8.17
N ILE A 55 0.83 0.72 -7.36
CA ILE A 55 1.46 1.41 -6.25
C ILE A 55 1.46 0.54 -5.01
N GLN A 56 2.61 0.43 -4.36
CA GLN A 56 2.72 -0.41 -3.18
C GLN A 56 3.67 0.22 -2.18
N GLU A 57 3.21 0.31 -0.93
CA GLU A 57 4.01 0.91 0.14
C GLU A 57 3.25 0.77 1.47
N CYS A 58 3.90 1.09 2.59
CA CYS A 58 3.20 1.03 3.87
C CYS A 58 2.60 2.41 4.18
N LYS A 59 1.48 2.41 4.89
CA LYS A 59 0.86 3.64 5.32
C LYS A 59 0.28 3.47 6.71
N THR A 60 0.00 4.56 7.39
CA THR A 60 -0.69 4.47 8.65
C THR A 60 -2.13 4.11 8.38
N VAL A 61 -2.85 3.59 9.36
CA VAL A 61 -4.24 3.21 9.14
C VAL A 61 -5.04 4.44 8.68
N GLN A 62 -4.74 5.58 9.30
CA GLN A 62 -5.38 6.84 8.95
C GLN A 62 -5.07 7.22 7.52
N GLN A 63 -3.79 7.30 7.21
CA GLN A 63 -3.36 7.79 5.91
C GLN A 63 -3.71 6.80 4.83
N CYS A 64 -3.73 5.52 5.14
CA CYS A 64 -4.07 4.50 4.15
C CYS A 64 -5.52 4.67 3.71
N ALA A 65 -6.37 5.12 4.63
CA ALA A 65 -7.75 5.44 4.28
C ALA A 65 -7.78 6.70 3.44
N GLU A 66 -7.02 7.70 3.88
CA GLU A 66 -6.90 8.98 3.18
C GLU A 66 -6.46 8.78 1.73
N VAL A 67 -5.36 8.05 1.57
CA VAL A 67 -4.78 7.79 0.30
C VAL A 67 -5.66 6.87 -0.56
N LEU A 68 -6.41 6.01 0.11
CA LEU A 68 -7.37 5.17 -0.58
C LEU A 68 -8.42 6.04 -1.24
N GLU A 69 -8.98 6.96 -0.48
CA GLU A 69 -10.05 7.79 -0.97
C GLU A 69 -9.56 8.86 -1.94
N GLU A 70 -8.34 9.33 -1.74
CA GLU A 70 -7.81 10.39 -2.57
C GLU A 70 -7.70 9.91 -4.03
N VAL A 71 -7.15 8.71 -4.23
CA VAL A 71 -7.02 8.18 -5.58
C VAL A 71 -8.34 7.62 -6.09
N THR A 72 -9.16 7.08 -5.19
CA THR A 72 -10.45 6.52 -5.58
C THR A 72 -11.38 7.62 -6.09
N ALA A 73 -11.23 8.82 -5.54
CA ALA A 73 -12.00 9.97 -6.00
C ALA A 73 -11.61 10.34 -7.42
N ILE A 74 -10.40 9.98 -7.81
CA ILE A 74 -9.91 10.25 -9.16
C ILE A 74 -10.34 9.13 -10.10
N GLY A 75 -10.66 7.98 -9.53
CA GLY A 75 -11.05 6.85 -10.34
C GLY A 75 -10.08 5.71 -10.25
N TYR A 76 -8.99 5.91 -9.53
CA TYR A 76 -7.96 4.89 -9.38
C TYR A 76 -8.22 4.05 -8.15
N PRO A 77 -8.51 2.75 -8.35
CA PRO A 77 -8.75 1.81 -7.24
C PRO A 77 -7.55 1.67 -6.31
N ALA A 78 -7.81 1.82 -5.01
CA ALA A 78 -6.78 1.58 -4.02
C ALA A 78 -7.27 0.59 -2.97
N LYS A 79 -6.34 0.07 -2.18
CA LYS A 79 -6.67 -0.93 -1.17
C LYS A 79 -5.78 -0.75 0.04
N CYS A 80 -6.38 -0.47 1.19
CA CYS A 80 -5.63 -0.46 2.44
C CYS A 80 -5.94 -1.71 3.25
N CYS A 81 -4.98 -2.62 3.29
CA CYS A 81 -5.16 -3.88 4.00
C CYS A 81 -4.27 -3.92 5.23
N CYS A 82 -4.59 -4.80 6.18
CA CYS A 82 -3.74 -4.97 7.34
C CYS A 82 -3.37 -6.44 7.49
N GLU A 83 -2.16 -6.76 7.04
CA GLU A 83 -1.64 -8.12 6.96
C GLU A 83 -0.34 -8.01 6.19
N ASP A 84 0.62 -8.90 6.46
CA ASP A 84 1.92 -8.68 5.84
C ASP A 84 1.83 -8.83 4.35
N LEU A 85 2.46 -7.89 3.66
CA LEU A 85 2.60 -7.94 2.22
C LEU A 85 1.24 -7.80 1.54
N CYS A 86 0.18 -7.63 2.33
CA CYS A 86 -1.20 -7.75 1.85
C CYS A 86 -1.49 -6.85 0.66
N ASN A 87 -0.66 -5.85 0.45
CA ASN A 87 -0.80 -5.01 -0.72
C ASN A 87 -0.22 -5.70 -1.96
N ARG A 88 -0.44 -7.02 -2.03
CA ARG A 88 -0.05 -7.79 -3.22
C ARG A 88 -0.92 -7.40 -4.40
N SER A 89 -0.44 -7.70 -5.60
CA SER A 89 -1.23 -7.49 -6.80
C SER A 89 -2.34 -8.53 -6.87
N GLU A 90 -3.50 -8.18 -6.30
CA GLU A 90 -4.64 -9.08 -6.18
C GLU A 90 -4.25 -10.40 -5.50
N GLN A 91 -4.18 -10.37 -4.17
CA GLN A 91 -3.81 -11.53 -3.37
C GLN A 91 -2.47 -12.11 -3.81
N MET A 21 5.37 -4.06 17.45
CA MET A 21 6.06 -4.87 16.43
C MET A 21 5.79 -4.28 15.05
N ALA A 22 6.80 -4.32 14.19
CA ALA A 22 6.69 -3.74 12.88
C ALA A 22 5.94 -4.67 11.93
N LEU A 23 5.27 -4.09 10.94
CA LEU A 23 4.52 -4.87 9.98
C LEU A 23 5.20 -4.80 8.61
N LYS A 24 5.43 -5.94 7.99
CA LYS A 24 6.09 -5.96 6.71
C LYS A 24 5.07 -5.87 5.57
N CYS A 25 5.40 -5.09 4.56
CA CYS A 25 4.61 -5.00 3.35
C CYS A 25 5.51 -4.62 2.18
N PHE A 26 5.01 -4.76 0.96
CA PHE A 26 5.80 -4.43 -0.21
C PHE A 26 5.87 -2.93 -0.41
N THR A 27 7.07 -2.38 -0.41
CA THR A 27 7.27 -0.98 -0.71
C THR A 27 8.06 -0.84 -2.01
N ARG A 28 7.73 0.18 -2.80
CA ARG A 28 8.34 0.33 -4.10
C ARG A 28 9.70 1.01 -4.01
N ASN A 29 10.76 0.26 -4.27
CA ASN A 29 12.09 0.83 -4.32
C ASN A 29 12.47 1.11 -5.76
N GLY A 30 12.05 2.27 -6.25
CA GLY A 30 12.25 2.57 -7.66
C GLY A 30 11.35 1.69 -8.52
N ASP A 31 11.96 0.77 -9.24
CA ASP A 31 11.21 -0.17 -10.07
C ASP A 31 10.90 -1.45 -9.30
N ASP A 32 11.85 -1.85 -8.44
CA ASP A 32 11.71 -3.08 -7.67
C ASP A 32 10.65 -2.95 -6.58
N ARG A 33 10.10 -4.09 -6.18
CA ARG A 33 9.15 -4.10 -5.07
C ARG A 33 9.74 -4.91 -3.93
N THR A 34 10.04 -4.23 -2.86
CA THR A 34 10.81 -4.84 -1.79
C THR A 34 9.96 -5.10 -0.56
N VAL A 35 10.16 -6.26 0.06
CA VAL A 35 9.51 -6.57 1.32
C VAL A 35 10.18 -5.77 2.44
N THR A 36 9.50 -4.75 2.92
CA THR A 36 10.07 -3.92 3.97
C THR A 36 9.27 -4.06 5.25
N THR A 37 9.97 -4.04 6.36
CA THR A 37 9.31 -4.08 7.65
C THR A 37 9.10 -2.64 8.15
N CYS A 38 7.84 -2.23 8.20
CA CYS A 38 7.52 -0.85 8.52
C CYS A 38 6.94 -0.73 9.92
N ALA A 39 7.06 0.44 10.52
CA ALA A 39 6.80 0.59 11.95
C ALA A 39 5.31 0.55 12.28
N GLU A 40 5.02 0.51 13.58
CA GLU A 40 3.65 0.47 14.07
C GLU A 40 2.85 1.67 13.59
N GLU A 41 3.55 2.77 13.33
CA GLU A 41 2.94 3.95 12.73
C GLU A 41 2.19 3.57 11.45
N GLN A 42 2.85 2.75 10.63
CA GLN A 42 2.28 2.36 9.37
C GLN A 42 1.72 0.96 9.47
N THR A 43 0.61 0.83 10.16
CA THR A 43 0.00 -0.46 10.37
C THR A 43 -0.94 -0.84 9.23
N ARG A 44 -0.90 -0.05 8.16
CA ARG A 44 -1.65 -0.39 6.97
C ARG A 44 -0.69 -0.45 5.79
N CYS A 45 -1.18 -0.84 4.64
CA CYS A 45 -0.32 -1.02 3.49
C CYS A 45 -1.04 -0.56 2.23
N LEU A 46 -0.37 0.24 1.43
CA LEU A 46 -0.98 0.84 0.26
C LEU A 46 -0.77 -0.05 -0.97
N PHE A 47 -1.86 -0.28 -1.69
CA PHE A 47 -1.79 -0.92 -3.00
C PHE A 47 -2.75 -0.21 -3.95
N VAL A 48 -2.23 0.32 -5.04
CA VAL A 48 -3.10 1.02 -6.01
C VAL A 48 -2.98 0.36 -7.39
N GLN A 49 -4.09 0.27 -8.11
CA GLN A 49 -4.08 -0.25 -9.47
C GLN A 49 -3.66 0.84 -10.44
N LEU A 50 -2.90 0.44 -11.44
CA LEU A 50 -2.53 1.36 -12.52
C LEU A 50 -2.82 0.70 -13.85
N PRO A 51 -3.06 1.51 -14.90
CA PRO A 51 -3.35 0.98 -16.25
C PRO A 51 -2.11 0.41 -16.94
N TYR A 52 -1.08 0.08 -16.16
CA TYR A 52 0.16 -0.44 -16.74
C TYR A 52 1.08 -0.98 -15.64
N SER A 53 0.87 -0.52 -14.43
CA SER A 53 1.69 -0.96 -13.31
C SER A 53 0.84 -1.04 -12.03
N GLU A 54 1.49 -0.98 -10.89
CA GLU A 54 0.79 -0.99 -9.62
C GLU A 54 1.57 -0.23 -8.54
N ILE A 55 0.88 0.24 -7.52
CA ILE A 55 1.52 0.92 -6.40
C ILE A 55 1.57 0.03 -5.17
N GLN A 56 2.74 -0.01 -4.52
CA GLN A 56 2.86 -0.76 -3.28
C GLN A 56 3.74 0.02 -2.31
N GLU A 57 3.28 0.16 -1.07
CA GLU A 57 4.03 0.87 -0.03
C GLU A 57 3.40 0.66 1.34
N CYS A 58 4.16 0.90 2.39
CA CYS A 58 3.59 0.94 3.74
C CYS A 58 2.95 2.30 3.96
N LYS A 59 1.85 2.34 4.70
CA LYS A 59 1.19 3.61 4.97
C LYS A 59 0.46 3.53 6.30
N THR A 60 0.36 4.65 6.99
CA THR A 60 -0.36 4.66 8.24
C THR A 60 -1.85 4.43 7.98
N VAL A 61 -2.51 3.70 8.87
CA VAL A 61 -3.91 3.33 8.66
C VAL A 61 -4.76 4.56 8.37
N GLN A 62 -4.58 5.60 9.17
CA GLN A 62 -5.34 6.84 9.02
C GLN A 62 -5.14 7.43 7.64
N GLN A 63 -3.90 7.69 7.29
CA GLN A 63 -3.61 8.38 6.04
C GLN A 63 -3.89 7.49 4.85
N CYS A 64 -3.69 6.19 5.00
CA CYS A 64 -3.91 5.29 3.87
C CYS A 64 -5.40 5.26 3.49
N ALA A 65 -6.28 5.41 4.49
CA ALA A 65 -7.70 5.55 4.20
C ALA A 65 -7.96 6.88 3.48
N GLU A 66 -7.31 7.92 3.96
CA GLU A 66 -7.39 9.25 3.37
C GLU A 66 -6.94 9.21 1.89
N VAL A 67 -5.76 8.66 1.69
CA VAL A 67 -5.18 8.54 0.40
C VAL A 67 -5.95 7.55 -0.47
N LEU A 68 -6.63 6.61 0.18
CA LEU A 68 -7.49 5.69 -0.56
C LEU A 68 -8.49 6.50 -1.37
N GLU A 69 -9.15 7.44 -0.73
CA GLU A 69 -10.20 8.18 -1.40
C GLU A 69 -9.64 9.17 -2.41
N GLU A 70 -8.50 9.77 -2.12
CA GLU A 70 -7.93 10.75 -3.03
C GLU A 70 -7.64 10.09 -4.39
N VAL A 71 -7.09 8.88 -4.37
CA VAL A 71 -6.78 8.16 -5.61
C VAL A 71 -8.03 7.54 -6.22
N THR A 72 -8.92 7.05 -5.36
CA THR A 72 -10.13 6.39 -5.81
C THR A 72 -11.11 7.39 -6.42
N ALA A 73 -10.93 8.66 -6.08
CA ALA A 73 -11.73 9.72 -6.68
C ALA A 73 -11.21 10.07 -8.06
N ILE A 74 -9.92 9.81 -8.28
CA ILE A 74 -9.31 10.03 -9.59
C ILE A 74 -9.66 8.89 -10.53
N GLY A 75 -9.84 7.72 -9.94
CA GLY A 75 -10.14 6.54 -10.73
C GLY A 75 -9.09 5.46 -10.53
N TYR A 76 -8.27 5.62 -9.51
CA TYR A 76 -7.24 4.65 -9.20
C TYR A 76 -7.62 3.80 -7.99
N PRO A 77 -8.07 2.56 -8.25
CA PRO A 77 -8.40 1.60 -7.19
C PRO A 77 -7.26 1.38 -6.21
N ALA A 78 -7.52 1.58 -4.93
CA ALA A 78 -6.50 1.32 -3.92
C ALA A 78 -7.04 0.41 -2.82
N LYS A 79 -6.13 -0.31 -2.18
CA LYS A 79 -6.49 -1.20 -1.08
C LYS A 79 -5.48 -1.09 0.05
N CYS A 80 -5.91 -0.57 1.18
CA CYS A 80 -5.03 -0.55 2.33
C CYS A 80 -5.43 -1.66 3.30
N CYS A 81 -4.68 -2.74 3.29
CA CYS A 81 -4.99 -3.87 4.15
C CYS A 81 -3.98 -3.98 5.28
N CYS A 82 -4.35 -4.67 6.35
CA CYS A 82 -3.45 -4.85 7.46
C CYS A 82 -3.23 -6.33 7.73
N GLU A 83 -2.09 -6.81 7.25
CA GLU A 83 -1.65 -8.18 7.40
C GLU A 83 -0.25 -8.25 6.83
N ASP A 84 0.49 -9.31 7.09
CA ASP A 84 1.88 -9.33 6.64
C ASP A 84 1.94 -9.41 5.12
N LEU A 85 2.36 -8.30 4.51
CA LEU A 85 2.44 -8.17 3.06
C LEU A 85 1.05 -8.13 2.43
N CYS A 86 0.06 -7.60 3.16
CA CYS A 86 -1.34 -7.66 2.71
C CYS A 86 -1.60 -6.76 1.50
N ASN A 87 -0.63 -5.95 1.11
CA ASN A 87 -0.83 -5.10 -0.06
C ASN A 87 -0.51 -5.88 -1.34
N ARG A 88 -0.62 -7.20 -1.22
CA ARG A 88 -0.46 -8.09 -2.36
C ARG A 88 -1.81 -8.32 -3.02
N SER A 89 -1.86 -8.17 -4.34
CA SER A 89 -3.10 -8.34 -5.07
C SER A 89 -2.83 -8.67 -6.54
N GLU A 90 -3.83 -9.26 -7.18
CA GLU A 90 -3.77 -9.58 -8.61
C GLU A 90 -2.56 -10.46 -8.91
N GLN A 91 -2.36 -11.47 -8.07
CA GLN A 91 -1.26 -12.40 -8.25
C GLN A 91 -1.43 -13.21 -9.54
N MET A 21 2.63 -1.40 16.44
CA MET A 21 2.99 -2.75 15.93
C MET A 21 3.61 -2.66 14.55
N ALA A 22 4.80 -3.20 14.38
CA ALA A 22 5.48 -3.12 13.09
C ALA A 22 4.93 -4.16 12.12
N LEU A 23 4.60 -3.71 10.91
CA LEU A 23 4.06 -4.59 9.90
C LEU A 23 4.93 -4.51 8.64
N LYS A 24 4.97 -5.58 7.85
CA LYS A 24 5.78 -5.57 6.65
C LYS A 24 4.92 -5.46 5.41
N CYS A 25 4.97 -4.30 4.77
CA CYS A 25 4.25 -4.11 3.53
C CYS A 25 5.25 -3.98 2.40
N PHE A 26 4.86 -4.34 1.20
CA PHE A 26 5.73 -4.18 0.05
C PHE A 26 5.90 -2.71 -0.29
N THR A 27 7.12 -2.31 -0.59
CA THR A 27 7.36 -0.95 -1.01
C THR A 27 7.88 -0.92 -2.44
N ARG A 28 7.50 0.10 -3.19
CA ARG A 28 7.96 0.23 -4.57
C ARG A 28 9.34 0.89 -4.56
N ASN A 29 10.36 0.12 -4.91
CA ASN A 29 11.73 0.62 -4.85
C ASN A 29 12.43 0.34 -6.17
N GLY A 30 12.84 1.40 -6.86
CA GLY A 30 13.33 1.25 -8.22
C GLY A 30 12.20 0.89 -9.15
N ASP A 31 11.79 -0.35 -9.08
CA ASP A 31 10.53 -0.76 -9.68
C ASP A 31 9.82 -1.75 -8.77
N ASP A 32 10.16 -3.03 -8.88
CA ASP A 32 9.39 -4.08 -8.20
C ASP A 32 9.40 -3.94 -6.68
N ARG A 33 8.63 -4.81 -6.03
CA ARG A 33 8.34 -4.65 -4.62
C ARG A 33 9.47 -5.15 -3.72
N THR A 34 9.77 -4.37 -2.70
CA THR A 34 10.74 -4.77 -1.70
C THR A 34 10.03 -5.11 -0.38
N VAL A 35 10.36 -6.25 0.20
CA VAL A 35 9.80 -6.61 1.50
C VAL A 35 10.42 -5.75 2.59
N THR A 36 9.66 -4.82 3.11
CA THR A 36 10.17 -3.97 4.16
C THR A 36 9.32 -4.03 5.40
N THR A 37 9.97 -4.14 6.54
CA THR A 37 9.28 -4.00 7.80
C THR A 37 9.09 -2.53 8.09
N CYS A 38 7.85 -2.10 8.08
CA CYS A 38 7.52 -0.69 8.15
C CYS A 38 7.42 -0.24 9.61
N ALA A 39 7.42 1.07 9.81
CA ALA A 39 7.32 1.61 11.17
C ALA A 39 6.00 1.19 11.80
N GLU A 40 5.95 1.19 13.12
CA GLU A 40 4.89 0.51 13.84
C GLU A 40 3.60 1.31 13.92
N GLU A 41 3.67 2.59 13.57
CA GLU A 41 2.47 3.41 13.52
C GLU A 41 1.70 3.12 12.24
N GLN A 42 2.44 2.70 11.23
CA GLN A 42 1.85 2.33 9.95
C GLN A 42 1.45 0.87 9.95
N THR A 43 0.23 0.61 10.41
CA THR A 43 -0.25 -0.75 10.56
C THR A 43 -1.09 -1.21 9.37
N ARG A 44 -1.17 -0.37 8.35
CA ARG A 44 -1.83 -0.81 7.12
C ARG A 44 -0.84 -0.81 5.98
N CYS A 45 -1.33 -1.21 4.83
CA CYS A 45 -0.46 -1.37 3.69
C CYS A 45 -1.11 -0.78 2.46
N LEU A 46 -0.36 0.03 1.74
CA LEU A 46 -0.92 0.76 0.62
C LEU A 46 -0.58 0.08 -0.69
N PHE A 47 -1.60 -0.16 -1.50
CA PHE A 47 -1.42 -0.69 -2.83
C PHE A 47 -2.41 -0.04 -3.78
N VAL A 48 -1.90 0.72 -4.74
CA VAL A 48 -2.76 1.29 -5.75
C VAL A 48 -2.64 0.48 -7.04
N GLN A 49 -3.78 0.08 -7.57
CA GLN A 49 -3.84 -0.72 -8.78
C GLN A 49 -3.89 0.19 -10.01
N LEU A 50 -2.85 0.13 -10.83
CA LEU A 50 -2.80 0.94 -12.05
C LEU A 50 -2.93 0.04 -13.27
N PRO A 51 -3.44 0.58 -14.38
CA PRO A 51 -3.61 -0.17 -15.63
C PRO A 51 -2.31 -0.31 -16.42
N TYR A 52 -1.18 -0.27 -15.71
CA TYR A 52 0.12 -0.33 -16.38
C TYR A 52 1.25 -0.50 -15.35
N SER A 53 0.98 -0.09 -14.12
CA SER A 53 1.96 -0.21 -13.05
C SER A 53 1.23 -0.43 -11.72
N GLU A 54 1.90 -0.18 -10.61
CA GLU A 54 1.28 -0.35 -9.31
C GLU A 54 2.00 0.48 -8.25
N ILE A 55 1.26 0.90 -7.24
CA ILE A 55 1.84 1.66 -6.14
C ILE A 55 1.80 0.83 -4.86
N GLN A 56 2.88 0.86 -4.09
CA GLN A 56 2.93 0.06 -2.88
C GLN A 56 3.69 0.84 -1.82
N GLU A 57 3.11 0.96 -0.64
CA GLU A 57 3.73 1.68 0.46
C GLU A 57 3.26 1.10 1.79
N CYS A 58 3.83 1.60 2.87
CA CYS A 58 3.30 1.34 4.19
C CYS A 58 2.67 2.61 4.69
N LYS A 59 1.42 2.53 5.12
CA LYS A 59 0.70 3.73 5.50
C LYS A 59 0.00 3.49 6.82
N THR A 60 -0.15 4.55 7.63
CA THR A 60 -0.96 4.42 8.83
C THR A 60 -2.39 4.17 8.41
N VAL A 61 -3.18 3.54 9.26
CA VAL A 61 -4.56 3.22 8.88
C VAL A 61 -5.28 4.46 8.34
N GLN A 62 -5.11 5.59 9.03
CA GLN A 62 -5.73 6.85 8.62
C GLN A 62 -5.16 7.35 7.32
N GLN A 63 -3.85 7.53 7.27
CA GLN A 63 -3.17 8.08 6.11
C GLN A 63 -3.45 7.22 4.90
N CYS A 64 -3.58 5.93 5.14
CA CYS A 64 -3.84 4.97 4.07
C CYS A 64 -5.28 5.10 3.56
N ALA A 65 -6.20 5.45 4.47
CA ALA A 65 -7.57 5.73 4.04
C ALA A 65 -7.61 7.06 3.30
N GLU A 66 -6.80 7.99 3.77
CA GLU A 66 -6.63 9.30 3.14
C GLU A 66 -6.13 9.13 1.70
N VAL A 67 -5.04 8.37 1.57
CA VAL A 67 -4.43 8.14 0.31
C VAL A 67 -5.28 7.20 -0.56
N LEU A 68 -6.06 6.35 0.07
CA LEU A 68 -6.96 5.50 -0.67
C LEU A 68 -7.93 6.37 -1.44
N GLU A 69 -8.53 7.33 -0.75
CA GLU A 69 -9.55 8.15 -1.35
C GLU A 69 -8.97 9.16 -2.33
N GLU A 70 -7.77 9.63 -2.06
CA GLU A 70 -7.17 10.60 -2.95
C GLU A 70 -6.99 10.00 -4.34
N VAL A 71 -6.56 8.75 -4.40
CA VAL A 71 -6.39 8.05 -5.67
C VAL A 71 -7.71 7.49 -6.21
N THR A 72 -8.55 7.00 -5.32
CA THR A 72 -9.75 6.29 -5.72
C THR A 72 -10.86 7.25 -6.17
N ALA A 73 -10.81 8.48 -5.65
CA ALA A 73 -11.74 9.50 -6.12
C ALA A 73 -11.42 9.90 -7.56
N ILE A 74 -10.19 9.61 -7.98
CA ILE A 74 -9.76 9.88 -9.35
C ILE A 74 -10.27 8.78 -10.27
N GLY A 75 -10.55 7.62 -9.68
CA GLY A 75 -10.98 6.49 -10.49
C GLY A 75 -9.96 5.38 -10.51
N TYR A 76 -8.86 5.57 -9.78
CA TYR A 76 -7.82 4.56 -9.72
C TYR A 76 -8.09 3.56 -8.60
N PRO A 77 -8.09 2.26 -8.93
CA PRO A 77 -8.26 1.18 -7.95
C PRO A 77 -7.23 1.23 -6.83
N ALA A 78 -7.68 1.13 -5.59
CA ALA A 78 -6.71 1.04 -4.50
C ALA A 78 -7.25 0.19 -3.36
N LYS A 79 -6.33 -0.38 -2.58
CA LYS A 79 -6.68 -1.16 -1.40
C LYS A 79 -5.70 -0.89 -0.27
N CYS A 80 -6.19 -1.04 0.95
CA CYS A 80 -5.33 -0.94 2.12
C CYS A 80 -5.83 -1.90 3.20
N CYS A 81 -5.28 -3.10 3.21
CA CYS A 81 -5.68 -4.07 4.22
C CYS A 81 -4.57 -4.25 5.26
N CYS A 82 -4.90 -4.88 6.39
CA CYS A 82 -3.97 -4.99 7.49
C CYS A 82 -3.48 -6.42 7.64
N GLU A 83 -2.23 -6.64 7.22
CA GLU A 83 -1.58 -7.94 7.26
C GLU A 83 -0.27 -7.84 6.51
N ASP A 84 0.73 -8.64 6.88
CA ASP A 84 1.98 -8.61 6.12
C ASP A 84 1.71 -8.92 4.67
N LEU A 85 2.38 -8.18 3.80
CA LEU A 85 2.37 -8.46 2.36
C LEU A 85 0.96 -8.29 1.78
N CYS A 86 0.08 -7.59 2.52
CA CYS A 86 -1.31 -7.48 2.10
C CYS A 86 -1.48 -6.44 1.01
N ASN A 87 -0.42 -5.72 0.69
CA ASN A 87 -0.49 -4.74 -0.38
C ASN A 87 0.19 -5.28 -1.63
N ARG A 88 0.03 -6.56 -1.89
CA ARG A 88 0.61 -7.18 -3.07
C ARG A 88 -0.35 -7.09 -4.25
N SER A 89 0.15 -7.36 -5.44
CA SER A 89 -0.68 -7.34 -6.63
C SER A 89 -1.73 -8.44 -6.56
N GLU A 90 -2.97 -8.10 -6.86
CA GLU A 90 -4.06 -9.08 -6.85
C GLU A 90 -4.01 -9.88 -8.13
N GLN A 91 -3.66 -9.19 -9.23
CA GLN A 91 -3.50 -9.80 -10.56
C GLN A 91 -4.55 -10.87 -10.86
N MET A 21 4.72 -2.95 17.71
CA MET A 21 5.41 -3.88 16.79
C MET A 21 5.27 -3.41 15.36
N ALA A 22 6.36 -3.51 14.59
CA ALA A 22 6.39 -3.00 13.23
C ALA A 22 5.68 -3.93 12.26
N LEU A 23 5.16 -3.37 11.17
CA LEU A 23 4.47 -4.18 10.16
C LEU A 23 5.24 -4.10 8.85
N LYS A 24 5.30 -5.20 8.12
CA LYS A 24 6.12 -5.25 6.92
C LYS A 24 5.27 -5.32 5.66
N CYS A 25 5.21 -4.23 4.93
CA CYS A 25 4.50 -4.22 3.65
C CYS A 25 5.52 -4.20 2.51
N PHE A 26 5.13 -4.69 1.34
CA PHE A 26 6.00 -4.60 0.17
C PHE A 26 6.20 -3.17 -0.26
N THR A 27 7.42 -2.67 -0.16
CA THR A 27 7.75 -1.37 -0.72
C THR A 27 8.35 -1.56 -2.10
N ARG A 28 7.89 -0.78 -3.06
CA ARG A 28 8.34 -0.95 -4.44
C ARG A 28 9.54 -0.08 -4.75
N ASN A 29 10.69 -0.72 -4.94
CA ASN A 29 11.89 -0.02 -5.36
C ASN A 29 11.97 -0.01 -6.89
N GLY A 30 11.40 1.04 -7.49
CA GLY A 30 11.31 1.10 -8.93
C GLY A 30 10.25 0.13 -9.44
N ASP A 31 10.62 -1.14 -9.56
CA ASP A 31 9.65 -2.16 -9.92
C ASP A 31 9.65 -3.25 -8.86
N ASP A 32 10.85 -3.61 -8.41
CA ASP A 32 11.01 -4.67 -7.41
C ASP A 32 10.14 -4.40 -6.19
N ARG A 33 9.56 -5.47 -5.65
CA ARG A 33 8.74 -5.32 -4.48
C ARG A 33 9.44 -5.97 -3.31
N THR A 34 9.89 -5.15 -2.37
CA THR A 34 10.78 -5.64 -1.33
C THR A 34 10.06 -5.76 0.01
N VAL A 35 10.41 -6.78 0.78
CA VAL A 35 9.88 -6.94 2.12
C VAL A 35 10.56 -5.95 3.06
N THR A 36 9.84 -4.91 3.45
CA THR A 36 10.41 -3.93 4.36
C THR A 36 9.56 -3.82 5.61
N THR A 37 10.22 -3.70 6.75
CA THR A 37 9.53 -3.55 8.00
C THR A 37 9.30 -2.07 8.29
N CYS A 38 8.04 -1.67 8.26
CA CYS A 38 7.68 -0.29 8.48
C CYS A 38 7.15 -0.12 9.91
N ALA A 39 7.13 1.11 10.39
CA ALA A 39 6.75 1.36 11.78
C ALA A 39 5.29 1.00 12.02
N GLU A 40 4.95 0.75 13.28
CA GLU A 40 3.56 0.44 13.65
C GLU A 40 2.67 1.65 13.45
N GLU A 41 3.33 2.80 13.34
CA GLU A 41 2.69 4.00 12.80
C GLU A 41 1.92 3.62 11.55
N GLN A 42 2.60 2.89 10.69
CA GLN A 42 2.06 2.49 9.41
C GLN A 42 1.50 1.08 9.50
N THR A 43 0.37 0.96 10.18
CA THR A 43 -0.25 -0.34 10.40
C THR A 43 -1.14 -0.74 9.24
N ARG A 44 -0.94 -0.11 8.09
CA ARG A 44 -1.66 -0.47 6.90
C ARG A 44 -0.69 -0.49 5.72
N CYS A 45 -1.15 -1.02 4.60
CA CYS A 45 -0.31 -1.14 3.43
C CYS A 45 -1.05 -0.56 2.23
N LEU A 46 -0.37 0.20 1.40
CA LEU A 46 -1.00 0.85 0.25
C LEU A 46 -0.76 0.06 -1.02
N PHE A 47 -1.83 -0.32 -1.69
CA PHE A 47 -1.74 -0.92 -3.01
C PHE A 47 -2.69 -0.24 -3.97
N VAL A 48 -2.18 0.61 -4.86
CA VAL A 48 -3.05 1.26 -5.83
C VAL A 48 -2.99 0.50 -7.17
N GLN A 49 -4.14 0.33 -7.81
CA GLN A 49 -4.12 -0.29 -9.13
C GLN A 49 -3.72 0.74 -10.18
N LEU A 50 -2.90 0.32 -11.12
CA LEU A 50 -2.47 1.20 -12.19
C LEU A 50 -2.58 0.47 -13.52
N PRO A 51 -2.86 1.20 -14.61
CA PRO A 51 -2.88 0.64 -15.96
C PRO A 51 -1.46 0.50 -16.54
N TYR A 52 -0.45 0.62 -15.68
CA TYR A 52 0.93 0.57 -16.14
C TYR A 52 1.78 -0.24 -15.18
N SER A 53 1.59 0.00 -13.88
CA SER A 53 2.35 -0.68 -12.85
C SER A 53 1.47 -0.87 -11.61
N GLU A 54 2.09 -1.02 -10.45
CA GLU A 54 1.31 -1.12 -9.22
C GLU A 54 1.99 -0.34 -8.10
N ILE A 55 1.20 0.41 -7.34
CA ILE A 55 1.75 1.16 -6.21
C ILE A 55 1.69 0.32 -4.95
N GLN A 56 2.83 0.19 -4.29
CA GLN A 56 2.88 -0.52 -3.01
C GLN A 56 3.81 0.22 -2.05
N GLU A 57 3.32 0.46 -0.84
CA GLU A 57 4.07 1.20 0.17
C GLU A 57 3.35 1.15 1.52
N CYS A 58 4.05 1.49 2.59
CA CYS A 58 3.45 1.46 3.93
C CYS A 58 2.77 2.79 4.25
N LYS A 59 1.58 2.71 4.82
CA LYS A 59 0.83 3.89 5.22
C LYS A 59 0.19 3.64 6.57
N THR A 60 -0.13 4.70 7.30
CA THR A 60 -0.87 4.51 8.53
C THR A 60 -2.29 4.11 8.16
N VAL A 61 -2.94 3.36 9.04
CA VAL A 61 -4.31 2.92 8.78
C VAL A 61 -5.18 4.09 8.32
N GLN A 62 -5.18 5.16 9.10
CA GLN A 62 -5.96 6.35 8.76
C GLN A 62 -5.50 6.96 7.45
N GLN A 63 -4.21 7.29 7.37
CA GLN A 63 -3.67 7.98 6.21
C GLN A 63 -3.91 7.20 4.94
N CYS A 64 -3.82 5.89 5.01
CA CYS A 64 -4.03 5.06 3.83
C CYS A 64 -5.51 5.06 3.44
N ALA A 65 -6.40 5.16 4.42
CA ALA A 65 -7.82 5.34 4.12
C ALA A 65 -8.04 6.72 3.49
N GLU A 66 -7.32 7.70 4.03
CA GLU A 66 -7.35 9.06 3.51
C GLU A 66 -6.92 9.09 2.04
N VAL A 67 -5.77 8.50 1.79
CA VAL A 67 -5.19 8.44 0.49
C VAL A 67 -6.00 7.53 -0.44
N LEU A 68 -6.68 6.56 0.15
CA LEU A 68 -7.56 5.70 -0.63
C LEU A 68 -8.58 6.55 -1.36
N GLU A 69 -9.23 7.43 -0.63
CA GLU A 69 -10.31 8.21 -1.21
C GLU A 69 -9.78 9.29 -2.14
N GLU A 70 -8.64 9.88 -1.81
CA GLU A 70 -8.10 10.92 -2.65
C GLU A 70 -7.85 10.38 -4.07
N VAL A 71 -7.31 9.17 -4.17
CA VAL A 71 -7.03 8.55 -5.46
C VAL A 71 -8.30 7.95 -6.07
N THR A 72 -9.14 7.35 -5.23
CA THR A 72 -10.32 6.65 -5.72
C THR A 72 -11.40 7.64 -6.15
N ALA A 73 -11.31 8.87 -5.69
CA ALA A 73 -12.21 9.92 -6.16
C ALA A 73 -11.82 10.36 -7.56
N ILE A 74 -10.56 10.14 -7.91
CA ILE A 74 -10.07 10.44 -9.25
C ILE A 74 -10.39 9.29 -10.19
N GLY A 75 -10.61 8.12 -9.62
CA GLY A 75 -10.87 6.95 -10.42
C GLY A 75 -9.79 5.91 -10.30
N TYR A 76 -8.88 6.11 -9.36
CA TYR A 76 -7.79 5.17 -9.13
C TYR A 76 -8.08 4.28 -7.93
N PRO A 77 -8.40 3.00 -8.18
CA PRO A 77 -8.61 2.01 -7.12
C PRO A 77 -7.37 1.80 -6.25
N ALA A 78 -7.56 1.71 -4.96
CA ALA A 78 -6.48 1.39 -4.04
C ALA A 78 -6.94 0.41 -2.98
N LYS A 79 -5.99 -0.27 -2.35
CA LYS A 79 -6.31 -1.27 -1.35
C LYS A 79 -5.37 -1.12 -0.15
N CYS A 80 -5.93 -0.76 0.99
CA CYS A 80 -5.13 -0.73 2.21
C CYS A 80 -5.61 -1.79 3.19
N CYS A 81 -4.94 -2.93 3.21
CA CYS A 81 -5.32 -4.04 4.08
C CYS A 81 -4.30 -4.24 5.19
N CYS A 82 -4.64 -5.04 6.19
CA CYS A 82 -3.74 -5.24 7.33
C CYS A 82 -3.16 -6.64 7.32
N GLU A 83 -1.89 -6.74 6.95
CA GLU A 83 -1.18 -8.01 6.88
C GLU A 83 0.23 -7.72 6.40
N ASP A 84 1.19 -8.57 6.74
CA ASP A 84 2.50 -8.38 6.13
C ASP A 84 2.40 -8.64 4.65
N LEU A 85 3.07 -7.82 3.87
CA LEU A 85 3.16 -8.02 2.43
C LEU A 85 1.76 -7.95 1.81
N CYS A 86 0.84 -7.27 2.50
CA CYS A 86 -0.56 -7.28 2.10
C CYS A 86 -0.78 -6.51 0.80
N ASN A 87 -0.02 -5.45 0.60
CA ASN A 87 -0.13 -4.75 -0.68
C ASN A 87 0.59 -5.57 -1.75
N ARG A 88 -0.19 -6.15 -2.65
CA ARG A 88 0.35 -7.11 -3.60
C ARG A 88 -0.51 -7.19 -4.85
N SER A 89 0.10 -7.56 -5.96
CA SER A 89 -0.60 -7.73 -7.21
C SER A 89 -1.61 -8.87 -7.10
N GLU A 90 -2.89 -8.54 -7.19
CA GLU A 90 -3.94 -9.53 -7.04
C GLU A 90 -4.21 -10.23 -8.38
N GLN A 91 -3.77 -9.62 -9.44
CA GLN A 91 -3.95 -10.16 -10.79
C GLN A 91 -2.63 -10.31 -11.51
N MET A 21 4.29 -4.13 16.42
CA MET A 21 5.75 -3.95 16.34
C MET A 21 6.26 -4.31 14.95
N ALA A 22 6.17 -3.33 14.06
CA ALA A 22 6.69 -3.45 12.69
C ALA A 22 5.86 -4.40 11.82
N LEU A 23 5.22 -3.84 10.80
CA LEU A 23 4.46 -4.66 9.86
C LEU A 23 5.18 -4.66 8.51
N LYS A 24 5.10 -5.78 7.79
CA LYS A 24 5.85 -5.92 6.57
C LYS A 24 4.94 -6.03 5.35
N CYS A 25 5.02 -5.04 4.48
CA CYS A 25 4.28 -5.07 3.24
C CYS A 25 5.21 -4.78 2.07
N PHE A 26 4.72 -5.00 0.86
CA PHE A 26 5.52 -4.73 -0.32
C PHE A 26 5.60 -3.23 -0.58
N THR A 27 6.80 -2.74 -0.81
CA THR A 27 7.01 -1.35 -1.16
C THR A 27 7.87 -1.28 -2.42
N ARG A 28 7.49 -0.42 -3.35
CA ARG A 28 8.21 -0.33 -4.60
C ARG A 28 9.42 0.58 -4.48
N ASN A 29 10.60 -0.01 -4.52
CA ASN A 29 11.84 0.74 -4.46
C ASN A 29 12.29 1.09 -5.87
N GLY A 30 11.79 2.21 -6.37
CA GLY A 30 12.07 2.58 -7.74
C GLY A 30 11.17 1.84 -8.71
N ASP A 31 11.55 0.61 -9.02
CA ASP A 31 10.74 -0.24 -9.90
C ASP A 31 10.48 -1.57 -9.21
N ASP A 32 11.56 -2.20 -8.77
CA ASP A 32 11.48 -3.44 -8.02
C ASP A 32 10.62 -3.29 -6.78
N ARG A 33 9.95 -4.37 -6.39
CA ARG A 33 9.07 -4.30 -5.24
C ARG A 33 9.43 -5.39 -4.23
N THR A 34 9.89 -4.97 -3.08
CA THR A 34 10.30 -5.92 -2.05
C THR A 34 9.48 -5.74 -0.78
N VAL A 35 9.71 -6.61 0.20
CA VAL A 35 9.00 -6.54 1.46
C VAL A 35 9.74 -5.65 2.44
N THR A 36 9.12 -4.55 2.84
CA THR A 36 9.72 -3.69 3.85
C THR A 36 9.00 -3.83 5.17
N THR A 37 9.75 -3.78 6.24
CA THR A 37 9.17 -3.81 7.57
C THR A 37 9.08 -2.38 8.11
N CYS A 38 7.86 -1.90 8.26
CA CYS A 38 7.64 -0.51 8.63
C CYS A 38 7.10 -0.38 10.04
N ALA A 39 7.16 0.83 10.59
CA ALA A 39 6.87 1.06 12.00
C ALA A 39 5.37 1.07 12.31
N GLU A 40 5.05 1.35 13.58
CA GLU A 40 3.71 1.14 14.11
C GLU A 40 2.67 2.06 13.48
N GLU A 41 3.07 3.28 13.12
CA GLU A 41 2.16 4.23 12.45
C GLU A 41 1.58 3.56 11.23
N GLN A 42 2.47 2.90 10.51
CA GLN A 42 2.17 2.32 9.22
C GLN A 42 1.69 0.88 9.38
N THR A 43 0.75 0.68 10.28
CA THR A 43 0.19 -0.64 10.50
C THR A 43 -0.78 -1.01 9.39
N ARG A 44 -0.91 -0.13 8.41
CA ARG A 44 -1.62 -0.48 7.19
C ARG A 44 -0.69 -0.37 6.01
N CYS A 45 -1.22 -0.65 4.86
CA CYS A 45 -0.40 -0.73 3.67
C CYS A 45 -1.18 -0.20 2.49
N LEU A 46 -0.48 0.24 1.47
CA LEU A 46 -1.12 0.82 0.29
C LEU A 46 -0.86 -0.06 -0.93
N PHE A 47 -1.92 -0.27 -1.69
CA PHE A 47 -1.81 -0.91 -2.99
C PHE A 47 -2.80 -0.23 -3.94
N VAL A 48 -2.27 0.34 -5.02
CA VAL A 48 -3.10 1.04 -5.99
C VAL A 48 -2.99 0.40 -7.36
N GLN A 49 -4.12 0.31 -8.08
CA GLN A 49 -4.12 -0.22 -9.44
C GLN A 49 -3.76 0.86 -10.44
N LEU A 50 -2.85 0.52 -11.34
CA LEU A 50 -2.46 1.43 -12.40
C LEU A 50 -2.53 0.70 -13.73
N PRO A 51 -2.88 1.40 -14.82
CA PRO A 51 -2.93 0.80 -16.16
C PRO A 51 -1.54 0.64 -16.76
N TYR A 52 -0.51 0.75 -15.92
CA TYR A 52 0.86 0.68 -16.39
C TYR A 52 1.75 -0.05 -15.39
N SER A 53 1.50 0.20 -14.11
CA SER A 53 2.29 -0.42 -13.04
C SER A 53 1.42 -0.62 -11.81
N GLU A 54 2.04 -0.71 -10.65
CA GLU A 54 1.31 -0.84 -9.40
C GLU A 54 1.95 0.02 -8.32
N ILE A 55 1.14 0.51 -7.39
CA ILE A 55 1.67 1.24 -6.24
C ILE A 55 1.61 0.37 -5.01
N GLN A 56 2.74 0.29 -4.31
CA GLN A 56 2.78 -0.46 -3.06
C GLN A 56 3.69 0.27 -2.08
N GLU A 57 3.21 0.44 -0.86
CA GLU A 57 3.96 1.15 0.18
C GLU A 57 3.33 0.97 1.55
N CYS A 58 4.11 1.20 2.59
CA CYS A 58 3.57 1.26 3.95
C CYS A 58 2.90 2.61 4.15
N LYS A 59 1.70 2.59 4.69
CA LYS A 59 0.96 3.82 4.90
C LYS A 59 0.29 3.77 6.25
N THR A 60 0.39 4.85 7.01
CA THR A 60 -0.21 4.86 8.34
C THR A 60 -1.70 4.58 8.24
N VAL A 61 -2.29 4.06 9.31
CA VAL A 61 -3.71 3.69 9.28
C VAL A 61 -4.59 4.85 8.82
N GLN A 62 -4.37 6.04 9.37
CA GLN A 62 -5.16 7.18 9.01
C GLN A 62 -4.90 7.56 7.55
N GLN A 63 -3.63 7.59 7.17
CA GLN A 63 -3.24 8.04 5.86
C GLN A 63 -3.61 7.01 4.81
N CYS A 64 -3.69 5.75 5.19
CA CYS A 64 -4.05 4.70 4.24
C CYS A 64 -5.52 4.86 3.86
N ALA A 65 -6.34 5.33 4.80
CA ALA A 65 -7.72 5.65 4.49
C ALA A 65 -7.77 6.90 3.61
N GLU A 66 -6.93 7.86 3.94
CA GLU A 66 -6.83 9.11 3.19
C GLU A 66 -6.40 8.86 1.74
N VAL A 67 -5.32 8.12 1.58
CA VAL A 67 -4.76 7.79 0.30
C VAL A 67 -5.68 6.86 -0.50
N LEU A 68 -6.45 6.05 0.22
CA LEU A 68 -7.41 5.19 -0.44
C LEU A 68 -8.38 6.01 -1.25
N GLU A 69 -8.96 7.03 -0.62
CA GLU A 69 -9.95 7.84 -1.30
C GLU A 69 -9.35 8.78 -2.31
N GLU A 70 -8.15 9.26 -2.05
CA GLU A 70 -7.55 10.26 -2.92
C GLU A 70 -7.37 9.68 -4.34
N VAL A 71 -6.83 8.46 -4.43
CA VAL A 71 -6.61 7.84 -5.73
C VAL A 71 -7.90 7.23 -6.27
N THR A 72 -8.77 6.78 -5.38
CA THR A 72 -10.04 6.19 -5.81
C THR A 72 -10.94 7.26 -6.43
N ALA A 73 -10.78 8.50 -5.96
CA ALA A 73 -11.54 9.62 -6.53
C ALA A 73 -11.06 9.92 -7.94
N ILE A 74 -9.82 9.52 -8.23
CA ILE A 74 -9.25 9.70 -9.56
C ILE A 74 -9.66 8.54 -10.47
N GLY A 75 -10.04 7.43 -9.84
CA GLY A 75 -10.45 6.28 -10.60
C GLY A 75 -9.47 5.13 -10.47
N TYR A 76 -8.54 5.24 -9.52
CA TYR A 76 -7.55 4.22 -9.31
C TYR A 76 -7.82 3.41 -8.05
N PRO A 77 -8.16 2.11 -8.22
CA PRO A 77 -8.41 1.19 -7.10
C PRO A 77 -7.29 1.18 -6.07
N ALA A 78 -7.64 1.32 -4.81
CA ALA A 78 -6.65 1.20 -3.75
C ALA A 78 -7.14 0.29 -2.64
N LYS A 79 -6.22 -0.20 -1.83
CA LYS A 79 -6.58 -0.98 -0.66
C LYS A 79 -5.63 -0.73 0.50
N CYS A 80 -6.19 -0.35 1.62
CA CYS A 80 -5.45 -0.30 2.86
C CYS A 80 -5.77 -1.54 3.68
N CYS A 81 -4.92 -2.55 3.57
CA CYS A 81 -5.13 -3.77 4.34
C CYS A 81 -4.13 -3.86 5.49
N CYS A 82 -4.51 -4.55 6.56
CA CYS A 82 -3.63 -4.68 7.71
C CYS A 82 -3.23 -6.14 7.91
N GLU A 83 -2.02 -6.45 7.46
CA GLU A 83 -1.45 -7.79 7.55
C GLU A 83 -0.19 -7.82 6.71
N ASP A 84 0.75 -8.71 7.02
CA ASP A 84 1.94 -8.79 6.21
C ASP A 84 1.59 -9.21 4.80
N LEU A 85 2.18 -8.52 3.83
CA LEU A 85 2.10 -8.90 2.42
C LEU A 85 0.68 -8.77 1.86
N CYS A 86 -0.23 -8.21 2.65
CA CYS A 86 -1.63 -8.14 2.24
C CYS A 86 -1.85 -7.05 1.19
N ASN A 87 -0.86 -6.18 1.01
CA ASN A 87 -0.98 -5.13 0.01
C ASN A 87 -0.47 -5.62 -1.35
N ARG A 88 -0.36 -6.93 -1.49
CA ARG A 88 0.05 -7.52 -2.76
C ARG A 88 -1.09 -7.39 -3.77
N SER A 89 -0.77 -7.53 -5.05
CA SER A 89 -1.75 -7.48 -6.11
C SER A 89 -2.74 -8.64 -5.99
N GLU A 90 -4.01 -8.37 -6.23
CA GLU A 90 -5.03 -9.41 -6.11
C GLU A 90 -4.77 -10.52 -7.14
N GLN A 91 -4.71 -10.12 -8.40
CA GLN A 91 -4.49 -11.07 -9.47
C GLN A 91 -3.23 -10.71 -10.25
N MET A 21 2.61 -1.10 15.79
CA MET A 21 2.77 -2.42 15.18
C MET A 21 3.54 -2.31 13.87
N ALA A 22 4.75 -2.85 13.85
CA ALA A 22 5.53 -2.88 12.61
C ALA A 22 4.99 -3.92 11.64
N LEU A 23 4.24 -3.47 10.66
CA LEU A 23 3.71 -4.35 9.63
C LEU A 23 4.67 -4.38 8.46
N LYS A 24 4.66 -5.44 7.67
CA LYS A 24 5.56 -5.51 6.54
C LYS A 24 4.82 -5.36 5.22
N CYS A 25 4.99 -4.21 4.60
CA CYS A 25 4.38 -3.97 3.30
C CYS A 25 5.48 -3.92 2.24
N PHE A 26 5.10 -3.98 0.98
CA PHE A 26 6.10 -3.91 -0.08
C PHE A 26 6.47 -2.46 -0.34
N THR A 27 7.75 -2.21 -0.42
CA THR A 27 8.26 -0.92 -0.85
C THR A 27 8.72 -1.02 -2.29
N ARG A 28 8.28 -0.09 -3.12
CA ARG A 28 8.60 -0.15 -4.53
C ARG A 28 9.98 0.46 -4.78
N ASN A 29 10.94 -0.39 -5.10
CA ASN A 29 12.31 0.08 -5.33
C ASN A 29 12.72 -0.24 -6.75
N GLY A 30 12.47 0.70 -7.65
CA GLY A 30 12.76 0.46 -9.05
C GLY A 30 11.84 -0.58 -9.64
N ASP A 31 12.41 -1.69 -10.10
CA ASP A 31 11.64 -2.77 -10.68
C ASP A 31 11.22 -3.78 -9.61
N ASP A 32 11.91 -3.74 -8.47
CA ASP A 32 11.65 -4.68 -7.40
C ASP A 32 10.61 -4.13 -6.41
N ARG A 33 9.97 -5.05 -5.69
CA ARG A 33 9.14 -4.67 -4.57
C ARG A 33 9.60 -5.44 -3.34
N THR A 34 10.14 -4.73 -2.38
CA THR A 34 10.83 -5.35 -1.27
C THR A 34 9.92 -5.49 -0.06
N VAL A 35 9.92 -6.68 0.54
CA VAL A 35 9.22 -6.89 1.80
C VAL A 35 9.97 -6.19 2.93
N THR A 36 9.42 -5.09 3.40
CA THR A 36 10.08 -4.34 4.45
C THR A 36 9.20 -4.19 5.67
N THR A 37 9.80 -4.33 6.84
CA THR A 37 9.09 -4.08 8.07
C THR A 37 9.00 -2.58 8.29
N CYS A 38 7.78 -2.07 8.28
CA CYS A 38 7.53 -0.64 8.28
C CYS A 38 7.44 -0.11 9.72
N ALA A 39 7.26 1.20 9.86
CA ALA A 39 7.28 1.83 11.18
C ALA A 39 6.07 1.43 12.02
N GLU A 40 6.20 1.63 13.34
CA GLU A 40 5.17 1.27 14.30
C GLU A 40 3.81 1.92 14.00
N GLU A 41 3.86 3.13 13.47
CA GLU A 41 2.64 3.87 13.17
C GLU A 41 1.94 3.30 11.94
N GLN A 42 2.71 2.73 11.04
CA GLN A 42 2.18 2.30 9.76
C GLN A 42 1.57 0.92 9.89
N THR A 43 0.29 0.90 10.20
CA THR A 43 -0.43 -0.33 10.43
C THR A 43 -1.28 -0.72 9.23
N ARG A 44 -1.03 -0.08 8.09
CA ARG A 44 -1.73 -0.42 6.88
C ARG A 44 -0.73 -0.50 5.73
N CYS A 45 -1.21 -0.95 4.60
CA CYS A 45 -0.37 -1.05 3.42
C CYS A 45 -1.08 -0.42 2.25
N LEU A 46 -0.40 0.43 1.52
CA LEU A 46 -1.01 1.13 0.40
C LEU A 46 -0.72 0.40 -0.90
N PHE A 47 -1.78 0.03 -1.61
CA PHE A 47 -1.65 -0.49 -2.96
C PHE A 47 -2.62 0.22 -3.88
N VAL A 48 -2.11 1.06 -4.76
CA VAL A 48 -2.94 1.64 -5.80
C VAL A 48 -2.74 0.87 -7.09
N GLN A 49 -3.84 0.54 -7.74
CA GLN A 49 -3.83 -0.27 -8.94
C GLN A 49 -3.78 0.60 -10.19
N LEU A 50 -2.68 0.49 -10.93
CA LEU A 50 -2.48 1.28 -12.14
C LEU A 50 -2.60 0.39 -13.37
N PRO A 51 -2.93 0.97 -14.53
CA PRO A 51 -3.16 0.21 -15.77
C PRO A 51 -1.89 -0.39 -16.39
N TYR A 52 -0.81 -0.45 -15.61
CA TYR A 52 0.45 -0.98 -16.12
C TYR A 52 1.47 -1.15 -15.01
N SER A 53 1.39 -0.29 -14.01
CA SER A 53 2.28 -0.34 -12.87
C SER A 53 1.48 -0.44 -11.58
N GLU A 54 2.13 -0.26 -10.45
CA GLU A 54 1.41 -0.31 -9.19
C GLU A 54 2.07 0.58 -8.14
N ILE A 55 1.27 1.11 -7.25
CA ILE A 55 1.76 1.89 -6.13
C ILE A 55 1.83 1.02 -4.89
N GLN A 56 2.98 1.02 -4.22
CA GLN A 56 3.12 0.20 -3.02
C GLN A 56 3.91 0.96 -1.95
N GLU A 57 3.35 0.97 -0.75
CA GLU A 57 3.97 1.66 0.39
C GLU A 57 3.36 1.19 1.69
N CYS A 58 4.05 1.49 2.78
CA CYS A 58 3.47 1.32 4.09
C CYS A 58 2.87 2.63 4.54
N LYS A 59 1.61 2.62 4.91
CA LYS A 59 1.00 3.81 5.44
C LYS A 59 0.36 3.49 6.76
N THR A 60 -0.09 4.50 7.46
CA THR A 60 -0.82 4.24 8.68
C THR A 60 -2.26 3.90 8.29
N VAL A 61 -3.00 3.24 9.17
CA VAL A 61 -4.37 2.90 8.85
C VAL A 61 -5.16 4.15 8.46
N GLN A 62 -4.98 5.23 9.23
CA GLN A 62 -5.72 6.46 8.96
C GLN A 62 -5.29 7.07 7.64
N GLN A 63 -3.99 7.34 7.51
CA GLN A 63 -3.47 7.98 6.31
C GLN A 63 -3.82 7.17 5.09
N CYS A 64 -3.68 5.86 5.15
CA CYS A 64 -3.96 5.03 4.02
C CYS A 64 -5.45 5.05 3.68
N ALA A 65 -6.31 5.21 4.69
CA ALA A 65 -7.73 5.38 4.42
C ALA A 65 -7.98 6.74 3.78
N GLU A 66 -7.29 7.76 4.29
CA GLU A 66 -7.32 9.12 3.75
C GLU A 66 -6.93 9.12 2.26
N VAL A 67 -5.78 8.52 2.00
CA VAL A 67 -5.23 8.45 0.69
C VAL A 67 -5.99 7.45 -0.18
N LEU A 68 -6.62 6.48 0.47
CA LEU A 68 -7.45 5.54 -0.25
C LEU A 68 -8.52 6.28 -1.02
N GLU A 69 -9.17 7.21 -0.34
CA GLU A 69 -10.28 7.94 -0.93
C GLU A 69 -9.81 8.98 -1.94
N GLU A 70 -8.69 9.63 -1.67
CA GLU A 70 -8.21 10.66 -2.56
C GLU A 70 -7.97 10.08 -3.97
N VAL A 71 -7.36 8.90 -4.03
CA VAL A 71 -7.09 8.26 -5.33
C VAL A 71 -8.33 7.58 -5.90
N THR A 72 -9.21 7.05 -5.03
CA THR A 72 -10.39 6.37 -5.50
C THR A 72 -11.42 7.34 -6.04
N ALA A 73 -11.37 8.57 -5.54
CA ALA A 73 -12.26 9.62 -6.04
C ALA A 73 -11.86 10.02 -7.46
N ILE A 74 -10.62 9.71 -7.81
CA ILE A 74 -10.13 9.97 -9.16
C ILE A 74 -10.57 8.84 -10.09
N GLY A 75 -10.93 7.72 -9.50
CA GLY A 75 -11.37 6.58 -10.28
C GLY A 75 -10.36 5.46 -10.31
N TYR A 76 -9.26 5.64 -9.59
CA TYR A 76 -8.21 4.64 -9.58
C TYR A 76 -8.46 3.61 -8.49
N PRO A 77 -8.29 2.32 -8.83
CA PRO A 77 -8.39 1.20 -7.88
C PRO A 77 -7.38 1.33 -6.76
N ALA A 78 -7.83 1.18 -5.52
CA ALA A 78 -6.92 1.26 -4.39
C ALA A 78 -7.36 0.35 -3.25
N LYS A 79 -6.39 -0.14 -2.47
CA LYS A 79 -6.67 -1.01 -1.34
C LYS A 79 -5.62 -0.86 -0.24
N CYS A 80 -6.06 -0.46 0.94
CA CYS A 80 -5.20 -0.51 2.11
C CYS A 80 -5.72 -1.53 3.10
N CYS A 81 -5.15 -2.73 3.06
CA CYS A 81 -5.56 -3.75 4.01
C CYS A 81 -4.45 -3.98 5.03
N CYS A 82 -4.82 -4.53 6.18
CA CYS A 82 -3.85 -4.69 7.25
C CYS A 82 -3.49 -6.15 7.43
N GLU A 83 -2.34 -6.50 6.87
CA GLU A 83 -1.77 -7.85 6.91
C GLU A 83 -0.47 -7.80 6.14
N ASP A 84 0.49 -8.64 6.49
CA ASP A 84 1.74 -8.64 5.74
C ASP A 84 1.49 -9.03 4.30
N LEU A 85 2.10 -8.29 3.40
CA LEU A 85 2.11 -8.63 1.98
C LEU A 85 0.70 -8.55 1.37
N CYS A 86 -0.25 -7.99 2.13
CA CYS A 86 -1.63 -7.87 1.63
C CYS A 86 -1.70 -6.85 0.50
N ASN A 87 -0.70 -5.98 0.46
CA ASN A 87 -0.62 -4.95 -0.56
C ASN A 87 0.00 -5.53 -1.84
N ARG A 88 -0.06 -6.85 -1.96
CA ARG A 88 0.44 -7.56 -3.13
C ARG A 88 -0.24 -7.07 -4.40
N SER A 89 0.55 -6.91 -5.44
CA SER A 89 0.03 -6.52 -6.74
C SER A 89 -0.53 -7.74 -7.46
N GLU A 90 -1.86 -7.81 -7.55
CA GLU A 90 -2.49 -8.92 -8.25
C GLU A 90 -2.70 -8.58 -9.72
N GLN A 91 -2.84 -7.29 -10.01
CA GLN A 91 -3.02 -6.86 -11.40
C GLN A 91 -2.04 -5.75 -11.73
N MET A 21 3.22 -4.19 15.54
CA MET A 21 4.20 -5.27 15.81
C MET A 21 5.22 -5.34 14.68
N ALA A 22 5.43 -4.20 14.01
CA ALA A 22 6.29 -4.15 12.83
C ALA A 22 5.72 -5.01 11.70
N LEU A 23 4.92 -4.39 10.85
CA LEU A 23 4.26 -5.13 9.79
C LEU A 23 5.14 -5.13 8.55
N LYS A 24 4.98 -6.11 7.68
CA LYS A 24 5.77 -6.13 6.47
C LYS A 24 4.92 -5.95 5.22
N CYS A 25 4.91 -4.75 4.69
CA CYS A 25 4.25 -4.49 3.42
C CYS A 25 5.30 -4.43 2.33
N PHE A 26 4.90 -4.66 1.08
CA PHE A 26 5.83 -4.51 -0.03
C PHE A 26 6.06 -3.04 -0.32
N THR A 27 7.28 -2.69 -0.67
CA THR A 27 7.58 -1.35 -1.12
C THR A 27 8.46 -1.44 -2.37
N ARG A 28 8.06 -0.73 -3.41
CA ARG A 28 8.77 -0.88 -4.68
C ARG A 28 9.91 0.12 -4.82
N ASN A 29 11.12 -0.43 -4.87
CA ASN A 29 12.30 0.35 -5.16
C ASN A 29 12.37 0.55 -6.68
N GLY A 30 11.71 1.59 -7.15
CA GLY A 30 11.52 1.71 -8.58
C GLY A 30 10.53 0.68 -9.06
N ASP A 31 11.03 -0.32 -9.78
CA ASP A 31 10.18 -1.45 -10.15
C ASP A 31 10.59 -2.69 -9.38
N ASP A 32 11.70 -2.58 -8.65
CA ASP A 32 12.13 -3.65 -7.75
C ASP A 32 11.17 -3.73 -6.56
N ARG A 33 11.05 -4.89 -5.96
CA ARG A 33 10.07 -5.06 -4.89
C ARG A 33 10.72 -5.61 -3.64
N THR A 34 10.76 -4.78 -2.61
CA THR A 34 11.38 -5.16 -1.36
C THR A 34 10.33 -5.23 -0.25
N VAL A 35 10.42 -6.23 0.61
CA VAL A 35 9.47 -6.32 1.72
C VAL A 35 10.01 -5.54 2.92
N THR A 36 9.45 -4.37 3.16
CA THR A 36 9.94 -3.47 4.17
C THR A 36 9.33 -3.75 5.54
N THR A 37 10.09 -3.47 6.58
CA THR A 37 9.54 -3.54 7.93
C THR A 37 8.96 -2.17 8.29
N CYS A 38 7.65 -2.11 8.43
CA CYS A 38 6.97 -0.84 8.64
C CYS A 38 6.59 -0.70 10.11
N ALA A 39 6.73 0.53 10.62
CA ALA A 39 6.58 0.80 12.05
C ALA A 39 5.12 0.73 12.49
N GLU A 40 4.91 0.81 13.81
CA GLU A 40 3.57 0.76 14.40
C GLU A 40 2.67 1.84 13.80
N GLU A 41 3.26 3.01 13.58
CA GLU A 41 2.57 4.12 12.94
C GLU A 41 1.93 3.68 11.63
N GLN A 42 2.71 2.95 10.84
CA GLN A 42 2.24 2.53 9.54
C GLN A 42 1.85 1.06 9.58
N THR A 43 0.72 0.80 10.23
CA THR A 43 0.22 -0.56 10.36
C THR A 43 -0.73 -0.92 9.22
N ARG A 44 -0.69 -0.12 8.16
CA ARG A 44 -1.45 -0.45 6.96
C ARG A 44 -0.50 -0.61 5.80
N CYS A 45 -1.04 -1.08 4.69
CA CYS A 45 -0.22 -1.29 3.49
C CYS A 45 -0.91 -0.66 2.30
N LEU A 46 -0.18 0.12 1.53
CA LEU A 46 -0.76 0.83 0.40
C LEU A 46 -0.57 0.04 -0.89
N PHE A 47 -1.66 -0.13 -1.62
CA PHE A 47 -1.63 -0.76 -2.93
C PHE A 47 -2.64 -0.05 -3.85
N VAL A 48 -2.14 0.52 -4.94
CA VAL A 48 -3.01 1.22 -5.89
C VAL A 48 -2.86 0.61 -7.28
N GLN A 49 -3.97 0.45 -8.01
CA GLN A 49 -3.92 -0.10 -9.36
C GLN A 49 -3.39 0.96 -10.34
N LEU A 50 -2.59 0.51 -11.30
CA LEU A 50 -2.18 1.35 -12.43
C LEU A 50 -2.41 0.57 -13.72
N PRO A 51 -2.53 1.26 -14.86
CA PRO A 51 -2.69 0.61 -16.17
C PRO A 51 -1.37 0.04 -16.70
N TYR A 52 -0.36 -0.05 -15.81
CA TYR A 52 0.94 -0.56 -16.20
C TYR A 52 1.50 -1.43 -15.09
N SER A 53 1.55 -0.86 -13.89
CA SER A 53 2.04 -1.56 -12.72
C SER A 53 1.15 -1.26 -11.53
N GLU A 54 1.70 -1.30 -10.33
CA GLU A 54 0.93 -0.95 -9.15
C GLU A 54 1.80 -0.29 -8.08
N ILE A 55 1.16 0.41 -7.15
CA ILE A 55 1.87 1.09 -6.08
C ILE A 55 1.95 0.19 -4.85
N GLN A 56 3.13 0.12 -4.25
CA GLN A 56 3.28 -0.66 -3.02
C GLN A 56 4.09 0.14 -2.02
N GLU A 57 3.59 0.25 -0.80
CA GLU A 57 4.29 0.94 0.28
C GLU A 57 3.59 0.67 1.60
N CYS A 58 4.28 0.92 2.70
CA CYS A 58 3.62 0.88 4.01
C CYS A 58 3.03 2.26 4.29
N LYS A 59 1.85 2.30 4.87
CA LYS A 59 1.21 3.57 5.12
C LYS A 59 0.46 3.51 6.43
N THR A 60 0.29 4.65 7.09
CA THR A 60 -0.48 4.67 8.32
C THR A 60 -1.95 4.42 8.00
N VAL A 61 -2.62 3.68 8.88
CA VAL A 61 -4.02 3.30 8.64
C VAL A 61 -4.88 4.54 8.36
N GLN A 62 -4.57 5.64 9.06
CA GLN A 62 -5.32 6.88 8.87
C GLN A 62 -5.06 7.50 7.51
N GLN A 63 -3.79 7.75 7.20
CA GLN A 63 -3.46 8.43 5.95
C GLN A 63 -3.78 7.55 4.77
N CYS A 64 -3.71 6.24 4.94
CA CYS A 64 -4.04 5.32 3.86
C CYS A 64 -5.52 5.41 3.53
N ALA A 65 -6.35 5.66 4.54
CA ALA A 65 -7.77 5.89 4.27
C ALA A 65 -7.95 7.21 3.53
N GLU A 66 -7.23 8.22 4.01
CA GLU A 66 -7.22 9.55 3.40
C GLU A 66 -6.86 9.45 1.92
N VAL A 67 -5.75 8.79 1.66
CA VAL A 67 -5.21 8.64 0.34
C VAL A 67 -6.03 7.65 -0.47
N LEU A 68 -6.68 6.72 0.20
CA LEU A 68 -7.49 5.73 -0.48
C LEU A 68 -8.62 6.42 -1.20
N GLU A 69 -9.34 7.26 -0.48
CA GLU A 69 -10.51 7.92 -1.04
C GLU A 69 -10.14 9.05 -1.99
N GLU A 70 -9.01 9.69 -1.76
CA GLU A 70 -8.60 10.78 -2.62
C GLU A 70 -8.39 10.27 -4.05
N VAL A 71 -7.70 9.13 -4.17
CA VAL A 71 -7.42 8.58 -5.50
C VAL A 71 -8.62 7.82 -6.07
N THR A 72 -9.43 7.22 -5.20
CA THR A 72 -10.58 6.46 -5.68
C THR A 72 -11.65 7.40 -6.23
N ALA A 73 -11.69 8.62 -5.69
CA ALA A 73 -12.60 9.64 -6.20
C ALA A 73 -12.17 10.10 -7.59
N ILE A 74 -10.89 9.88 -7.90
CA ILE A 74 -10.35 10.19 -9.22
C ILE A 74 -10.62 9.04 -10.17
N GLY A 75 -10.75 7.84 -9.61
CA GLY A 75 -10.98 6.67 -10.42
C GLY A 75 -9.91 5.61 -10.26
N TYR A 76 -8.90 5.91 -9.44
CA TYR A 76 -7.82 4.98 -9.20
C TYR A 76 -8.15 4.03 -8.05
N PRO A 77 -8.31 2.74 -8.35
CA PRO A 77 -8.56 1.71 -7.33
C PRO A 77 -7.39 1.57 -6.36
N ALA A 78 -7.69 1.57 -5.08
CA ALA A 78 -6.66 1.46 -4.06
C ALA A 78 -7.15 0.67 -2.85
N LYS A 79 -6.21 0.09 -2.12
CA LYS A 79 -6.53 -0.66 -0.91
C LYS A 79 -5.40 -0.56 0.12
N CYS A 80 -5.76 -0.25 1.35
CA CYS A 80 -4.84 -0.44 2.46
C CYS A 80 -5.42 -1.42 3.46
N CYS A 81 -4.93 -2.64 3.41
CA CYS A 81 -5.39 -3.65 4.35
C CYS A 81 -4.31 -3.94 5.39
N CYS A 82 -4.69 -4.57 6.49
CA CYS A 82 -3.74 -4.82 7.57
C CYS A 82 -3.39 -6.29 7.64
N GLU A 83 -2.22 -6.61 7.10
CA GLU A 83 -1.73 -7.98 7.01
C GLU A 83 -0.39 -7.94 6.30
N ASP A 84 0.53 -8.83 6.65
CA ASP A 84 1.79 -8.86 5.94
C ASP A 84 1.56 -9.18 4.49
N LEU A 85 2.28 -8.48 3.64
CA LEU A 85 2.27 -8.74 2.21
C LEU A 85 0.87 -8.51 1.62
N CYS A 86 0.03 -7.77 2.35
CA CYS A 86 -1.36 -7.61 1.93
C CYS A 86 -1.48 -6.64 0.75
N ASN A 87 -0.49 -5.77 0.60
CA ASN A 87 -0.49 -4.85 -0.53
C ASN A 87 0.12 -5.52 -1.76
N ARG A 88 -0.07 -6.83 -1.82
CA ARG A 88 0.32 -7.63 -2.98
C ARG A 88 -0.58 -7.31 -4.15
N SER A 89 -0.16 -7.65 -5.35
CA SER A 89 -0.95 -7.40 -6.53
C SER A 89 -1.86 -8.58 -6.82
N GLU A 90 -3.16 -8.37 -6.69
CA GLU A 90 -4.13 -9.40 -7.02
C GLU A 90 -4.75 -9.15 -8.39
N GLN A 91 -4.19 -8.20 -9.12
CA GLN A 91 -4.73 -7.84 -10.43
C GLN A 91 -3.62 -7.71 -11.46
N MET A 21 5.00 -2.85 17.70
CA MET A 21 4.46 -3.89 16.80
C MET A 21 4.39 -3.39 15.35
N ALA A 22 5.53 -3.49 14.66
CA ALA A 22 5.63 -2.95 13.30
C ALA A 22 5.05 -3.90 12.27
N LEU A 23 4.71 -3.37 11.09
CA LEU A 23 4.12 -4.20 10.04
C LEU A 23 5.00 -4.15 8.79
N LYS A 24 5.10 -5.26 8.08
CA LYS A 24 5.95 -5.33 6.91
C LYS A 24 5.12 -5.32 5.62
N CYS A 25 5.23 -4.27 4.84
CA CYS A 25 4.50 -4.20 3.58
C CYS A 25 5.48 -4.15 2.42
N PHE A 26 5.18 -4.90 1.35
CA PHE A 26 6.00 -4.86 0.13
C PHE A 26 6.10 -3.44 -0.42
N THR A 27 7.24 -2.81 -0.23
CA THR A 27 7.46 -1.50 -0.81
C THR A 27 8.10 -1.65 -2.19
N ARG A 28 7.53 -1.00 -3.20
CA ARG A 28 8.03 -1.18 -4.55
C ARG A 28 9.12 -0.15 -4.88
N ASN A 29 10.34 -0.64 -5.00
CA ASN A 29 11.48 0.19 -5.39
C ASN A 29 11.66 0.11 -6.90
N GLY A 30 11.13 1.09 -7.60
CA GLY A 30 11.09 0.99 -9.05
C GLY A 30 10.00 0.02 -9.48
N ASP A 31 10.30 -1.27 -9.39
CA ASP A 31 9.26 -2.27 -9.54
C ASP A 31 9.56 -3.46 -8.65
N ASP A 32 10.83 -3.59 -8.27
CA ASP A 32 11.20 -4.59 -7.27
C ASP A 32 10.39 -4.35 -6.00
N ARG A 33 9.83 -5.41 -5.46
CA ARG A 33 9.02 -5.23 -4.28
C ARG A 33 9.68 -5.94 -3.11
N THR A 34 10.16 -5.15 -2.17
CA THR A 34 11.01 -5.68 -1.11
C THR A 34 10.21 -5.91 0.17
N VAL A 35 10.59 -6.93 0.92
CA VAL A 35 10.02 -7.13 2.24
C VAL A 35 10.65 -6.16 3.22
N THR A 36 9.91 -5.14 3.60
CA THR A 36 10.44 -4.18 4.55
C THR A 36 9.51 -4.03 5.73
N THR A 37 10.10 -3.91 6.90
CA THR A 37 9.33 -3.69 8.10
C THR A 37 9.13 -2.20 8.31
N CYS A 38 7.91 -1.76 8.15
CA CYS A 38 7.58 -0.37 8.32
C CYS A 38 7.08 -0.12 9.73
N ALA A 39 7.11 1.15 10.16
CA ALA A 39 6.75 1.47 11.54
C ALA A 39 5.31 1.09 11.85
N GLU A 40 5.03 0.83 13.12
CA GLU A 40 3.67 0.49 13.54
C GLU A 40 2.74 1.67 13.36
N GLU A 41 3.35 2.84 13.29
CA GLU A 41 2.67 4.03 12.80
C GLU A 41 1.92 3.69 11.52
N GLN A 42 2.60 2.96 10.66
CA GLN A 42 2.09 2.61 9.35
C GLN A 42 1.53 1.20 9.39
N THR A 43 0.41 1.04 10.08
CA THR A 43 -0.16 -0.29 10.33
C THR A 43 -1.03 -0.76 9.17
N ARG A 44 -0.92 -0.09 8.03
CA ARG A 44 -1.59 -0.55 6.82
C ARG A 44 -0.62 -0.57 5.66
N CYS A 45 -1.11 -1.02 4.53
CA CYS A 45 -0.27 -1.08 3.34
C CYS A 45 -1.05 -0.51 2.17
N LEU A 46 -0.38 0.25 1.32
CA LEU A 46 -1.03 0.91 0.21
C LEU A 46 -0.81 0.10 -1.07
N PHE A 47 -1.89 -0.29 -1.72
CA PHE A 47 -1.82 -0.88 -3.04
C PHE A 47 -2.83 -0.21 -3.96
N VAL A 48 -2.35 0.60 -4.89
CA VAL A 48 -3.24 1.23 -5.85
C VAL A 48 -3.16 0.50 -7.19
N GLN A 49 -4.29 0.30 -7.84
CA GLN A 49 -4.27 -0.31 -9.18
C GLN A 49 -3.87 0.73 -10.21
N LEU A 50 -3.04 0.33 -11.14
CA LEU A 50 -2.60 1.24 -12.20
C LEU A 50 -2.68 0.53 -13.55
N PRO A 51 -2.86 1.30 -14.64
CA PRO A 51 -2.84 0.75 -15.99
C PRO A 51 -1.42 0.72 -16.57
N TYR A 52 -0.43 1.00 -15.73
CA TYR A 52 0.96 1.01 -16.18
C TYR A 52 1.86 0.25 -15.19
N SER A 53 1.40 0.18 -13.94
CA SER A 53 2.20 -0.44 -12.88
C SER A 53 1.30 -0.77 -11.70
N GLU A 54 1.89 -0.90 -10.52
CA GLU A 54 1.11 -1.07 -9.30
C GLU A 54 1.77 -0.28 -8.17
N ILE A 55 0.97 0.43 -7.39
CA ILE A 55 1.51 1.20 -6.27
C ILE A 55 1.58 0.35 -5.02
N GLN A 56 2.75 0.29 -4.41
CA GLN A 56 2.91 -0.45 -3.17
C GLN A 56 3.80 0.33 -2.21
N GLU A 57 3.34 0.47 -0.97
CA GLU A 57 4.07 1.21 0.06
C GLU A 57 3.37 1.06 1.41
N CYS A 58 3.99 1.55 2.48
CA CYS A 58 3.38 1.45 3.80
C CYS A 58 2.70 2.76 4.19
N LYS A 59 1.53 2.67 4.79
CA LYS A 59 0.79 3.85 5.21
C LYS A 59 0.19 3.63 6.58
N THR A 60 -0.08 4.71 7.30
CA THR A 60 -0.79 4.57 8.55
C THR A 60 -2.22 4.16 8.24
N VAL A 61 -2.88 3.47 9.15
CA VAL A 61 -4.24 2.98 8.90
C VAL A 61 -5.12 4.12 8.36
N GLN A 62 -5.19 5.21 9.13
CA GLN A 62 -6.00 6.36 8.73
C GLN A 62 -5.50 6.95 7.43
N GLN A 63 -4.22 7.31 7.38
CA GLN A 63 -3.67 7.98 6.20
C GLN A 63 -3.93 7.17 4.94
N CYS A 64 -3.84 5.86 5.02
CA CYS A 64 -4.08 5.04 3.84
C CYS A 64 -5.56 5.07 3.47
N ALA A 65 -6.44 5.18 4.45
CA ALA A 65 -7.86 5.40 4.15
C ALA A 65 -8.06 6.78 3.52
N GLU A 66 -7.31 7.76 4.04
CA GLU A 66 -7.31 9.11 3.50
C GLU A 66 -6.91 9.10 2.03
N VAL A 67 -5.78 8.46 1.77
CA VAL A 67 -5.22 8.37 0.46
C VAL A 67 -6.07 7.46 -0.43
N LEU A 68 -6.78 6.52 0.18
CA LEU A 68 -7.69 5.69 -0.57
C LEU A 68 -8.68 6.59 -1.30
N GLU A 69 -9.27 7.54 -0.59
CA GLU A 69 -10.30 8.37 -1.18
C GLU A 69 -9.73 9.38 -2.16
N GLU A 70 -8.55 9.92 -1.87
CA GLU A 70 -7.97 10.90 -2.76
C GLU A 70 -7.76 10.30 -4.15
N VAL A 71 -7.27 9.06 -4.21
CA VAL A 71 -7.03 8.39 -5.49
C VAL A 71 -8.32 7.83 -6.07
N THR A 72 -9.21 7.36 -5.20
CA THR A 72 -10.44 6.74 -5.64
C THR A 72 -11.44 7.78 -6.15
N ALA A 73 -11.23 9.04 -5.74
CA ALA A 73 -12.03 10.13 -6.28
C ALA A 73 -11.57 10.48 -7.68
N ILE A 74 -10.32 10.12 -7.99
CA ILE A 74 -9.76 10.33 -9.32
C ILE A 74 -10.18 9.18 -10.24
N GLY A 75 -10.45 8.03 -9.63
CA GLY A 75 -10.82 6.87 -10.39
C GLY A 75 -9.80 5.75 -10.28
N TYR A 76 -8.83 5.94 -9.38
CA TYR A 76 -7.79 4.96 -9.17
C TYR A 76 -8.07 4.13 -7.92
N PRO A 77 -8.48 2.87 -8.10
CA PRO A 77 -8.73 1.92 -7.01
C PRO A 77 -7.51 1.72 -6.11
N ALA A 78 -7.70 1.83 -4.81
CA ALA A 78 -6.62 1.54 -3.88
C ALA A 78 -7.05 0.51 -2.84
N LYS A 79 -6.07 -0.14 -2.22
CA LYS A 79 -6.33 -1.17 -1.23
C LYS A 79 -5.41 -0.98 -0.03
N CYS A 80 -5.99 -0.79 1.15
CA CYS A 80 -5.19 -0.65 2.36
C CYS A 80 -5.57 -1.69 3.39
N CYS A 81 -4.87 -2.82 3.37
CA CYS A 81 -5.18 -3.93 4.25
C CYS A 81 -4.08 -4.10 5.30
N CYS A 82 -4.41 -4.78 6.39
CA CYS A 82 -3.43 -4.96 7.46
C CYS A 82 -2.99 -6.42 7.51
N GLU A 83 -1.81 -6.67 6.99
CA GLU A 83 -1.22 -7.99 6.90
C GLU A 83 0.18 -7.83 6.35
N ASP A 84 1.12 -8.67 6.76
CA ASP A 84 2.44 -8.54 6.17
C ASP A 84 2.37 -8.85 4.71
N LEU A 85 3.02 -8.02 3.93
CA LEU A 85 3.15 -8.24 2.50
C LEU A 85 1.79 -8.16 1.82
N CYS A 86 0.83 -7.53 2.50
CA CYS A 86 -0.55 -7.50 2.02
C CYS A 86 -0.67 -6.75 0.70
N ASN A 87 -0.04 -5.59 0.62
CA ASN A 87 -0.02 -4.87 -0.65
C ASN A 87 0.88 -5.61 -1.63
N ARG A 88 0.28 -6.20 -2.65
CA ARG A 88 1.01 -7.08 -3.55
C ARG A 88 0.38 -7.07 -4.93
N SER A 89 1.06 -7.70 -5.89
CA SER A 89 0.60 -7.76 -7.26
C SER A 89 -0.79 -8.37 -7.35
N GLU A 90 -1.71 -7.60 -7.91
CA GLU A 90 -3.09 -8.07 -8.08
C GLU A 90 -3.44 -8.13 -9.56
N GLN A 91 -3.31 -7.00 -10.24
CA GLN A 91 -3.65 -6.92 -11.66
C GLN A 91 -3.05 -5.67 -12.30
#